data_7UF8
#
_entry.id   7UF8
#
_cell.length_a   166.759
_cell.length_b   166.759
_cell.length_c   195.382
_cell.angle_alpha   90.000
_cell.angle_beta   90.000
_cell.angle_gamma   120.000
#
_symmetry.space_group_name_H-M   'P 61 2 2'
#
loop_
_entity.id
_entity.type
_entity.pdbx_description
1 polymer CtdP
2 non-polymer 'NADP NICOTINAMIDE-ADENINE-DINUCLEOTIDE PHOSPHATE'
3 non-polymer 'Penicimutamide E'
4 non-polymer 1,2-ETHANEDIOL
5 water water
#
_entity_poly.entity_id   1
_entity_poly.type   'polypeptide(L)'
_entity_poly.pdbx_seq_one_letter_code
;(MSE)THEIKTISVIGATGQQGGSVARSLLQNPEFHVRCITRDTSSIKAKELKELGIEIVQADGNDPTA(MSE)ATALKG
SWGIFINNGYTLTPAVQNGKYEEDFGNVILQSAAEAGVPHVVFSSQPSSHALSGGKFNTPVLDVKAWGESWGRACPTFQS
FTPI(MSE)ASWYFQNFFIPSFVAEFGGFPWNQDDEGYLTLRLPPLGGNEEVPWICIDEDFGDLVHGIFLNPARWSKRTV
QAVGDILSYGDLCTTFADVTQRKARYIPYYDLDD(MSE)PADRPYLQESRQVFAFYQ(MSE)RDGELFGNGITEKRTASL
LKAAAFQAKGQKGRETLITAREWFERHCRANKTSEKIERSGPIVREDP
;
_entity_poly.pdbx_strand_id   A,B,C,D
#
# COMPACT_ATOMS: atom_id res chain seq x y z
N ILE A 5 22.49 26.00 -20.47
CA ILE A 5 21.93 26.42 -19.21
C ILE A 5 20.52 26.91 -19.46
N LYS A 6 19.58 26.29 -18.78
CA LYS A 6 18.16 26.54 -18.99
C LYS A 6 17.67 27.47 -17.89
N THR A 7 17.11 28.60 -18.29
CA THR A 7 16.61 29.56 -17.32
C THR A 7 15.14 29.30 -16.98
N ILE A 8 14.83 29.42 -15.69
CA ILE A 8 13.50 29.21 -15.15
C ILE A 8 13.13 30.43 -14.32
N SER A 9 12.07 31.11 -14.71
CA SER A 9 11.52 32.19 -13.90
C SER A 9 10.67 31.62 -12.78
N VAL A 10 10.80 32.19 -11.59
CA VAL A 10 10.12 31.70 -10.39
C VAL A 10 9.24 32.84 -9.88
N ILE A 11 7.92 32.67 -10.02
CA ILE A 11 6.96 33.59 -9.44
C ILE A 11 6.90 33.38 -7.93
N GLY A 12 6.64 34.46 -7.20
CA GLY A 12 6.53 34.36 -5.76
C GLY A 12 7.79 33.86 -5.10
N ALA A 13 8.95 34.14 -5.69
CA ALA A 13 10.20 33.63 -5.15
C ALA A 13 10.46 34.15 -3.73
N THR A 14 9.94 35.32 -3.40
CA THR A 14 10.04 35.81 -2.03
C THR A 14 9.03 35.13 -1.10
N GLY A 15 8.12 34.32 -1.65
CA GLY A 15 7.11 33.65 -0.86
C GLY A 15 7.48 32.22 -0.56
N GLN A 16 6.52 31.49 0.02
CA GLN A 16 6.80 30.15 0.52
C GLN A 16 7.04 29.18 -0.64
N GLN A 17 6.07 29.06 -1.55
CA GLN A 17 6.20 28.10 -2.64
C GLN A 17 7.37 28.45 -3.55
N GLY A 18 7.33 29.65 -4.15
CA GLY A 18 8.39 30.05 -5.04
C GLY A 18 9.75 30.09 -4.36
N GLY A 19 9.77 30.42 -3.07
CA GLY A 19 11.03 30.39 -2.34
C GLY A 19 11.63 29.01 -2.28
N SER A 20 10.80 28.01 -1.96
CA SER A 20 11.30 26.63 -1.97
C SER A 20 11.77 26.24 -3.36
N VAL A 21 11.03 26.66 -4.39
CA VAL A 21 11.41 26.34 -5.76
C VAL A 21 12.79 26.90 -6.08
N ALA A 22 13.01 28.17 -5.74
CA ALA A 22 14.29 28.80 -6.03
C ALA A 22 15.42 28.10 -5.30
N ARG A 23 15.24 27.87 -4.00
CA ARG A 23 16.31 27.24 -3.22
C ARG A 23 16.62 25.83 -3.73
N SER A 24 15.62 25.11 -4.23
CA SER A 24 15.88 23.78 -4.75
C SER A 24 16.58 23.83 -6.10
N LEU A 25 16.07 24.65 -7.03
CA LEU A 25 16.64 24.67 -8.37
C LEU A 25 18.05 25.23 -8.39
N LEU A 26 18.36 26.22 -7.55
CA LEU A 26 19.68 26.84 -7.63
C LEU A 26 20.79 25.84 -7.38
N GLN A 27 20.52 24.79 -6.60
CA GLN A 27 21.55 23.80 -6.31
C GLN A 27 21.72 22.80 -7.44
N ASN A 28 21.12 23.04 -8.59
CA ASN A 28 21.28 22.16 -9.75
C ASN A 28 21.90 22.97 -10.89
N PRO A 29 23.21 22.78 -11.23
CA PRO A 29 23.88 23.63 -12.25
C PRO A 29 23.22 23.65 -13.65
N GLU A 30 22.34 22.68 -13.95
CA GLU A 30 21.61 22.59 -15.25
C GLU A 30 20.57 23.72 -15.36
N PHE A 31 20.36 24.56 -14.33
CA PHE A 31 19.29 25.53 -14.32
C PHE A 31 19.76 26.88 -13.83
N HIS A 32 19.08 27.92 -14.27
CA HIS A 32 19.25 29.23 -13.70
C HIS A 32 17.94 29.71 -13.10
N VAL A 33 17.97 30.13 -11.84
CA VAL A 33 16.78 30.64 -11.18
C VAL A 33 16.70 32.14 -11.40
N ARG A 34 15.61 32.61 -12.01
CA ARG A 34 15.33 34.04 -12.14
C ARG A 34 14.10 34.34 -11.28
N CYS A 35 14.35 34.86 -10.08
CA CYS A 35 13.24 35.25 -9.21
C CYS A 35 12.50 36.43 -9.80
N ILE A 36 11.18 36.44 -9.67
CA ILE A 36 10.35 37.56 -10.11
C ILE A 36 9.68 38.15 -8.90
N THR A 37 9.74 39.47 -8.77
CA THR A 37 9.15 40.15 -7.62
C THR A 37 8.71 41.56 -8.01
N ARG A 38 7.81 42.10 -7.21
CA ARG A 38 7.39 43.50 -7.36
C ARG A 38 8.39 44.47 -6.74
N ASP A 39 9.19 44.03 -5.77
CA ASP A 39 10.07 44.93 -5.03
C ASP A 39 11.40 44.22 -4.81
N THR A 40 12.42 44.61 -5.57
CA THR A 40 13.74 44.00 -5.43
C THR A 40 14.46 44.47 -4.17
N SER A 41 14.02 45.57 -3.56
CA SER A 41 14.59 46.08 -2.32
C SER A 41 13.99 45.42 -1.09
N SER A 42 13.02 44.51 -1.29
CA SER A 42 12.38 43.85 -0.18
C SER A 42 13.41 43.08 0.65
N ILE A 43 13.12 42.86 1.94
CA ILE A 43 14.07 42.17 2.88
C ILE A 43 14.13 40.69 2.47
N LYS A 44 13.02 40.11 2.00
CA LYS A 44 12.97 38.69 1.52
C LYS A 44 13.57 38.65 0.11
N ALA A 45 13.42 39.71 -0.69
CA ALA A 45 14.03 39.77 -2.05
C ALA A 45 15.56 39.84 -1.87
N LYS A 46 16.11 40.52 -0.86
CA LYS A 46 17.53 40.64 -0.60
C LYS A 46 18.09 39.33 -0.07
N GLU A 47 17.30 38.53 0.66
CA GLU A 47 17.78 37.19 1.00
C GLU A 47 18.08 36.35 -0.24
N LEU A 48 17.14 36.35 -1.20
CA LEU A 48 17.30 35.60 -2.44
C LEU A 48 18.51 36.10 -3.19
N LYS A 49 18.72 37.43 -3.15
CA LYS A 49 19.89 38.12 -3.78
C LYS A 49 21.16 37.64 -3.06
N GLU A 50 21.12 37.50 -1.72
CA GLU A 50 22.29 36.95 -1.00
C GLU A 50 22.59 35.48 -1.38
N LEU A 51 21.60 34.76 -1.91
CA LEU A 51 21.86 33.39 -2.35
C LEU A 51 22.51 33.30 -3.73
N GLY A 52 22.72 34.42 -4.42
CA GLY A 52 23.31 34.40 -5.74
C GLY A 52 22.34 34.10 -6.85
N ILE A 53 21.12 34.60 -6.76
CA ILE A 53 20.05 34.36 -7.72
C ILE A 53 19.71 35.67 -8.40
N GLU A 54 19.45 35.62 -9.70
CA GLU A 54 18.99 36.80 -10.40
C GLU A 54 17.62 37.23 -9.88
N ILE A 55 17.45 38.53 -9.64
CA ILE A 55 16.17 39.08 -9.20
C ILE A 55 15.76 40.15 -10.19
N VAL A 56 14.62 39.92 -10.84
CA VAL A 56 14.05 40.84 -11.80
C VAL A 56 12.78 41.42 -11.19
N GLN A 57 12.52 42.69 -11.48
CA GLN A 57 11.35 43.38 -10.96
C GLN A 57 10.28 43.44 -12.04
N ALA A 58 9.10 42.92 -11.73
CA ALA A 58 7.95 42.98 -12.62
C ALA A 58 6.69 42.71 -11.78
N ASP A 59 5.56 43.19 -12.28
CA ASP A 59 4.27 43.02 -11.62
C ASP A 59 3.36 42.16 -12.49
N GLY A 60 2.76 41.13 -11.89
CA GLY A 60 1.90 40.22 -12.65
C GLY A 60 0.69 40.89 -13.25
N ASN A 61 0.20 41.97 -12.65
CA ASN A 61 -0.96 42.68 -13.17
C ASN A 61 -0.62 43.54 -14.39
N ASP A 62 0.66 43.61 -14.78
CA ASP A 62 1.12 44.37 -15.94
C ASP A 62 1.56 43.35 -16.98
N PRO A 63 0.67 42.90 -17.88
CA PRO A 63 1.04 41.79 -18.78
C PRO A 63 2.25 42.07 -19.64
N THR A 64 2.42 43.29 -20.15
CA THR A 64 3.54 43.60 -21.02
C THR A 64 4.87 43.57 -20.27
N ALA A 65 4.93 44.20 -19.11
CA ALA A 65 6.17 44.19 -18.33
C ALA A 65 6.55 42.77 -17.93
N ALA A 67 5.75 40.05 -19.60
CA ALA A 67 6.25 39.40 -20.81
C ALA A 67 7.71 39.76 -21.06
N THR A 68 8.11 41.01 -20.89
CA THR A 68 9.52 41.43 -21.20
C THR A 68 10.42 40.86 -20.09
N ALA A 69 9.89 40.56 -18.89
CA ALA A 69 10.65 40.07 -17.71
C ALA A 69 10.71 38.54 -17.67
N LEU A 70 10.06 37.82 -18.60
CA LEU A 70 10.12 36.32 -18.70
C LEU A 70 10.92 35.92 -19.94
N LYS A 71 10.86 36.70 -21.04
CA LYS A 71 11.48 36.33 -22.35
C LYS A 71 12.88 35.70 -22.10
N GLY A 72 13.15 34.51 -22.65
CA GLY A 72 14.45 33.78 -22.49
C GLY A 72 14.31 32.62 -21.51
N SER A 73 13.17 32.48 -20.82
CA SER A 73 13.02 31.45 -19.80
C SER A 73 12.76 30.12 -20.46
N TRP A 74 13.53 29.11 -20.07
CA TRP A 74 13.25 27.76 -20.53
C TRP A 74 12.02 27.20 -19.81
N GLY A 75 11.84 27.60 -18.55
CA GLY A 75 10.68 27.18 -17.80
C GLY A 75 10.21 28.29 -16.88
N ILE A 76 9.00 28.10 -16.35
CA ILE A 76 8.45 29.05 -15.39
C ILE A 76 7.63 28.28 -14.36
N PHE A 77 7.82 28.64 -13.09
CA PHE A 77 6.94 28.20 -12.02
C PHE A 77 6.01 29.35 -11.65
N ILE A 78 4.71 29.07 -11.65
CA ILE A 78 3.71 30.12 -11.45
C ILE A 78 2.94 29.83 -10.17
N ASN A 79 2.67 30.89 -9.40
CA ASN A 79 1.85 30.82 -8.19
C ASN A 79 1.14 32.16 -8.02
N ASN A 80 0.15 32.17 -7.15
CA ASN A 80 -0.62 33.38 -6.84
C ASN A 80 -0.51 33.68 -5.34
N GLY A 81 -1.33 34.63 -4.87
CA GLY A 81 -1.26 35.10 -3.50
C GLY A 81 -2.53 34.80 -2.73
N TYR A 82 -2.44 34.96 -1.40
CA TYR A 82 -3.57 34.67 -0.53
C TYR A 82 -4.69 35.69 -0.65
N THR A 83 -4.40 36.87 -1.20
CA THR A 83 -5.38 37.95 -1.30
C THR A 83 -5.80 38.09 -2.75
N LEU A 84 -7.09 37.93 -3.02
CA LEU A 84 -7.66 38.12 -4.34
C LEU A 84 -8.34 39.47 -4.43
N THR A 85 -8.19 40.14 -5.57
CA THR A 85 -8.87 41.41 -5.78
C THR A 85 -10.37 41.18 -5.77
N PRO A 86 -11.17 42.21 -5.42
CA PRO A 86 -12.63 42.04 -5.46
C PRO A 86 -13.15 41.53 -6.80
N ALA A 87 -12.58 42.01 -7.91
CA ALA A 87 -13.02 41.51 -9.22
C ALA A 87 -12.78 40.01 -9.34
N VAL A 88 -11.61 39.54 -8.89
CA VAL A 88 -11.31 38.12 -8.93
C VAL A 88 -12.20 37.35 -7.96
N GLN A 89 -12.44 37.91 -6.76
CA GLN A 89 -13.33 37.26 -5.81
C GLN A 89 -14.69 37.01 -6.43
N ASN A 90 -15.09 37.82 -7.41
CA ASN A 90 -16.44 37.78 -7.96
C ASN A 90 -16.49 37.10 -9.33
N GLY A 91 -15.55 36.21 -9.64
CA GLY A 91 -15.59 35.44 -10.87
C GLY A 91 -14.54 35.78 -11.91
N LYS A 92 -14.08 37.03 -11.96
CA LYS A 92 -13.14 37.47 -13.00
C LYS A 92 -11.77 36.82 -12.80
N TYR A 93 -11.75 35.49 -12.85
CA TYR A 93 -10.54 34.75 -12.56
C TYR A 93 -9.41 35.03 -13.56
N GLU A 94 -9.75 35.53 -14.76
CA GLU A 94 -8.71 35.87 -15.72
C GLU A 94 -7.81 36.99 -15.22
N GLU A 95 -8.23 37.72 -14.20
CA GLU A 95 -7.50 38.87 -13.70
C GLU A 95 -6.55 38.56 -12.55
N ASP A 96 -6.57 37.34 -12.00
CA ASP A 96 -5.61 37.00 -10.96
C ASP A 96 -4.21 37.10 -11.53
N PHE A 97 -3.30 37.74 -10.76
CA PHE A 97 -1.98 38.04 -11.32
C PHE A 97 -1.23 36.77 -11.72
N GLY A 98 -1.48 35.66 -11.04
CA GLY A 98 -0.92 34.38 -11.47
C GLY A 98 -1.38 33.98 -12.86
N ASN A 99 -2.69 34.10 -13.12
CA ASN A 99 -3.22 33.71 -14.43
C ASN A 99 -2.78 34.67 -15.52
N VAL A 100 -2.69 35.97 -15.19
CA VAL A 100 -2.15 36.91 -16.15
C VAL A 100 -0.70 36.55 -16.47
N ILE A 101 0.06 36.16 -15.44
CA ILE A 101 1.43 35.72 -15.67
C ILE A 101 1.47 34.49 -16.57
N LEU A 102 0.53 33.56 -16.40
CA LEU A 102 0.53 32.37 -17.26
C LEU A 102 0.32 32.76 -18.72
N GLN A 103 -0.63 33.66 -18.97
CA GLN A 103 -0.84 34.14 -20.33
C GLN A 103 0.40 34.87 -20.83
N SER A 104 1.05 35.65 -19.95
CA SER A 104 2.28 36.34 -20.31
C SER A 104 3.40 35.37 -20.66
N ALA A 105 3.49 34.25 -19.93
CA ALA A 105 4.52 33.25 -20.22
C ALA A 105 4.32 32.62 -21.59
N ALA A 106 3.08 32.24 -21.92
CA ALA A 106 2.80 31.82 -23.29
C ALA A 106 3.14 32.94 -24.26
N GLU A 107 2.80 34.15 -23.87
CA GLU A 107 3.00 35.38 -24.63
C GLU A 107 4.47 35.55 -24.91
N ALA A 108 5.25 35.31 -23.88
CA ALA A 108 6.69 35.36 -23.94
C ALA A 108 7.35 34.09 -24.54
N GLY A 109 6.58 33.07 -24.87
CA GLY A 109 7.19 31.90 -25.47
C GLY A 109 7.91 30.95 -24.52
N VAL A 110 7.69 31.06 -23.22
CA VAL A 110 8.26 30.10 -22.27
C VAL A 110 7.72 28.73 -22.66
N PRO A 111 8.58 27.73 -22.91
CA PRO A 111 8.06 26.46 -23.45
C PRO A 111 7.55 25.49 -22.40
N HIS A 112 8.05 25.60 -21.17
CA HIS A 112 7.74 24.65 -20.11
C HIS A 112 7.18 25.38 -18.90
N VAL A 113 6.01 24.94 -18.44
CA VAL A 113 5.30 25.60 -17.36
C VAL A 113 5.00 24.60 -16.26
N VAL A 114 5.23 25.00 -15.02
CA VAL A 114 4.74 24.30 -13.84
C VAL A 114 3.87 25.29 -13.08
N PHE A 115 2.59 24.95 -12.92
CA PHE A 115 1.58 25.88 -12.45
C PHE A 115 1.01 25.40 -11.12
N SER A 116 1.08 26.25 -10.10
CA SER A 116 0.48 25.94 -8.82
C SER A 116 -1.04 25.99 -8.95
N SER A 117 -1.70 24.89 -8.66
CA SER A 117 -3.11 24.74 -8.98
C SER A 117 -3.87 24.13 -7.81
N GLN A 118 -5.18 24.13 -7.95
CA GLN A 118 -6.13 23.49 -7.05
C GLN A 118 -7.35 23.14 -7.88
N PRO A 119 -8.16 22.18 -7.43
CA PRO A 119 -9.36 21.83 -8.20
C PRO A 119 -10.38 22.96 -8.13
N SER A 120 -11.26 22.99 -9.14
CA SER A 120 -12.39 23.91 -9.16
C SER A 120 -13.58 23.22 -8.52
N SER A 121 -13.96 23.64 -7.32
CA SER A 121 -15.14 23.06 -6.69
C SER A 121 -16.38 23.29 -7.54
N HIS A 122 -16.51 24.50 -8.10
CA HIS A 122 -17.64 24.79 -8.97
C HIS A 122 -17.68 23.86 -10.17
N ALA A 123 -16.53 23.67 -10.83
CA ALA A 123 -16.50 22.85 -12.04
C ALA A 123 -16.82 21.39 -11.74
N LEU A 124 -16.39 20.89 -10.59
CA LEU A 124 -16.60 19.48 -10.27
C LEU A 124 -17.97 19.22 -9.68
N SER A 125 -18.61 20.22 -9.07
CA SER A 125 -19.86 20.03 -8.37
C SER A 125 -21.08 20.51 -9.13
N GLY A 126 -20.95 20.83 -10.43
CA GLY A 126 -22.09 21.33 -11.23
C GLY A 126 -22.62 22.66 -10.71
N GLY A 127 -21.83 23.44 -9.96
CA GLY A 127 -22.21 24.78 -9.46
C GLY A 127 -22.60 24.81 -8.00
N LYS A 128 -22.65 23.66 -7.32
CA LYS A 128 -23.11 23.55 -5.91
C LYS A 128 -22.19 24.39 -5.02
N PHE A 129 -20.90 24.51 -5.35
CA PHE A 129 -19.88 25.20 -4.50
C PHE A 129 -19.18 26.29 -5.31
N ASN A 130 -18.80 27.43 -4.71
CA ASN A 130 -18.00 28.50 -5.37
C ASN A 130 -16.92 28.87 -4.35
N THR A 131 -15.68 28.44 -4.53
CA THR A 131 -14.59 28.63 -3.58
C THR A 131 -13.47 29.27 -4.40
N PRO A 132 -13.51 30.60 -4.57
CA PRO A 132 -12.52 31.22 -5.45
C PRO A 132 -11.09 30.91 -5.08
N VAL A 133 -10.79 30.69 -3.80
CA VAL A 133 -9.40 30.44 -3.41
C VAL A 133 -8.81 29.27 -4.19
N LEU A 134 -9.63 28.27 -4.50
CA LEU A 134 -9.20 27.15 -5.33
C LEU A 134 -9.50 27.38 -6.82
N ASP A 135 -10.71 27.87 -7.11
CA ASP A 135 -11.17 27.92 -8.49
C ASP A 135 -10.36 28.91 -9.33
N VAL A 136 -9.80 29.95 -8.70
CA VAL A 136 -8.97 30.89 -9.44
C VAL A 136 -7.77 30.17 -10.06
N LYS A 137 -7.18 29.28 -9.25
CA LYS A 137 -5.96 28.55 -9.65
C LYS A 137 -6.44 27.55 -10.70
N ALA A 138 -7.60 26.93 -10.54
CA ALA A 138 -8.13 25.97 -11.52
C ALA A 138 -8.35 26.62 -12.89
N TRP A 139 -8.75 27.90 -12.91
CA TRP A 139 -8.90 28.59 -14.19
C TRP A 139 -7.59 28.60 -14.95
N GLY A 140 -6.50 28.98 -14.27
CA GLY A 140 -5.20 28.94 -14.89
C GLY A 140 -4.83 27.56 -15.35
N GLU A 141 -5.18 26.54 -14.56
CA GLU A 141 -4.86 25.18 -14.97
C GLU A 141 -5.53 24.83 -16.29
N SER A 142 -6.83 25.16 -16.42
CA SER A 142 -7.53 24.85 -17.66
C SER A 142 -6.93 25.61 -18.84
N TRP A 143 -6.60 26.89 -18.62
CA TRP A 143 -5.99 27.67 -19.69
C TRP A 143 -4.65 27.07 -20.13
N GLY A 144 -3.80 26.69 -19.16
CA GLY A 144 -2.52 26.13 -19.50
C GLY A 144 -2.63 24.78 -20.18
N ARG A 145 -3.58 23.95 -19.75
CA ARG A 145 -3.79 22.67 -20.40
C ARG A 145 -4.23 22.88 -21.85
N ALA A 146 -5.06 23.90 -22.10
CA ALA A 146 -5.57 24.12 -23.45
C ALA A 146 -4.66 24.96 -24.34
N CYS A 147 -3.66 25.64 -23.80
CA CYS A 147 -2.83 26.53 -24.62
C CYS A 147 -1.97 25.69 -25.56
N PRO A 148 -2.05 25.89 -26.88
CA PRO A 148 -1.26 25.05 -27.79
C PRO A 148 0.21 25.44 -27.90
N THR A 149 0.59 26.62 -27.41
CA THR A 149 1.97 27.08 -27.57
C THR A 149 2.92 26.36 -26.63
N PHE A 150 2.50 26.07 -25.40
CA PHE A 150 3.42 25.46 -24.45
C PHE A 150 3.86 24.09 -24.94
N GLN A 151 5.13 23.77 -24.73
CA GLN A 151 5.59 22.40 -24.97
C GLN A 151 5.17 21.47 -23.85
N SER A 152 5.14 21.96 -22.61
CA SER A 152 4.68 21.18 -21.48
C SER A 152 4.02 22.11 -20.47
N PHE A 153 2.91 21.65 -19.90
CA PHE A 153 2.23 22.36 -18.82
C PHE A 153 1.84 21.35 -17.76
N THR A 154 2.45 21.45 -16.59
CA THR A 154 2.22 20.50 -15.51
C THR A 154 1.59 21.23 -14.32
N PRO A 155 0.38 20.85 -13.90
CA PRO A 155 -0.18 21.44 -12.67
C PRO A 155 0.34 20.70 -11.45
N ILE A 156 0.77 21.45 -10.44
CA ILE A 156 1.22 20.90 -9.17
C ILE A 156 0.33 21.49 -8.07
N ALA A 158 -0.55 21.95 -4.02
CA ALA A 158 0.06 21.94 -2.68
C ALA A 158 -0.92 21.40 -1.64
N SER A 159 -0.37 20.67 -0.68
CA SER A 159 -1.14 20.18 0.46
C SER A 159 -1.24 21.26 1.54
N TRP A 160 -1.85 20.91 2.67
CA TRP A 160 -1.72 21.75 3.85
C TRP A 160 -0.24 21.93 4.14
N TYR A 161 0.23 23.16 4.29
CA TYR A 161 1.60 23.33 4.75
C TYR A 161 1.67 22.89 6.20
N PHE A 162 2.73 22.17 6.58
CA PHE A 162 3.03 22.09 8.00
C PHE A 162 3.22 23.49 8.57
N GLN A 163 3.75 24.39 7.73
CA GLN A 163 4.00 25.78 8.07
C GLN A 163 2.72 26.56 8.31
N ASN A 164 1.55 25.95 8.06
CA ASN A 164 0.32 26.59 8.51
C ASN A 164 0.35 26.83 10.02
N PHE A 165 1.14 26.04 10.75
CA PHE A 165 1.27 26.26 12.19
C PHE A 165 1.98 27.58 12.51
N PHE A 166 2.71 28.15 11.55
CA PHE A 166 3.34 29.44 11.70
C PHE A 166 2.53 30.58 11.09
N ILE A 167 1.44 30.27 10.38
CA ILE A 167 0.51 31.28 9.87
C ILE A 167 -0.41 31.65 11.03
N PRO A 168 -0.48 32.92 11.43
CA PRO A 168 -1.27 33.26 12.64
C PRO A 168 -2.76 32.96 12.54
N SER A 169 -3.37 33.16 11.37
CA SER A 169 -4.80 32.92 11.25
C SER A 169 -5.16 31.46 11.49
N PHE A 170 -4.28 30.53 11.08
CA PHE A 170 -4.50 29.12 11.38
C PHE A 170 -4.53 28.88 12.88
N VAL A 171 -3.59 29.48 13.62
CA VAL A 171 -3.56 29.26 15.06
C VAL A 171 -4.81 29.82 15.71
N ALA A 172 -5.28 30.99 15.24
CA ALA A 172 -6.45 31.60 15.86
C ALA A 172 -7.73 30.82 15.56
N GLU A 173 -7.99 30.53 14.29
CA GLU A 173 -9.31 30.06 13.87
C GLU A 173 -9.56 28.60 14.20
N PHE A 174 -8.55 27.75 14.08
CA PHE A 174 -8.75 26.29 14.08
C PHE A 174 -8.43 25.65 15.42
N GLY A 175 -8.84 26.29 16.51
CA GLY A 175 -8.74 25.73 17.84
C GLY A 175 -7.45 25.96 18.62
N GLY A 176 -6.39 26.45 17.99
CA GLY A 176 -5.15 26.74 18.69
C GLY A 176 -4.02 25.77 18.45
N PHE A 177 -4.32 24.57 17.96
CA PHE A 177 -3.27 23.58 17.74
C PHE A 177 -2.22 24.17 16.80
N PRO A 178 -0.92 23.95 17.05
CA PRO A 178 -0.28 23.22 18.14
C PRO A 178 0.39 24.09 19.19
N TRP A 179 0.01 25.36 19.27
CA TRP A 179 0.69 26.32 20.12
C TRP A 179 -0.14 26.88 21.26
N ASN A 180 -1.45 27.03 21.09
CA ASN A 180 -2.29 27.70 22.09
C ASN A 180 -3.07 26.66 22.89
N GLN A 181 -2.77 26.58 24.19
CA GLN A 181 -3.45 25.69 25.11
C GLN A 181 -4.82 26.25 25.50
N ASP A 182 -5.77 25.33 25.69
CA ASP A 182 -7.16 25.63 26.03
C ASP A 182 -7.44 25.34 27.50
N ASP A 183 -8.74 25.30 27.83
CA ASP A 183 -9.16 25.23 29.22
C ASP A 183 -8.59 23.99 29.93
N GLU A 184 -8.66 22.84 29.26
CA GLU A 184 -8.27 21.56 29.84
C GLU A 184 -6.80 21.22 29.61
N GLY A 185 -5.98 22.18 29.20
CA GLY A 185 -4.58 21.89 29.01
C GLY A 185 -4.26 21.20 27.71
N TYR A 186 -5.14 21.33 26.72
CA TYR A 186 -5.01 20.63 25.45
C TYR A 186 -4.63 21.59 24.34
N LEU A 187 -3.70 21.13 23.48
CA LEU A 187 -3.49 21.73 22.17
C LEU A 187 -4.56 21.13 21.27
N THR A 188 -5.63 21.89 21.03
CA THR A 188 -6.81 21.37 20.38
C THR A 188 -6.87 21.86 18.94
N LEU A 189 -7.06 20.91 18.02
CA LEU A 189 -7.26 21.20 16.61
C LEU A 189 -8.73 20.98 16.31
N ARG A 190 -9.37 21.97 15.69
CA ARG A 190 -10.82 21.94 15.46
C ARG A 190 -11.06 22.12 13.96
N LEU A 191 -11.43 21.04 13.29
CA LEU A 191 -11.62 21.08 11.85
C LEU A 191 -12.69 20.09 11.45
N PRO A 192 -13.44 20.36 10.38
CA PRO A 192 -14.40 19.37 9.88
C PRO A 192 -13.67 18.16 9.32
N PRO A 193 -14.29 16.98 9.35
CA PRO A 193 -13.67 15.83 8.70
C PRO A 193 -13.43 16.10 7.22
N LEU A 194 -12.36 15.52 6.69
CA LEU A 194 -12.08 15.66 5.25
C LEU A 194 -13.06 14.84 4.43
N GLY A 195 -13.47 13.69 4.94
CA GLY A 195 -14.29 12.75 4.20
C GLY A 195 -13.51 11.49 3.85
N GLY A 196 -14.26 10.47 3.46
CA GLY A 196 -13.62 9.21 3.11
C GLY A 196 -12.84 8.67 4.30
N ASN A 197 -11.61 8.25 4.04
CA ASN A 197 -10.76 7.63 5.05
C ASN A 197 -9.84 8.65 5.75
N GLU A 198 -10.20 9.92 5.74
CA GLU A 198 -9.43 10.95 6.44
C GLU A 198 -7.96 10.90 6.02
N GLU A 199 -7.75 10.89 4.71
CA GLU A 199 -6.41 10.90 4.13
C GLU A 199 -5.98 12.34 3.88
N VAL A 200 -5.69 13.04 4.96
CA VAL A 200 -5.35 14.46 4.87
C VAL A 200 -3.90 14.56 4.41
N PRO A 201 -3.63 15.25 3.30
CA PRO A 201 -2.23 15.44 2.86
C PRO A 201 -1.59 16.68 3.45
N TRP A 202 -0.33 16.54 3.82
CA TRP A 202 0.46 17.62 4.38
C TRP A 202 1.83 17.62 3.72
N ILE A 203 2.44 18.80 3.64
CA ILE A 203 3.79 18.93 3.11
C ILE A 203 4.53 20.01 3.89
N CYS A 204 5.85 19.80 4.04
CA CYS A 204 6.75 20.86 4.50
C CYS A 204 7.10 21.71 3.29
N ILE A 205 6.45 22.87 3.16
CA ILE A 205 6.60 23.64 1.94
C ILE A 205 8.07 24.04 1.73
N ASP A 206 8.76 24.39 2.82
CA ASP A 206 10.13 24.89 2.68
C ASP A 206 11.06 23.81 2.14
N GLU A 207 11.08 22.64 2.77
CA GLU A 207 12.11 21.66 2.48
C GLU A 207 11.79 20.75 1.30
N ASP A 208 10.51 20.55 0.96
CA ASP A 208 10.12 19.51 0.02
C ASP A 208 9.51 20.00 -1.29
N PHE A 209 8.65 21.02 -1.24
CA PHE A 209 7.87 21.42 -2.42
C PHE A 209 8.78 21.77 -3.60
N GLY A 210 9.80 22.59 -3.35
CA GLY A 210 10.67 23.00 -4.43
C GLY A 210 11.29 21.81 -5.14
N ASP A 211 11.66 20.78 -4.38
CA ASP A 211 12.25 19.60 -4.98
C ASP A 211 11.27 18.89 -5.91
N LEU A 212 9.98 18.91 -5.60
CA LEU A 212 9.03 18.32 -6.52
C LEU A 212 8.92 19.13 -7.82
N VAL A 213 8.83 20.46 -7.71
CA VAL A 213 8.79 21.25 -8.95
C VAL A 213 10.04 20.99 -9.78
N HIS A 214 11.18 20.90 -9.10
CA HIS A 214 12.45 20.56 -9.70
C HIS A 214 12.39 19.21 -10.42
N GLY A 215 11.84 18.20 -9.75
CA GLY A 215 11.75 16.88 -10.36
C GLY A 215 10.91 16.90 -11.62
N ILE A 216 9.85 17.71 -11.62
CA ILE A 216 9.06 17.86 -12.85
C ILE A 216 9.93 18.45 -13.94
N PHE A 217 10.67 19.51 -13.62
CA PHE A 217 11.49 20.16 -14.64
C PHE A 217 12.62 19.26 -15.13
N LEU A 218 12.95 18.20 -14.38
CA LEU A 218 13.95 17.25 -14.85
C LEU A 218 13.48 16.45 -16.06
N ASN A 219 12.18 16.29 -16.25
CA ASN A 219 11.63 15.56 -17.41
C ASN A 219 10.23 16.10 -17.69
N PRO A 220 10.14 17.33 -18.18
CA PRO A 220 8.81 17.96 -18.31
C PRO A 220 7.85 17.19 -19.22
N ALA A 221 8.36 16.57 -20.28
CA ALA A 221 7.46 15.88 -21.22
C ALA A 221 6.73 14.74 -20.55
N ARG A 222 7.41 14.00 -19.68
CA ARG A 222 6.78 12.87 -19.02
C ARG A 222 5.69 13.30 -18.05
N TRP A 223 5.72 14.55 -17.60
CA TRP A 223 4.76 15.06 -16.64
C TRP A 223 3.76 16.03 -17.26
N SER A 224 3.85 16.30 -18.55
CA SER A 224 2.96 17.28 -19.17
C SER A 224 1.52 16.83 -19.05
N LYS A 225 0.65 17.76 -18.65
CA LYS A 225 -0.78 17.53 -18.53
C LYS A 225 -1.11 16.45 -17.51
N ARG A 226 -0.18 16.17 -16.60
CA ARG A 226 -0.37 15.17 -15.55
C ARG A 226 -0.28 15.88 -14.21
N THR A 227 -1.40 15.96 -13.51
CA THR A 227 -1.42 16.64 -12.21
C THR A 227 -0.48 15.94 -11.24
N VAL A 228 0.29 16.73 -10.50
CA VAL A 228 1.19 16.24 -9.48
C VAL A 228 0.66 16.72 -8.14
N GLN A 229 0.49 15.79 -7.20
CA GLN A 229 0.05 16.12 -5.85
C GLN A 229 1.29 16.28 -4.96
N ALA A 230 1.48 17.47 -4.41
CA ALA A 230 2.65 17.78 -3.58
C ALA A 230 2.32 17.36 -2.15
N VAL A 231 2.68 16.12 -1.83
CA VAL A 231 2.29 15.48 -0.57
C VAL A 231 3.53 14.93 0.11
N GLY A 232 3.73 15.31 1.38
CA GLY A 232 4.82 14.79 2.17
C GLY A 232 4.38 13.70 3.11
N ASP A 233 3.16 13.81 3.62
CA ASP A 233 2.60 12.83 4.54
C ASP A 233 1.09 12.78 4.31
N ILE A 234 0.51 11.62 4.61
CA ILE A 234 -0.93 11.41 4.52
C ILE A 234 -1.38 10.84 5.86
N LEU A 235 -2.23 11.59 6.56
CA LEU A 235 -2.73 11.14 7.85
C LEU A 235 -4.00 11.90 8.20
N SER A 236 -4.75 11.33 9.13
CA SER A 236 -5.96 11.98 9.63
C SER A 236 -5.59 13.09 10.61
N TYR A 237 -6.54 13.99 10.84
CA TYR A 237 -6.32 15.06 11.82
C TYR A 237 -6.04 14.49 13.21
N GLY A 238 -6.80 13.46 13.60
CA GLY A 238 -6.57 12.84 14.89
C GLY A 238 -5.21 12.18 14.98
N ASP A 239 -4.78 11.54 13.89
CA ASP A 239 -3.43 10.97 13.86
C ASP A 239 -2.39 12.08 13.96
N LEU A 240 -2.65 13.22 13.33
CA LEU A 240 -1.75 14.36 13.46
C LEU A 240 -1.59 14.74 14.92
N CYS A 241 -2.70 14.84 15.65
CA CYS A 241 -2.62 15.27 17.04
C CYS A 241 -1.95 14.23 17.92
N THR A 242 -2.28 12.94 17.74
CA THR A 242 -1.64 11.91 18.56
C THR A 242 -0.14 11.82 18.27
N THR A 243 0.25 11.99 17.00
CA THR A 243 1.66 12.01 16.67
C THR A 243 2.36 13.18 17.35
N PHE A 244 1.74 14.36 17.30
CA PHE A 244 2.28 15.51 18.01
C PHE A 244 2.44 15.20 19.50
N ALA A 245 1.43 14.57 20.08
CA ALA A 245 1.47 14.26 21.51
C ALA A 245 2.64 13.33 21.82
N ASP A 246 2.86 12.32 20.98
CA ASP A 246 3.98 11.42 21.22
C ASP A 246 5.31 12.16 21.13
N VAL A 247 5.46 13.04 20.13
CA VAL A 247 6.74 13.71 19.93
C VAL A 247 7.03 14.68 21.07
N THR A 248 6.10 15.59 21.36
CA THR A 248 6.33 16.68 22.30
C THR A 248 5.96 16.34 23.74
N GLN A 249 5.29 15.19 23.97
CA GLN A 249 4.81 14.79 25.35
C GLN A 249 3.93 15.94 25.87
N ARG A 250 3.10 16.57 25.02
CA ARG A 250 2.10 17.61 25.42
C ARG A 250 0.72 17.04 25.05
N LYS A 251 -0.27 17.07 25.94
CA LYS A 251 -1.64 16.60 25.59
C LYS A 251 -2.10 17.41 24.36
N ALA A 252 -2.64 16.79 23.30
CA ALA A 252 -3.21 17.42 22.13
C ALA A 252 -4.37 16.56 21.66
N ARG A 253 -5.32 17.18 20.97
CA ARG A 253 -6.49 16.43 20.54
C ARG A 253 -7.12 17.08 19.31
N TYR A 254 -7.94 16.28 18.62
CA TYR A 254 -8.69 16.72 17.46
C TYR A 254 -10.17 16.59 17.78
N ILE A 255 -10.90 17.68 17.66
CA ILE A 255 -12.34 17.71 17.89
C ILE A 255 -13.02 18.11 16.59
N PRO A 256 -13.59 17.15 15.86
CA PRO A 256 -14.16 17.48 14.55
C PRO A 256 -15.40 18.36 14.67
N TYR A 257 -15.58 19.20 13.65
CA TYR A 257 -16.86 19.88 13.41
C TYR A 257 -17.68 18.94 12.54
N TYR A 258 -18.43 18.03 13.17
CA TYR A 258 -19.18 17.04 12.39
C TYR A 258 -20.26 17.71 11.56
N ASP A 259 -20.89 18.76 12.12
CA ASP A 259 -21.88 19.54 11.41
C ASP A 259 -21.23 20.86 11.03
N LEU A 260 -21.09 21.10 9.72
CA LEU A 260 -20.39 22.29 9.26
C LEU A 260 -21.05 23.59 9.73
N ASP A 261 -22.34 23.55 10.03
CA ASP A 261 -23.04 24.76 10.46
C ASP A 261 -22.56 25.23 11.84
N ASP A 262 -21.94 24.35 12.61
CA ASP A 262 -21.46 24.69 13.93
C ASP A 262 -20.02 25.19 13.92
N PRO A 264 -17.32 27.98 13.46
CA PRO A 264 -17.27 29.45 13.45
C PRO A 264 -17.13 29.99 12.03
N ALA A 265 -18.16 30.74 11.58
CA ALA A 265 -18.19 31.34 10.25
C ALA A 265 -18.43 32.84 10.37
N ASP A 266 -17.65 33.48 11.24
CA ASP A 266 -17.81 34.92 11.47
C ASP A 266 -17.33 35.72 10.27
N ARG A 267 -16.17 35.40 9.73
CA ARG A 267 -15.51 36.21 8.72
C ARG A 267 -15.60 35.56 7.35
N PRO A 268 -15.43 36.35 6.28
CA PRO A 268 -15.67 35.81 4.93
C PRO A 268 -14.75 34.66 4.55
N TYR A 269 -13.50 34.67 5.00
CA TYR A 269 -12.58 33.60 4.61
C TYR A 269 -12.93 32.31 5.33
N LEU A 270 -13.50 32.42 6.54
CA LEU A 270 -13.92 31.22 7.24
C LEU A 270 -15.14 30.59 6.59
N GLN A 271 -16.01 31.41 5.98
CA GLN A 271 -17.14 30.84 5.27
C GLN A 271 -16.72 30.24 3.94
N GLU A 272 -15.71 30.83 3.28
CA GLU A 272 -15.23 30.20 2.06
C GLU A 272 -14.46 28.92 2.37
N SER A 273 -13.91 28.81 3.59
CA SER A 273 -13.27 27.56 3.97
C SER A 273 -14.30 26.53 4.36
N ARG A 274 -15.45 26.96 4.90
CA ARG A 274 -16.56 26.04 5.14
C ARG A 274 -17.01 25.40 3.83
N GLN A 275 -17.17 26.21 2.79
CA GLN A 275 -17.60 25.67 1.50
C GLN A 275 -16.54 24.74 0.93
N VAL A 276 -15.26 25.08 1.11
CA VAL A 276 -14.19 24.20 0.65
C VAL A 276 -14.26 22.84 1.34
N PHE A 277 -14.37 22.84 2.67
CA PHE A 277 -14.43 21.57 3.40
C PHE A 277 -15.68 20.78 2.99
N ALA A 278 -16.80 21.48 2.76
CA ALA A 278 -18.00 20.80 2.30
C ALA A 278 -17.74 20.12 0.96
N PHE A 279 -17.00 20.80 0.07
CA PHE A 279 -16.64 20.20 -1.21
C PHE A 279 -15.78 18.95 -0.99
N TYR A 280 -14.84 19.02 -0.04
CA TYR A 280 -14.01 17.85 0.22
C TYR A 280 -14.85 16.67 0.68
N GLN A 281 -15.73 16.89 1.65
CA GLN A 281 -16.60 15.82 2.12
C GLN A 281 -17.49 15.30 1.01
N ARG A 283 -16.55 15.06 -2.08
CA ARG A 283 -15.69 14.20 -2.88
C ARG A 283 -15.08 13.06 -2.06
N ASP A 284 -15.63 12.76 -0.87
CA ASP A 284 -15.11 11.70 -0.02
C ASP A 284 -13.63 11.92 0.33
N GLY A 285 -13.25 13.18 0.48
CA GLY A 285 -11.89 13.51 0.85
C GLY A 285 -10.91 13.62 -0.30
N GLU A 286 -11.34 13.38 -1.54
CA GLU A 286 -10.46 13.51 -2.68
C GLU A 286 -10.23 14.99 -2.97
N LEU A 287 -9.46 15.64 -2.10
CA LEU A 287 -9.36 17.10 -2.14
C LEU A 287 -8.69 17.63 -3.41
N PHE A 288 -7.98 16.78 -4.15
CA PHE A 288 -7.30 17.23 -5.36
C PHE A 288 -8.15 17.10 -6.61
N GLY A 289 -9.18 16.24 -6.60
CA GLY A 289 -10.14 16.20 -7.66
C GLY A 289 -9.75 15.40 -8.88
N ASN A 290 -8.47 15.11 -9.07
CA ASN A 290 -8.00 14.39 -10.24
C ASN A 290 -7.94 12.89 -10.02
N GLY A 291 -7.84 12.45 -8.76
CA GLY A 291 -7.67 11.05 -8.47
C GLY A 291 -7.37 10.86 -7.01
N ILE A 292 -7.02 9.61 -6.67
CA ILE A 292 -6.74 9.29 -5.28
C ILE A 292 -5.57 10.12 -4.78
N THR A 293 -5.60 10.44 -3.49
CA THR A 293 -4.47 11.12 -2.86
C THR A 293 -3.31 10.14 -2.67
N GLU A 294 -2.13 10.50 -3.18
CA GLU A 294 -0.98 9.62 -3.13
C GLU A 294 0.30 10.44 -3.02
N LYS A 295 1.26 9.93 -2.23
CA LYS A 295 2.57 10.54 -2.10
C LYS A 295 3.68 9.78 -2.80
N ARG A 296 3.37 8.71 -3.53
CA ARG A 296 4.39 7.96 -4.25
C ARG A 296 5.11 8.85 -5.26
N THR A 297 4.34 9.57 -6.08
CA THR A 297 4.93 10.46 -7.07
C THR A 297 5.80 11.52 -6.41
N ALA A 298 5.29 12.09 -5.32
CA ALA A 298 6.07 13.09 -4.60
C ALA A 298 7.39 12.51 -4.13
N SER A 299 7.40 11.26 -3.63
CA SER A 299 8.63 10.56 -3.15
C SER A 299 9.55 10.26 -4.35
N LEU A 300 8.99 10.15 -5.57
CA LEU A 300 9.76 9.88 -6.83
C LEU A 300 10.37 11.21 -7.33
N LEU A 301 9.71 12.35 -7.10
CA LEU A 301 10.18 13.69 -7.56
C LEU A 301 11.17 14.27 -6.53
N LYS A 302 11.09 13.85 -5.24
CA LYS A 302 12.02 14.29 -4.23
C LYS A 302 13.36 13.59 -4.41
N ALA A 303 13.32 12.27 -4.61
CA ALA A 303 14.56 11.51 -4.79
C ALA A 303 15.30 11.94 -6.05
N ALA A 304 14.56 12.19 -7.13
CA ALA A 304 15.16 12.61 -8.39
C ALA A 304 15.83 13.96 -8.24
N ALA A 305 15.18 14.90 -7.56
CA ALA A 305 15.82 16.19 -7.29
C ALA A 305 17.04 16.01 -6.40
N PHE A 306 16.93 15.15 -5.38
CA PHE A 306 18.06 14.82 -4.51
C PHE A 306 19.27 14.40 -5.34
N GLN A 307 19.06 13.51 -6.30
CA GLN A 307 20.16 13.10 -7.17
C GLN A 307 20.64 14.26 -8.03
N ALA A 308 19.71 15.00 -8.63
CA ALA A 308 20.10 16.10 -9.52
C ALA A 308 20.90 17.16 -8.79
N LYS A 309 20.62 17.39 -7.52
CA LYS A 309 21.31 18.42 -6.74
C LYS A 309 22.69 17.98 -6.28
N GLY A 310 23.14 16.79 -6.67
CA GLY A 310 24.43 16.29 -6.26
C GLY A 310 24.35 15.54 -4.95
N GLN A 311 23.26 14.80 -4.77
CA GLN A 311 23.00 14.05 -3.55
C GLN A 311 23.10 14.97 -2.33
N LYS A 312 22.59 16.18 -2.49
CA LYS A 312 22.62 17.20 -1.45
C LYS A 312 21.22 17.37 -0.89
N GLY A 313 21.12 17.42 0.44
CA GLY A 313 19.84 17.46 1.09
C GLY A 313 19.32 16.07 1.40
N ARG A 314 18.01 16.00 1.57
CA ARG A 314 17.33 14.77 1.92
C ARG A 314 16.72 14.11 0.69
N GLU A 315 16.76 12.78 0.67
CA GLU A 315 16.19 11.99 -0.41
C GLU A 315 14.70 11.73 -0.19
N THR A 316 14.20 11.95 1.01
CA THR A 316 12.83 11.62 1.37
C THR A 316 12.10 12.85 1.89
N LEU A 317 10.78 12.81 1.76
CA LEU A 317 9.92 13.88 2.23
C LEU A 317 9.80 13.84 3.75
N ILE A 318 9.52 15.00 4.33
CA ILE A 318 9.39 15.13 5.78
C ILE A 318 8.01 14.65 6.20
N THR A 319 7.98 13.72 7.14
CA THR A 319 6.71 13.27 7.69
C THR A 319 6.24 14.23 8.77
N ALA A 320 4.97 14.08 9.17
CA ALA A 320 4.46 14.90 10.26
C ALA A 320 5.25 14.67 11.54
N ARG A 321 5.56 13.40 11.84
CA ARG A 321 6.32 13.09 13.05
C ARG A 321 7.67 13.78 13.05
N GLU A 322 8.35 13.69 11.90
CA GLU A 322 9.71 14.27 11.72
C GLU A 322 9.63 15.80 11.78
N TRP A 323 8.55 16.40 11.26
CA TRP A 323 8.38 17.85 11.33
C TRP A 323 8.15 18.30 12.76
N PHE A 324 7.34 17.56 13.51
CA PHE A 324 7.16 17.92 14.91
C PHE A 324 8.47 17.79 15.70
N GLU A 325 9.25 16.74 15.40
CA GLU A 325 10.57 16.48 16.04
C GLU A 325 11.54 17.60 15.65
N ARG A 326 11.35 18.28 14.51
CA ARG A 326 12.28 19.31 13.96
C ARG A 326 11.84 20.73 14.35
N HIS A 327 10.55 21.01 14.61
CA HIS A 327 10.02 22.39 14.85
C HIS A 327 9.26 22.57 16.18
N CYS A 328 8.86 21.51 16.92
CA CYS A 328 8.00 21.67 18.09
C CYS A 328 8.54 20.95 19.32
N ARG A 329 9.75 20.36 19.28
CA ARG A 329 10.32 19.60 20.42
C ARG A 329 11.19 20.61 21.20
N ALA A 330 12.23 21.16 20.56
CA ALA A 330 13.09 22.22 21.17
C ALA A 330 12.29 23.53 21.14
N ASN A 331 12.68 24.53 21.93
CA ASN A 331 11.97 25.82 21.84
C ASN A 331 12.14 26.39 20.43
N LYS A 332 13.39 26.44 19.91
CA LYS A 332 13.67 27.02 18.56
C LYS A 332 12.91 28.34 18.45
N THR A 333 13.37 29.41 19.12
CA THR A 333 12.67 30.73 19.18
C THR A 333 12.62 31.38 17.78
N SER A 334 13.62 31.12 16.92
CA SER A 334 13.73 31.75 15.56
C SER A 334 12.51 31.37 14.70
N GLU A 335 11.76 30.32 15.04
CA GLU A 335 10.57 29.88 14.30
C GLU A 335 9.37 30.65 14.84
N LYS A 336 9.23 31.88 14.37
CA LYS A 336 8.16 32.76 14.81
C LYS A 336 6.90 32.52 13.99
N ILE A 337 5.75 32.81 14.60
CA ILE A 337 4.45 32.60 13.94
C ILE A 337 4.10 33.92 13.24
N GLU A 338 4.67 34.11 12.05
CA GLU A 338 4.37 35.32 11.31
C GLU A 338 4.33 35.10 9.80
N ARG A 339 4.01 33.90 9.35
CA ARG A 339 4.12 33.60 7.93
C ARG A 339 2.90 34.12 7.16
N SER A 340 3.13 34.44 5.88
CA SER A 340 2.07 34.93 5.02
C SER A 340 0.99 33.87 4.84
N GLY A 341 -0.26 34.29 4.96
CA GLY A 341 -1.39 33.38 4.83
C GLY A 341 -2.70 34.11 4.81
N PRO A 342 -3.81 33.37 4.89
CA PRO A 342 -5.13 34.02 4.89
C PRO A 342 -5.26 35.01 6.05
N ILE A 343 -5.73 36.21 5.72
CA ILE A 343 -5.96 37.27 6.71
C ILE A 343 -7.47 37.25 6.97
N VAL A 344 -7.89 36.51 7.99
CA VAL A 344 -9.31 36.30 8.25
C VAL A 344 -9.87 37.47 9.04
N ARG A 345 -9.42 37.61 10.29
CA ARG A 345 -9.81 38.71 11.16
C ARG A 345 -8.71 39.76 11.06
N GLU B 4 -11.77 -39.86 3.10
CA GLU B 4 -12.16 -38.78 2.19
C GLU B 4 -12.63 -37.55 2.99
N ILE B 5 -13.78 -37.68 3.64
CA ILE B 5 -14.30 -36.59 4.46
C ILE B 5 -13.41 -36.44 5.69
N LYS B 6 -12.91 -35.23 5.91
CA LYS B 6 -11.94 -34.97 6.98
C LYS B 6 -12.69 -34.40 8.18
N THR B 7 -12.52 -35.04 9.33
CA THR B 7 -13.18 -34.59 10.55
C THR B 7 -12.30 -33.57 11.26
N ILE B 8 -12.94 -32.51 11.74
CA ILE B 8 -12.26 -31.43 12.44
C ILE B 8 -12.99 -31.22 13.76
N SER B 9 -12.28 -31.41 14.86
CA SER B 9 -12.81 -31.04 16.17
C SER B 9 -12.67 -29.55 16.37
N VAL B 10 -13.71 -28.94 16.94
CA VAL B 10 -13.75 -27.50 17.14
C VAL B 10 -13.89 -27.26 18.63
N ILE B 11 -12.81 -26.77 19.24
CA ILE B 11 -12.86 -26.35 20.64
C ILE B 11 -13.64 -25.04 20.73
N GLY B 12 -14.35 -24.87 21.84
CA GLY B 12 -15.11 -23.65 22.02
C GLY B 12 -16.17 -23.44 20.97
N ALA B 13 -16.73 -24.52 20.43
CA ALA B 13 -17.73 -24.37 19.37
C ALA B 13 -18.96 -23.61 19.86
N THR B 14 -19.26 -23.68 21.16
CA THR B 14 -20.33 -22.88 21.73
C THR B 14 -19.91 -21.43 21.94
N GLY B 15 -18.63 -21.10 21.75
CA GLY B 15 -18.13 -19.76 21.95
C GLY B 15 -18.00 -18.99 20.65
N GLN B 16 -17.41 -17.81 20.77
CA GLN B 16 -17.36 -16.88 19.64
C GLN B 16 -16.43 -17.39 18.54
N GLN B 17 -15.17 -17.67 18.90
CA GLN B 17 -14.20 -18.11 17.89
C GLN B 17 -14.60 -19.47 17.32
N GLY B 18 -14.73 -20.46 18.19
CA GLY B 18 -15.12 -21.78 17.73
C GLY B 18 -16.49 -21.79 17.06
N GLY B 19 -17.39 -20.93 17.53
CA GLY B 19 -18.69 -20.84 16.87
C GLY B 19 -18.56 -20.39 15.42
N SER B 20 -17.76 -19.35 15.17
CA SER B 20 -17.54 -18.93 13.79
C SER B 20 -16.86 -20.04 12.99
N VAL B 21 -15.90 -20.74 13.60
CA VAL B 21 -15.19 -21.79 12.88
C VAL B 21 -16.17 -22.87 12.44
N ALA B 22 -17.03 -23.32 13.36
CA ALA B 22 -18.00 -24.36 13.03
C ALA B 22 -18.94 -23.90 11.93
N ARG B 23 -19.50 -22.70 12.08
CA ARG B 23 -20.44 -22.20 11.08
C ARG B 23 -19.78 -22.06 9.72
N SER B 24 -18.49 -21.76 9.67
CA SER B 24 -17.82 -21.65 8.37
C SER B 24 -17.55 -23.01 7.76
N LEU B 25 -16.95 -23.94 8.50
CA LEU B 25 -16.54 -25.28 7.97
C LEU B 25 -17.80 -26.12 7.65
N LEU B 26 -18.98 -25.78 8.19
CA LEU B 26 -20.24 -26.57 8.00
C LEU B 26 -20.63 -26.47 6.51
N GLN B 27 -20.31 -25.38 5.82
CA GLN B 27 -20.71 -25.18 4.43
C GLN B 27 -19.76 -25.82 3.43
N ASN B 28 -18.81 -26.65 3.85
CA ASN B 28 -17.91 -27.35 2.93
C ASN B 28 -18.08 -28.85 3.12
N PRO B 29 -18.68 -29.57 2.17
CA PRO B 29 -18.92 -31.01 2.38
C PRO B 29 -17.64 -31.83 2.54
N GLU B 30 -16.47 -31.27 2.23
CA GLU B 30 -15.22 -32.02 2.38
C GLU B 30 -14.84 -32.18 3.86
N PHE B 31 -15.48 -31.44 4.75
CA PHE B 31 -15.14 -31.43 6.17
C PHE B 31 -16.37 -31.85 6.97
N HIS B 32 -16.13 -32.55 8.09
CA HIS B 32 -17.16 -32.87 9.06
C HIS B 32 -16.79 -32.21 10.39
N VAL B 33 -17.70 -31.39 10.91
CA VAL B 33 -17.43 -30.64 12.13
C VAL B 33 -17.88 -31.46 13.34
N ARG B 34 -16.95 -31.69 14.27
CA ARG B 34 -17.25 -32.30 15.57
C ARG B 34 -17.02 -31.20 16.61
N CYS B 35 -18.10 -30.58 17.07
CA CYS B 35 -17.99 -29.58 18.12
C CYS B 35 -17.62 -30.24 19.45
N ILE B 36 -16.83 -29.55 20.25
CA ILE B 36 -16.47 -30.01 21.59
C ILE B 36 -17.03 -29.03 22.60
N THR B 37 -17.67 -29.55 23.63
CA THR B 37 -18.27 -28.71 24.67
C THR B 37 -18.23 -29.47 25.99
N ARG B 38 -18.34 -28.71 27.08
CA ARG B 38 -18.44 -29.35 28.39
C ARG B 38 -19.85 -29.81 28.69
N ASP B 39 -20.87 -29.17 28.11
CA ASP B 39 -22.27 -29.43 28.44
C ASP B 39 -23.09 -29.37 27.17
N THR B 40 -23.54 -30.53 26.69
CA THR B 40 -24.33 -30.57 25.47
C THR B 40 -25.73 -30.02 25.66
N SER B 41 -26.19 -29.83 26.90
CA SER B 41 -27.50 -29.30 27.19
C SER B 41 -27.54 -27.77 27.17
N SER B 42 -26.40 -27.12 26.93
CA SER B 42 -26.39 -25.67 26.92
C SER B 42 -27.31 -25.14 25.83
N ILE B 43 -27.80 -23.92 26.07
CA ILE B 43 -28.52 -23.17 25.05
C ILE B 43 -27.67 -23.09 23.79
N LYS B 44 -26.40 -22.74 23.90
CA LYS B 44 -25.52 -22.53 22.71
C LYS B 44 -25.24 -23.88 22.05
N ALA B 45 -25.06 -24.97 22.80
CA ALA B 45 -24.80 -26.28 22.27
C ALA B 45 -26.00 -26.84 21.54
N LYS B 46 -27.19 -26.61 22.09
CA LYS B 46 -28.41 -27.07 21.44
C LYS B 46 -28.69 -26.24 20.20
N GLU B 47 -28.26 -24.97 20.19
CA GLU B 47 -28.31 -24.18 18.96
C GLU B 47 -27.53 -24.84 17.86
N LEU B 48 -26.32 -25.32 18.19
CA LEU B 48 -25.52 -26.05 17.21
C LEU B 48 -26.19 -27.36 16.80
N LYS B 49 -26.82 -28.05 17.75
CA LYS B 49 -27.53 -29.28 17.41
C LYS B 49 -28.69 -28.99 16.46
N GLU B 50 -29.38 -27.86 16.67
CA GLU B 50 -30.47 -27.47 15.78
C GLU B 50 -29.97 -27.13 14.39
N LEU B 51 -28.69 -26.75 14.26
CA LEU B 51 -28.07 -26.52 12.96
C LEU B 51 -27.58 -27.82 12.32
N GLY B 52 -27.70 -28.95 13.03
CA GLY B 52 -27.27 -30.22 12.49
C GLY B 52 -25.80 -30.52 12.61
N ILE B 53 -25.18 -30.15 13.73
CA ILE B 53 -23.76 -30.31 13.94
C ILE B 53 -23.54 -31.36 15.03
N GLU B 54 -22.58 -32.25 14.81
CA GLU B 54 -22.24 -33.24 15.82
C GLU B 54 -21.68 -32.55 17.06
N ILE B 55 -22.17 -32.95 18.23
CA ILE B 55 -21.79 -32.36 19.50
C ILE B 55 -21.26 -33.46 20.40
N VAL B 56 -20.00 -33.32 20.81
CA VAL B 56 -19.35 -34.25 21.74
C VAL B 56 -19.10 -33.51 23.05
N GLN B 57 -19.27 -34.22 24.16
CA GLN B 57 -19.06 -33.65 25.49
C GLN B 57 -17.72 -34.10 26.04
N ALA B 58 -16.86 -33.14 26.39
CA ALA B 58 -15.58 -33.42 27.00
C ALA B 58 -15.08 -32.13 27.64
N ASP B 59 -14.17 -32.29 28.62
CA ASP B 59 -13.60 -31.16 29.32
C ASP B 59 -12.11 -31.07 29.02
N GLY B 60 -11.65 -29.88 28.65
CA GLY B 60 -10.25 -29.71 28.33
C GLY B 60 -9.32 -29.99 29.50
N ASN B 61 -9.82 -29.84 30.72
CA ASN B 61 -8.99 -30.12 31.90
C ASN B 61 -8.79 -31.61 32.14
N ASP B 62 -9.43 -32.48 31.35
CA ASP B 62 -9.30 -33.93 31.48
C ASP B 62 -8.53 -34.46 30.28
N PRO B 63 -7.20 -34.53 30.36
CA PRO B 63 -6.42 -34.89 29.16
C PRO B 63 -6.79 -36.24 28.55
N THR B 64 -7.06 -37.25 29.36
CA THR B 64 -7.36 -38.57 28.80
C THR B 64 -8.69 -38.57 28.06
N ALA B 65 -9.75 -38.04 28.68
CA ALA B 65 -11.05 -38.00 28.03
C ALA B 65 -11.01 -37.13 26.78
N ALA B 67 -8.42 -36.69 24.89
CA ALA B 67 -7.74 -37.47 23.87
C ALA B 67 -8.69 -38.46 23.22
N THR B 68 -9.52 -39.15 24.01
CA THR B 68 -10.44 -40.11 23.42
C THR B 68 -11.51 -39.41 22.57
N ALA B 69 -11.91 -38.20 22.96
CA ALA B 69 -12.95 -37.49 22.22
C ALA B 69 -12.41 -36.84 20.95
N LEU B 70 -11.11 -36.61 20.86
CA LEU B 70 -10.49 -36.08 19.65
C LEU B 70 -10.10 -37.18 18.66
N LYS B 71 -10.20 -38.45 19.06
CA LYS B 71 -9.70 -39.54 18.23
C LYS B 71 -10.43 -39.55 16.90
N GLY B 72 -9.65 -39.73 15.83
CA GLY B 72 -10.20 -39.79 14.48
C GLY B 72 -10.31 -38.45 13.78
N SER B 73 -9.91 -37.37 14.44
CA SER B 73 -9.97 -36.05 13.82
C SER B 73 -8.80 -35.85 12.87
N TRP B 74 -9.10 -35.37 11.66
CA TRP B 74 -8.03 -34.95 10.75
C TRP B 74 -7.45 -33.63 11.19
N GLY B 75 -8.29 -32.74 11.74
CA GLY B 75 -7.80 -31.46 12.21
C GLY B 75 -8.50 -31.03 13.48
N ILE B 76 -7.92 -30.00 14.10
CA ILE B 76 -8.52 -29.44 15.31
C ILE B 76 -8.27 -27.94 15.34
N PHE B 77 -9.32 -27.20 15.72
CA PHE B 77 -9.19 -25.80 16.09
C PHE B 77 -9.22 -25.71 17.61
N ILE B 78 -8.21 -25.04 18.18
CA ILE B 78 -8.03 -24.97 19.63
C ILE B 78 -8.13 -23.51 20.07
N ASN B 79 -8.84 -23.30 21.19
CA ASN B 79 -8.96 -21.98 21.80
C ASN B 79 -9.13 -22.19 23.30
N ASN B 80 -8.97 -21.11 24.06
CA ASN B 80 -9.15 -21.14 25.52
C ASN B 80 -10.25 -20.15 25.90
N GLY B 81 -10.40 -19.92 27.21
CA GLY B 81 -11.48 -19.11 27.73
C GLY B 81 -11.00 -17.83 28.39
N TYR B 82 -11.95 -16.94 28.65
CA TYR B 82 -11.61 -15.64 29.23
C TYR B 82 -11.18 -15.73 30.69
N THR B 83 -11.55 -16.79 31.39
CA THR B 83 -11.27 -16.91 32.82
C THR B 83 -10.16 -17.93 33.01
N LEU B 84 -9.06 -17.48 33.59
CA LEU B 84 -7.93 -18.34 33.90
C LEU B 84 -7.98 -18.73 35.37
N THR B 85 -7.64 -19.98 35.66
CA THR B 85 -7.56 -20.40 37.05
C THR B 85 -6.46 -19.59 37.74
N PRO B 86 -6.55 -19.37 39.05
CA PRO B 86 -5.47 -18.64 39.74
C PRO B 86 -4.09 -19.23 39.46
N ALA B 87 -4.01 -20.57 39.43
CA ALA B 87 -2.74 -21.22 39.14
C ALA B 87 -2.20 -20.79 37.79
N VAL B 88 -3.07 -20.75 36.78
CA VAL B 88 -2.64 -20.27 35.48
C VAL B 88 -2.30 -18.79 35.54
N GLN B 89 -3.08 -18.01 36.30
CA GLN B 89 -2.79 -16.59 36.45
C GLN B 89 -1.35 -16.37 36.91
N ASN B 90 -0.83 -17.28 37.73
CA ASN B 90 0.48 -17.11 38.37
C ASN B 90 1.56 -17.97 37.71
N GLY B 91 1.41 -18.26 36.44
CA GLY B 91 2.35 -19.10 35.74
C GLY B 91 1.62 -20.40 35.51
N LYS B 92 2.28 -21.53 35.64
CA LYS B 92 1.67 -22.83 35.36
C LYS B 92 0.77 -22.74 34.13
N TYR B 93 1.33 -22.20 33.06
CA TYR B 93 0.57 -22.00 31.83
C TYR B 93 0.18 -23.33 31.19
N GLU B 94 0.90 -24.41 31.53
CA GLU B 94 0.59 -25.72 31.01
C GLU B 94 -0.76 -26.23 31.47
N GLU B 95 -1.37 -25.61 32.48
CA GLU B 95 -2.62 -26.09 33.03
C GLU B 95 -3.85 -25.44 32.42
N ASP B 96 -3.69 -24.43 31.56
CA ASP B 96 -4.84 -23.85 30.88
C ASP B 96 -5.47 -24.90 29.97
N PHE B 97 -6.81 -24.95 29.96
CA PHE B 97 -7.48 -26.04 29.26
C PHE B 97 -7.19 -26.01 27.76
N GLY B 98 -6.94 -24.83 27.18
CA GLY B 98 -6.53 -24.80 25.78
C GLY B 98 -5.22 -25.53 25.53
N ASN B 99 -4.22 -25.26 26.37
CA ASN B 99 -2.92 -25.91 26.20
C ASN B 99 -3.00 -27.38 26.56
N VAL B 100 -3.81 -27.72 27.55
CA VAL B 100 -4.04 -29.13 27.88
C VAL B 100 -4.66 -29.84 26.68
N ILE B 101 -5.63 -29.19 26.03
CA ILE B 101 -6.26 -29.76 24.85
C ILE B 101 -5.24 -29.95 23.73
N LEU B 102 -4.32 -28.98 23.56
CA LEU B 102 -3.29 -29.13 22.53
C LEU B 102 -2.45 -30.38 22.78
N GLN B 103 -2.05 -30.58 24.03
CA GLN B 103 -1.30 -31.80 24.35
C GLN B 103 -2.16 -33.04 24.16
N SER B 104 -3.45 -32.96 24.50
CA SER B 104 -4.35 -34.08 24.28
C SER B 104 -4.45 -34.45 22.81
N ALA B 105 -4.51 -33.43 21.95
CA ALA B 105 -4.55 -33.66 20.51
C ALA B 105 -3.27 -34.33 20.03
N ALA B 106 -2.13 -33.89 20.56
CA ALA B 106 -0.88 -34.58 20.23
C ALA B 106 -0.94 -36.04 20.64
N GLU B 107 -1.47 -36.32 21.83
CA GLU B 107 -1.60 -37.72 22.27
C GLU B 107 -2.54 -38.49 21.36
N ALA B 108 -3.65 -37.87 20.96
CA ALA B 108 -4.64 -38.49 20.10
C ALA B 108 -4.20 -38.59 18.65
N GLY B 109 -3.08 -37.97 18.29
CA GLY B 109 -2.58 -38.08 16.94
C GLY B 109 -3.25 -37.21 15.91
N VAL B 110 -3.97 -36.17 16.33
CA VAL B 110 -4.57 -35.23 15.39
C VAL B 110 -3.44 -34.65 14.56
N PRO B 111 -3.46 -34.75 13.23
CA PRO B 111 -2.27 -34.36 12.45
C PRO B 111 -2.20 -32.88 12.13
N HIS B 112 -3.33 -32.18 12.07
CA HIS B 112 -3.39 -30.79 11.64
C HIS B 112 -4.04 -29.93 12.71
N VAL B 113 -3.34 -28.87 13.11
CA VAL B 113 -3.78 -28.04 14.22
C VAL B 113 -3.81 -26.58 13.79
N VAL B 114 -4.88 -25.88 14.19
CA VAL B 114 -4.95 -24.43 14.13
C VAL B 114 -5.25 -23.95 15.55
N PHE B 115 -4.35 -23.12 16.09
CA PHE B 115 -4.35 -22.76 17.51
C PHE B 115 -4.55 -21.26 17.68
N SER B 116 -5.56 -20.88 18.47
CA SER B 116 -5.76 -19.48 18.82
C SER B 116 -4.65 -19.03 19.76
N SER B 117 -3.90 -18.01 19.37
CA SER B 117 -2.66 -17.65 20.05
C SER B 117 -2.56 -16.15 20.23
N GLN B 118 -1.56 -15.75 21.01
CA GLN B 118 -1.20 -14.36 21.23
C GLN B 118 0.28 -14.32 21.57
N PRO B 119 0.94 -13.16 21.39
CA PRO B 119 2.34 -13.05 21.76
C PRO B 119 2.51 -13.07 23.28
N SER B 120 3.70 -13.48 23.73
CA SER B 120 4.06 -13.45 25.14
C SER B 120 4.82 -12.15 25.41
N SER B 121 4.21 -11.25 26.19
CA SER B 121 4.90 -10.02 26.56
C SER B 121 6.17 -10.33 27.36
N HIS B 122 6.11 -11.32 28.26
CA HIS B 122 7.28 -11.68 29.03
C HIS B 122 8.45 -12.09 28.14
N ALA B 123 8.19 -12.99 27.19
CA ALA B 123 9.26 -13.49 26.33
C ALA B 123 9.82 -12.40 25.44
N LEU B 124 8.97 -11.48 24.99
CA LEU B 124 9.38 -10.42 24.08
C LEU B 124 10.00 -9.24 24.80
N SER B 125 9.69 -9.06 26.08
CA SER B 125 10.12 -7.88 26.83
C SER B 125 11.32 -8.16 27.73
N GLY B 126 11.94 -9.33 27.59
CA GLY B 126 13.04 -9.68 28.45
C GLY B 126 12.64 -9.78 29.91
N GLY B 127 11.38 -10.10 30.18
CA GLY B 127 10.90 -10.25 31.53
C GLY B 127 10.21 -9.03 32.12
N LYS B 128 10.34 -7.86 31.48
CA LYS B 128 9.80 -6.64 32.06
C LYS B 128 8.30 -6.74 32.26
N PHE B 129 7.58 -7.36 31.33
CA PHE B 129 6.12 -7.39 31.34
C PHE B 129 5.64 -8.81 31.59
N ASN B 130 4.50 -8.93 32.27
CA ASN B 130 3.86 -10.22 32.48
C ASN B 130 2.35 -10.04 32.32
N THR B 131 1.80 -10.57 31.22
CA THR B 131 0.39 -10.46 30.89
C THR B 131 -0.14 -11.85 30.58
N PRO B 132 -0.57 -12.61 31.60
CA PRO B 132 -1.00 -13.98 31.33
C PRO B 132 -2.09 -14.11 30.29
N VAL B 133 -2.96 -13.10 30.14
CA VAL B 133 -4.04 -13.20 29.15
C VAL B 133 -3.48 -13.51 27.77
N LEU B 134 -2.29 -12.97 27.45
CA LEU B 134 -1.58 -13.27 26.20
C LEU B 134 -0.60 -14.44 26.35
N ASP B 135 0.17 -14.42 27.45
CA ASP B 135 1.29 -15.34 27.60
C ASP B 135 0.82 -16.79 27.73
N VAL B 136 -0.39 -17.01 28.26
CA VAL B 136 -0.89 -18.37 28.38
C VAL B 136 -1.01 -19.01 27.00
N LYS B 137 -1.57 -18.27 26.05
CA LYS B 137 -1.70 -18.79 24.69
C LYS B 137 -0.33 -18.89 24.02
N ALA B 138 0.56 -17.95 24.31
CA ALA B 138 1.91 -18.04 23.73
C ALA B 138 2.62 -19.32 24.16
N TRP B 139 2.41 -19.76 25.41
CA TRP B 139 3.00 -21.02 25.84
C TRP B 139 2.56 -22.16 24.94
N GLY B 140 1.24 -22.26 24.73
CA GLY B 140 0.73 -23.28 23.83
C GLY B 140 1.28 -23.15 22.42
N GLU B 141 1.44 -21.92 21.94
CA GLU B 141 1.94 -21.73 20.58
C GLU B 141 3.34 -22.34 20.44
N SER B 142 4.24 -22.01 21.36
CA SER B 142 5.59 -22.56 21.26
C SER B 142 5.59 -24.08 21.47
N TRP B 143 4.76 -24.58 22.40
CA TRP B 143 4.70 -26.01 22.60
C TRP B 143 4.27 -26.72 21.31
N GLY B 144 3.26 -26.20 20.64
CA GLY B 144 2.81 -26.80 19.40
C GLY B 144 3.81 -26.65 18.27
N ARG B 145 4.49 -25.50 18.22
CA ARG B 145 5.51 -25.30 17.19
C ARG B 145 6.64 -26.31 17.34
N ALA B 146 6.99 -26.65 18.58
CA ALA B 146 8.07 -27.59 18.82
C ALA B 146 7.61 -29.04 18.78
N CYS B 147 6.31 -29.31 18.77
CA CYS B 147 5.82 -30.68 18.82
C CYS B 147 6.19 -31.40 17.53
N PRO B 148 6.94 -32.50 17.58
CA PRO B 148 7.35 -33.16 16.33
C PRO B 148 6.27 -34.04 15.71
N THR B 149 5.22 -34.39 16.46
CA THR B 149 4.21 -35.30 15.94
C THR B 149 3.28 -34.61 14.93
N PHE B 150 2.91 -33.35 15.16
CA PHE B 150 1.94 -32.72 14.28
C PHE B 150 2.50 -32.61 12.88
N GLN B 151 1.65 -32.85 11.89
CA GLN B 151 2.00 -32.59 10.49
C GLN B 151 1.91 -31.11 10.12
N SER B 152 0.97 -30.39 10.72
CA SER B 152 0.86 -28.95 10.52
C SER B 152 0.39 -28.31 11.83
N PHE B 153 0.99 -27.18 12.17
CA PHE B 153 0.57 -26.39 13.33
C PHE B 153 0.59 -24.93 12.95
N THR B 154 -0.59 -24.31 12.89
CA THR B 154 -0.69 -22.90 12.50
C THR B 154 -1.29 -22.08 13.63
N PRO B 155 -0.56 -21.11 14.19
CA PRO B 155 -1.16 -20.21 15.19
C PRO B 155 -1.90 -19.06 14.50
N ILE B 156 -3.11 -18.78 14.95
CA ILE B 156 -3.92 -17.68 14.46
C ILE B 156 -4.23 -16.76 15.63
N ALA B 158 -6.33 -13.37 17.09
CA ALA B 158 -7.49 -12.53 16.88
C ALA B 158 -7.17 -11.06 17.19
N SER B 159 -7.76 -10.18 16.39
CA SER B 159 -7.70 -8.75 16.62
C SER B 159 -8.75 -8.34 17.66
N TRP B 160 -8.94 -7.04 17.91
CA TRP B 160 -10.03 -6.55 18.79
C TRP B 160 -11.35 -6.96 18.12
N TYR B 161 -12.23 -7.76 18.73
CA TYR B 161 -13.53 -8.05 18.13
C TYR B 161 -14.28 -6.74 17.98
N PHE B 162 -14.98 -6.54 16.85
CA PHE B 162 -16.00 -5.48 16.84
C PHE B 162 -17.06 -5.75 17.90
N GLN B 163 -17.34 -7.04 18.14
CA GLN B 163 -18.34 -7.48 19.10
C GLN B 163 -17.98 -7.13 20.53
N ASN B 164 -16.76 -6.64 20.77
CA ASN B 164 -16.45 -6.08 22.09
C ASN B 164 -17.40 -4.95 22.44
N PHE B 165 -17.99 -4.29 21.44
CA PHE B 165 -18.96 -3.25 21.74
C PHE B 165 -20.24 -3.80 22.36
N PHE B 166 -20.49 -5.10 22.25
CA PHE B 166 -21.64 -5.72 22.90
C PHE B 166 -21.28 -6.33 24.25
N ILE B 167 -20.00 -6.41 24.60
CA ILE B 167 -19.55 -6.92 25.90
C ILE B 167 -19.68 -5.79 26.93
N PRO B 168 -20.44 -5.97 28.02
CA PRO B 168 -20.66 -4.84 28.94
C PRO B 168 -19.39 -4.29 29.57
N SER B 169 -18.43 -5.17 29.90
CA SER B 169 -17.20 -4.70 30.54
C SER B 169 -16.44 -3.74 29.64
N PHE B 170 -16.50 -3.96 28.33
CA PHE B 170 -15.91 -3.00 27.41
C PHE B 170 -16.62 -1.65 27.50
N VAL B 171 -17.94 -1.66 27.56
CA VAL B 171 -18.69 -0.40 27.55
C VAL B 171 -18.39 0.42 28.79
N ALA B 172 -18.20 -0.22 29.93
CA ALA B 172 -18.06 0.55 31.16
C ALA B 172 -16.76 1.37 31.19
N GLU B 173 -15.62 0.69 31.03
CA GLU B 173 -14.34 1.33 31.34
C GLU B 173 -13.87 2.28 30.25
N PHE B 174 -14.09 1.93 28.99
CA PHE B 174 -13.42 2.56 27.86
C PHE B 174 -14.25 3.67 27.26
N GLY B 175 -14.92 4.45 28.12
CA GLY B 175 -15.75 5.54 27.69
C GLY B 175 -17.13 5.05 27.30
N GLY B 176 -18.04 6.01 27.13
CA GLY B 176 -19.39 5.67 26.74
C GLY B 176 -19.48 4.95 25.41
N PHE B 177 -18.45 5.08 24.58
CA PHE B 177 -18.49 4.53 23.23
C PHE B 177 -18.78 3.04 23.27
N PRO B 178 -19.65 2.52 22.38
CA PRO B 178 -20.43 3.29 21.40
C PRO B 178 -21.94 3.39 21.67
N TRP B 179 -22.37 3.16 22.90
CA TRP B 179 -23.81 3.11 23.18
C TRP B 179 -24.28 4.18 24.16
N ASN B 180 -23.48 4.54 25.15
CA ASN B 180 -23.89 5.50 26.16
C ASN B 180 -23.20 6.83 25.83
N GLN B 181 -23.98 7.84 25.45
CA GLN B 181 -23.38 9.14 25.20
C GLN B 181 -22.97 9.75 26.53
N ASP B 182 -21.94 10.59 26.50
CA ASP B 182 -21.37 11.11 27.72
C ASP B 182 -21.97 12.49 28.05
N ASP B 183 -21.39 13.17 29.03
CA ASP B 183 -22.03 14.36 29.59
C ASP B 183 -22.22 15.43 28.52
N GLU B 184 -21.23 15.65 27.68
CA GLU B 184 -21.32 16.67 26.63
C GLU B 184 -21.97 16.15 25.36
N GLY B 185 -22.61 14.99 25.42
CA GLY B 185 -23.30 14.43 24.28
C GLY B 185 -22.44 13.68 23.30
N TYR B 186 -21.26 13.23 23.71
CA TYR B 186 -20.32 12.55 22.82
C TYR B 186 -20.30 11.07 23.17
N LEU B 187 -20.28 10.23 22.13
CA LEU B 187 -19.94 8.82 22.32
C LEU B 187 -18.42 8.75 22.38
N THR B 188 -17.89 8.69 23.60
CA THR B 188 -16.47 8.88 23.85
C THR B 188 -15.79 7.55 24.12
N LEU B 189 -14.69 7.30 23.42
CA LEU B 189 -13.86 6.12 23.64
C LEU B 189 -12.60 6.56 24.35
N ARG B 190 -12.27 5.92 25.47
CA ARG B 190 -11.16 6.32 26.32
C ARG B 190 -10.18 5.15 26.39
N LEU B 191 -9.07 5.25 25.68
CA LEU B 191 -8.10 4.16 25.59
C LEU B 191 -6.70 4.72 25.39
N PRO B 192 -5.67 4.02 25.87
CA PRO B 192 -4.30 4.45 25.57
C PRO B 192 -3.97 4.27 24.12
N PRO B 193 -3.06 5.07 23.56
CA PRO B 193 -2.60 4.82 22.19
C PRO B 193 -1.97 3.44 22.06
N LEU B 194 -2.12 2.85 20.87
CA LEU B 194 -1.50 1.55 20.62
C LEU B 194 0.02 1.68 20.47
N GLY B 195 0.47 2.78 19.88
CA GLY B 195 1.86 2.96 19.53
C GLY B 195 2.06 2.96 18.02
N GLY B 196 3.24 3.43 17.63
CA GLY B 196 3.52 3.54 16.21
C GLY B 196 2.51 4.44 15.55
N ASN B 197 2.01 4.00 14.39
CA ASN B 197 1.05 4.76 13.62
C ASN B 197 -0.40 4.40 13.94
N GLU B 198 -0.66 3.84 15.13
CA GLU B 198 -2.02 3.50 15.54
C GLU B 198 -2.68 2.58 14.52
N GLU B 199 -1.98 1.50 14.17
CA GLU B 199 -2.51 0.49 13.25
C GLU B 199 -3.26 -0.56 14.06
N VAL B 200 -4.42 -0.17 14.57
CA VAL B 200 -5.22 -1.02 15.44
C VAL B 200 -5.99 -2.03 14.59
N PRO B 201 -5.83 -3.33 14.83
CA PRO B 201 -6.61 -4.31 14.06
C PRO B 201 -7.94 -4.64 14.71
N TRP B 202 -8.95 -4.82 13.86
CA TRP B 202 -10.28 -5.21 14.28
C TRP B 202 -10.79 -6.30 13.35
N ILE B 203 -11.65 -7.18 13.89
CA ILE B 203 -12.27 -8.22 13.09
C ILE B 203 -13.70 -8.42 13.57
N CYS B 204 -14.58 -8.74 12.61
CA CYS B 204 -15.92 -9.23 12.93
C CYS B 204 -15.80 -10.71 13.23
N ILE B 205 -15.76 -11.06 14.52
CA ILE B 205 -15.47 -12.43 14.91
C ILE B 205 -16.51 -13.39 14.34
N ASP B 206 -17.77 -12.98 14.33
CA ASP B 206 -18.84 -13.89 13.93
C ASP B 206 -18.69 -14.31 12.47
N GLU B 207 -18.57 -13.35 11.56
CA GLU B 207 -18.63 -13.63 10.14
C GLU B 207 -17.28 -13.95 9.51
N ASP B 208 -16.16 -13.54 10.10
CA ASP B 208 -14.88 -13.59 9.40
C ASP B 208 -13.87 -14.58 9.98
N PHE B 209 -13.74 -14.68 11.31
CA PHE B 209 -12.67 -15.49 11.91
C PHE B 209 -12.73 -16.94 11.43
N GLY B 210 -13.93 -17.53 11.45
CA GLY B 210 -14.07 -18.91 11.04
C GLY B 210 -13.62 -19.14 9.62
N ASP B 211 -13.92 -18.20 8.72
CA ASP B 211 -13.50 -18.34 7.33
C ASP B 211 -11.97 -18.37 7.22
N LEU B 212 -11.26 -17.63 8.08
CA LEU B 212 -9.81 -17.68 8.06
C LEU B 212 -9.31 -19.05 8.49
N VAL B 213 -9.87 -19.60 9.57
CA VAL B 213 -9.47 -20.95 9.98
C VAL B 213 -9.76 -21.95 8.86
N HIS B 214 -10.93 -21.81 8.22
CA HIS B 214 -11.29 -22.66 7.08
C HIS B 214 -10.26 -22.56 5.97
N GLY B 215 -9.87 -21.35 5.61
CA GLY B 215 -8.90 -21.17 4.55
C GLY B 215 -7.58 -21.84 4.90
N ILE B 216 -7.18 -21.78 6.17
CA ILE B 216 -5.97 -22.47 6.58
C ILE B 216 -6.13 -23.98 6.37
N PHE B 217 -7.25 -24.53 6.82
CA PHE B 217 -7.45 -25.97 6.70
C PHE B 217 -7.56 -26.42 5.25
N LEU B 218 -7.83 -25.49 4.33
CA LEU B 218 -7.86 -25.84 2.92
C LEU B 218 -6.47 -26.22 2.38
N ASN B 219 -5.39 -25.75 3.00
CA ASN B 219 -4.03 -26.07 2.57
C ASN B 219 -3.12 -26.00 3.79
N PRO B 220 -3.27 -26.94 4.73
CA PRO B 220 -2.56 -26.80 6.02
C PRO B 220 -1.05 -26.75 5.90
N ALA B 221 -0.45 -27.48 4.96
CA ALA B 221 1.00 -27.55 4.88
C ALA B 221 1.61 -26.18 4.60
N ARG B 222 0.97 -25.38 3.74
CA ARG B 222 1.51 -24.08 3.39
C ARG B 222 1.52 -23.11 4.55
N TRP B 223 0.69 -23.35 5.57
CA TRP B 223 0.55 -22.44 6.70
C TRP B 223 1.19 -22.98 7.97
N SER B 224 1.81 -24.15 7.92
CA SER B 224 2.39 -24.72 9.13
C SER B 224 3.44 -23.80 9.71
N LYS B 225 3.38 -23.58 11.02
CA LYS B 225 4.37 -22.79 11.75
C LYS B 225 4.45 -21.36 11.23
N ARG B 226 3.39 -20.89 10.57
CA ARG B 226 3.33 -19.52 10.05
C ARG B 226 2.18 -18.81 10.74
N THR B 227 2.51 -17.83 11.58
CA THR B 227 1.49 -17.09 12.30
C THR B 227 0.55 -16.39 11.33
N VAL B 228 -0.75 -16.49 11.60
CA VAL B 228 -1.79 -15.85 10.82
C VAL B 228 -2.46 -14.80 11.68
N GLN B 229 -2.54 -13.57 11.18
CA GLN B 229 -3.19 -12.47 11.88
C GLN B 229 -4.63 -12.35 11.41
N ALA B 230 -5.59 -12.54 12.31
CA ALA B 230 -7.01 -12.47 11.99
C ALA B 230 -7.43 -11.01 12.08
N VAL B 231 -7.35 -10.32 10.93
CA VAL B 231 -7.54 -8.87 10.87
C VAL B 231 -8.58 -8.58 9.81
N GLY B 232 -9.62 -7.84 10.18
CA GLY B 232 -10.63 -7.42 9.22
C GLY B 232 -10.43 -5.98 8.77
N ASP B 233 -9.95 -5.14 9.68
CA ASP B 233 -9.71 -3.74 9.36
C ASP B 233 -8.58 -3.23 10.23
N ILE B 234 -7.86 -2.23 9.72
CA ILE B 234 -6.79 -1.56 10.43
C ILE B 234 -7.04 -0.06 10.37
N LEU B 235 -7.26 0.55 11.53
CA LEU B 235 -7.50 1.98 11.60
C LEU B 235 -7.24 2.46 13.01
N SER B 236 -6.99 3.75 13.14
CA SER B 236 -6.73 4.32 14.46
C SER B 236 -8.03 4.44 15.24
N TYR B 237 -7.89 4.58 16.57
CA TYR B 237 -9.06 4.76 17.41
C TYR B 237 -9.86 5.98 17.01
N GLY B 238 -9.17 7.09 16.71
CA GLY B 238 -9.87 8.27 16.26
C GLY B 238 -10.56 8.07 14.93
N ASP B 239 -9.93 7.33 14.02
CA ASP B 239 -10.57 7.01 12.75
C ASP B 239 -11.79 6.11 12.97
N LEU B 240 -11.69 5.17 13.91
CA LEU B 240 -12.85 4.36 14.26
C LEU B 240 -14.00 5.24 14.71
N CYS B 241 -13.72 6.22 15.57
CA CYS B 241 -14.79 7.07 16.08
C CYS B 241 -15.38 7.96 14.99
N THR B 242 -14.53 8.55 14.14
CA THR B 242 -15.06 9.40 13.08
C THR B 242 -15.88 8.58 12.08
N THR B 243 -15.46 7.34 11.81
CA THR B 243 -16.26 6.47 10.95
C THR B 243 -17.62 6.17 11.59
N PHE B 244 -17.63 5.87 12.89
CA PHE B 244 -18.90 5.67 13.57
C PHE B 244 -19.79 6.90 13.41
N ALA B 245 -19.21 8.08 13.57
CA ALA B 245 -19.99 9.31 13.46
C ALA B 245 -20.55 9.47 12.06
N ASP B 246 -19.75 9.19 11.03
CA ASP B 246 -20.24 9.33 9.66
C ASP B 246 -21.39 8.36 9.40
N VAL B 247 -21.27 7.12 9.87
CA VAL B 247 -22.31 6.14 9.60
C VAL B 247 -23.59 6.51 10.32
N THR B 248 -23.52 6.74 11.64
CA THR B 248 -24.70 6.89 12.55
C THR B 248 -25.17 8.34 12.66
N GLN B 249 -24.44 9.32 12.11
CA GLN B 249 -24.78 10.76 12.31
C GLN B 249 -25.00 10.95 13.81
N ARG B 250 -24.13 10.40 14.66
CA ARG B 250 -24.21 10.48 16.16
C ARG B 250 -22.82 10.88 16.65
N LYS B 251 -22.66 11.93 17.47
CA LYS B 251 -21.36 12.41 17.90
C LYS B 251 -20.54 11.31 18.57
N ALA B 252 -19.28 11.20 18.16
CA ALA B 252 -18.34 10.25 18.76
C ALA B 252 -16.96 10.86 18.74
N ARG B 253 -16.10 10.44 19.66
CA ARG B 253 -14.75 11.01 19.73
C ARG B 253 -13.82 10.03 20.44
N TYR B 254 -12.52 10.25 20.26
CA TYR B 254 -11.48 9.44 20.89
C TYR B 254 -10.68 10.30 21.85
N ILE B 255 -10.60 9.87 23.10
CA ILE B 255 -9.89 10.56 24.16
C ILE B 255 -8.74 9.69 24.62
N PRO B 256 -7.51 9.95 24.16
CA PRO B 256 -6.40 9.08 24.55
C PRO B 256 -6.04 9.24 26.02
N TYR B 257 -5.61 8.13 26.62
CA TYR B 257 -4.92 8.17 27.92
C TYR B 257 -3.45 8.31 27.61
N TYR B 258 -2.97 9.56 27.48
CA TYR B 258 -1.57 9.76 27.11
C TYR B 258 -0.65 9.25 28.20
N ASP B 259 -1.05 9.40 29.46
CA ASP B 259 -0.27 8.91 30.60
C ASP B 259 -0.93 7.63 31.12
N LEU B 260 -0.22 6.51 31.02
CA LEU B 260 -0.78 5.25 31.48
C LEU B 260 -1.06 5.27 32.98
N ASP B 261 -0.37 6.13 33.73
CA ASP B 261 -0.61 6.22 35.17
C ASP B 261 -1.96 6.86 35.47
N ASP B 262 -2.52 7.63 34.54
CA ASP B 262 -3.79 8.31 34.76
C ASP B 262 -4.98 7.49 34.28
N PRO B 264 -7.74 4.58 34.54
CA PRO B 264 -8.40 3.92 35.68
C PRO B 264 -8.00 2.45 35.81
N ALA B 265 -7.34 2.15 36.92
CA ALA B 265 -6.77 0.84 37.18
C ALA B 265 -7.35 0.22 38.44
N ASP B 266 -8.60 0.58 38.75
CA ASP B 266 -9.35 0.05 39.88
C ASP B 266 -9.39 -1.48 39.86
N PRO B 268 -8.07 -5.70 38.97
CA PRO B 268 -7.16 -6.81 38.70
C PRO B 268 -6.99 -7.07 37.20
N TYR B 269 -8.05 -6.89 36.40
CA TYR B 269 -7.99 -7.10 34.96
C TYR B 269 -7.70 -5.80 34.25
N LEU B 270 -8.08 -4.69 34.88
CA LEU B 270 -7.63 -3.42 34.36
C LEU B 270 -6.13 -3.26 34.58
N GLN B 271 -5.55 -3.96 35.57
CA GLN B 271 -4.09 -3.89 35.88
C GLN B 271 -3.33 -4.72 34.82
N GLU B 272 -3.92 -5.82 34.32
CA GLU B 272 -3.35 -6.65 33.30
C GLU B 272 -3.53 -5.96 31.95
N SER B 273 -4.56 -5.14 31.82
CA SER B 273 -4.71 -4.40 30.57
C SER B 273 -3.78 -3.19 30.53
N ARG B 274 -3.49 -2.58 31.68
CA ARG B 274 -2.45 -1.55 31.68
C ARG B 274 -1.13 -2.12 31.19
N GLN B 275 -0.75 -3.29 31.71
CA GLN B 275 0.53 -3.88 31.30
C GLN B 275 0.49 -4.28 29.82
N VAL B 276 -0.64 -4.80 29.34
CA VAL B 276 -0.75 -5.14 27.92
C VAL B 276 -0.57 -3.89 27.06
N PHE B 277 -1.24 -2.81 27.41
CA PHE B 277 -1.13 -1.57 26.64
C PHE B 277 0.30 -1.05 26.66
N ALA B 278 0.97 -1.15 27.81
CA ALA B 278 2.36 -0.72 27.89
C ALA B 278 3.24 -1.54 26.96
N PHE B 279 3.02 -2.86 26.92
CA PHE B 279 3.77 -3.73 26.02
C PHE B 279 3.52 -3.36 24.56
N TYR B 280 2.26 -3.10 24.21
CA TYR B 280 1.97 -2.71 22.83
C TYR B 280 2.70 -1.42 22.48
N GLN B 281 2.65 -0.43 23.37
CA GLN B 281 3.37 0.82 23.10
C GLN B 281 4.86 0.57 22.96
N ARG B 283 6.19 -1.95 21.71
CA ARG B 283 6.41 -2.56 20.40
C ARG B 283 5.99 -1.64 19.24
N ASP B 284 5.79 -0.35 19.51
CA ASP B 284 5.36 0.60 18.49
C ASP B 284 4.04 0.17 17.83
N GLY B 285 3.18 -0.49 18.60
CA GLY B 285 1.89 -0.92 18.11
C GLY B 285 1.87 -2.27 17.41
N GLU B 286 3.03 -2.91 17.23
CA GLU B 286 3.11 -4.22 16.61
C GLU B 286 2.68 -5.28 17.63
N LEU B 287 1.38 -5.27 17.91
CA LEU B 287 0.84 -6.03 19.03
C LEU B 287 0.92 -7.54 18.82
N PHE B 288 1.14 -8.01 17.59
CA PHE B 288 1.17 -9.44 17.33
C PHE B 288 2.55 -10.06 17.51
N GLY B 289 3.60 -9.24 17.48
CA GLY B 289 4.92 -9.67 17.87
C GLY B 289 5.74 -10.37 16.82
N ASN B 290 5.11 -10.92 15.77
CA ASN B 290 5.83 -11.67 14.75
C ASN B 290 6.25 -10.81 13.57
N GLY B 291 5.58 -9.68 13.34
CA GLY B 291 5.84 -8.87 12.16
C GLY B 291 4.80 -7.78 12.06
N ILE B 292 4.85 -7.06 10.94
CA ILE B 292 3.94 -5.94 10.77
C ILE B 292 2.49 -6.44 10.81
N THR B 293 1.59 -5.59 11.30
CA THR B 293 0.17 -5.88 11.26
C THR B 293 -0.35 -5.72 9.84
N GLU B 294 -0.99 -6.77 9.32
CA GLU B 294 -1.46 -6.76 7.93
C GLU B 294 -2.74 -7.57 7.82
N LYS B 295 -3.65 -7.11 6.95
CA LYS B 295 -4.88 -7.83 6.66
C LYS B 295 -4.86 -8.51 5.30
N ARG B 296 -3.73 -8.47 4.58
CA ARG B 296 -3.67 -9.11 3.27
C ARG B 296 -3.90 -10.62 3.38
N THR B 297 -3.20 -11.27 4.31
CA THR B 297 -3.35 -12.71 4.49
C THR B 297 -4.77 -13.08 4.88
N ALA B 298 -5.38 -12.29 5.76
CA ALA B 298 -6.76 -12.54 6.16
C ALA B 298 -7.68 -12.49 4.94
N SER B 299 -7.47 -11.50 4.07
CA SER B 299 -8.28 -11.38 2.85
C SER B 299 -8.11 -12.60 1.96
N LEU B 300 -6.86 -13.06 1.78
CA LEU B 300 -6.64 -14.25 0.96
C LEU B 300 -7.40 -15.45 1.53
N LEU B 301 -7.27 -15.69 2.83
CA LEU B 301 -7.95 -16.84 3.43
C LEU B 301 -9.46 -16.71 3.34
N LYS B 302 -9.98 -15.50 3.55
CA LYS B 302 -11.42 -15.28 3.47
C LYS B 302 -11.93 -15.60 2.07
N ALA B 303 -11.21 -15.12 1.03
CA ALA B 303 -11.61 -15.41 -0.33
C ALA B 303 -11.54 -16.90 -0.63
N ALA B 304 -10.51 -17.58 -0.10
CA ALA B 304 -10.38 -19.01 -0.34
C ALA B 304 -11.55 -19.76 0.26
N ALA B 305 -11.94 -19.41 1.49
CA ALA B 305 -13.11 -20.04 2.10
C ALA B 305 -14.38 -19.70 1.32
N PHE B 306 -14.51 -18.46 0.87
CA PHE B 306 -15.64 -18.05 0.04
C PHE B 306 -15.78 -18.97 -1.17
N GLN B 307 -14.68 -19.21 -1.88
CA GLN B 307 -14.74 -20.12 -3.03
C GLN B 307 -15.07 -21.54 -2.58
N ALA B 308 -14.41 -22.03 -1.54
CA ALA B 308 -14.62 -23.41 -1.10
C ALA B 308 -16.07 -23.66 -0.69
N LYS B 309 -16.73 -22.65 -0.12
CA LYS B 309 -18.10 -22.78 0.32
C LYS B 309 -19.11 -22.71 -0.82
N GLY B 310 -18.65 -22.56 -2.05
CA GLY B 310 -19.55 -22.44 -3.19
C GLY B 310 -19.92 -21.00 -3.43
N GLN B 311 -18.96 -20.09 -3.22
CA GLN B 311 -19.19 -18.66 -3.35
C GLN B 311 -20.37 -18.21 -2.49
N LYS B 312 -20.41 -18.74 -1.26
CA LYS B 312 -21.46 -18.45 -0.31
C LYS B 312 -20.91 -17.52 0.77
N GLY B 313 -21.67 -16.50 1.11
CA GLY B 313 -21.20 -15.48 2.03
C GLY B 313 -20.52 -14.35 1.28
N ARG B 314 -19.70 -13.62 2.01
CA ARG B 314 -18.98 -12.48 1.48
C ARG B 314 -17.55 -12.90 1.12
N GLU B 315 -17.05 -12.30 0.03
CA GLU B 315 -15.69 -12.56 -0.42
C GLU B 315 -14.66 -11.70 0.27
N THR B 316 -15.10 -10.64 0.95
CA THR B 316 -14.21 -9.66 1.58
C THR B 316 -14.52 -9.57 3.06
N LEU B 317 -13.50 -9.14 3.82
CA LEU B 317 -13.65 -8.99 5.26
C LEU B 317 -14.51 -7.77 5.58
N ILE B 318 -15.16 -7.83 6.74
CA ILE B 318 -16.03 -6.76 7.18
C ILE B 318 -15.19 -5.62 7.72
N THR B 319 -15.37 -4.43 7.17
CA THR B 319 -14.68 -3.24 7.65
C THR B 319 -15.45 -2.63 8.82
N ALA B 320 -14.80 -1.68 9.51
CA ALA B 320 -15.47 -0.96 10.58
C ALA B 320 -16.70 -0.22 10.05
N ARG B 321 -16.58 0.40 8.88
CA ARG B 321 -17.72 1.10 8.29
C ARG B 321 -18.88 0.14 8.06
N GLU B 322 -18.60 -1.03 7.50
CA GLU B 322 -19.66 -2.00 7.25
C GLU B 322 -20.31 -2.47 8.54
N TRP B 323 -19.49 -2.75 9.56
CA TRP B 323 -20.02 -3.21 10.83
C TRP B 323 -20.87 -2.16 11.51
N PHE B 324 -20.43 -0.90 11.51
CA PHE B 324 -21.25 0.16 12.09
C PHE B 324 -22.54 0.34 11.32
N GLU B 325 -22.48 0.21 9.98
CA GLU B 325 -23.69 0.31 9.19
C GLU B 325 -24.67 -0.80 9.57
N ARG B 326 -24.16 -2.01 9.80
CA ARG B 326 -25.05 -3.14 10.02
C ARG B 326 -25.53 -3.28 11.46
N HIS B 327 -24.84 -2.71 12.44
CA HIS B 327 -25.17 -2.96 13.83
C HIS B 327 -25.44 -1.71 14.64
N CYS B 328 -25.37 -0.54 14.05
CA CYS B 328 -25.60 0.69 14.81
C CYS B 328 -26.62 1.61 14.17
N ARG B 329 -26.67 1.69 12.83
CA ARG B 329 -27.71 2.47 12.18
C ARG B 329 -29.10 2.00 12.62
N ALA B 330 -29.29 0.68 12.71
CA ALA B 330 -30.55 0.11 13.16
C ALA B 330 -30.85 0.51 14.61
N GLU B 335 -28.94 -6.24 19.24
CA GLU B 335 -27.80 -5.44 19.66
C GLU B 335 -27.74 -5.32 21.18
N LYS B 336 -28.20 -6.37 21.86
CA LYS B 336 -28.16 -6.39 23.32
C LYS B 336 -26.71 -6.48 23.81
N ILE B 337 -26.39 -5.69 24.83
CA ILE B 337 -25.02 -5.63 25.35
C ILE B 337 -24.93 -6.69 26.44
N GLU B 338 -24.76 -7.95 26.02
CA GLU B 338 -24.67 -9.02 27.00
C GLU B 338 -23.76 -10.18 26.53
N ARG B 339 -22.65 -9.87 25.89
CA ARG B 339 -21.82 -10.93 25.31
C ARG B 339 -20.68 -11.32 26.25
N SER B 340 -20.12 -12.50 25.99
CA SER B 340 -19.07 -13.05 26.84
C SER B 340 -17.76 -12.30 26.64
N GLY B 341 -17.07 -12.01 27.75
CA GLY B 341 -15.83 -11.29 27.71
C GLY B 341 -15.16 -11.22 29.07
N PRO B 342 -14.15 -10.36 29.18
CA PRO B 342 -13.46 -10.24 30.48
C PRO B 342 -14.41 -9.83 31.59
N ILE B 343 -14.23 -10.45 32.76
CA ILE B 343 -15.02 -10.14 33.94
C ILE B 343 -14.13 -9.28 34.84
N VAL B 344 -14.19 -7.97 34.65
CA VAL B 344 -13.31 -7.08 35.40
C VAL B 344 -13.79 -6.95 36.85
N GLU C 4 -38.43 9.11 -8.93
CA GLU C 4 -37.80 7.94 -8.32
C GLU C 4 -36.87 7.24 -9.32
N ILE C 5 -37.43 6.85 -10.46
CA ILE C 5 -36.71 6.02 -11.42
C ILE C 5 -35.96 6.90 -12.41
N LYS C 6 -34.66 6.65 -12.55
CA LYS C 6 -33.78 7.43 -13.41
C LYS C 6 -33.54 6.67 -14.71
N THR C 7 -33.79 7.31 -15.84
CA THR C 7 -33.52 6.67 -17.12
C THR C 7 -32.08 6.95 -17.54
N ILE C 8 -31.40 5.90 -18.01
CA ILE C 8 -30.02 5.98 -18.46
C ILE C 8 -29.97 5.38 -19.85
N SER C 9 -29.57 6.20 -20.82
CA SER C 9 -29.31 5.72 -22.17
C SER C 9 -27.92 5.10 -22.24
N VAL C 10 -27.83 3.99 -22.96
CA VAL C 10 -26.60 3.22 -23.07
C VAL C 10 -26.23 3.17 -24.54
N ILE C 11 -25.16 3.90 -24.90
CA ILE C 11 -24.58 3.79 -26.22
C ILE C 11 -23.82 2.48 -26.33
N GLY C 12 -23.79 1.92 -27.54
CA GLY C 12 -23.06 0.69 -27.76
C GLY C 12 -23.56 -0.48 -26.94
N ALA C 13 -24.85 -0.50 -26.63
CA ALA C 13 -25.39 -1.58 -25.82
C ALA C 13 -25.20 -2.94 -26.46
N THR C 14 -25.14 -2.99 -27.79
CA THR C 14 -24.83 -4.25 -28.48
C THR C 14 -23.36 -4.60 -28.43
N GLY C 15 -22.50 -3.70 -27.95
CA GLY C 15 -21.08 -3.92 -27.90
C GLY C 15 -20.58 -4.34 -26.53
N GLN C 16 -19.26 -4.42 -26.40
CA GLN C 16 -18.65 -4.97 -25.19
C GLN C 16 -18.85 -4.04 -24.00
N GLN C 17 -18.40 -2.79 -24.14
CA GLN C 17 -18.49 -1.85 -23.02
C GLN C 17 -19.94 -1.56 -22.68
N GLY C 18 -20.68 -1.03 -23.65
CA GLY C 18 -22.08 -0.72 -23.41
C GLY C 18 -22.90 -1.95 -23.05
N GLY C 19 -22.54 -3.11 -23.59
CA GLY C 19 -23.25 -4.33 -23.20
C GLY C 19 -23.09 -4.64 -21.73
N SER C 20 -21.86 -4.54 -21.22
CA SER C 20 -21.66 -4.74 -19.79
C SER C 20 -22.40 -3.68 -18.99
N VAL C 21 -22.39 -2.44 -19.49
CA VAL C 21 -23.08 -1.35 -18.78
C VAL C 21 -24.57 -1.66 -18.66
N ALA C 22 -25.19 -2.06 -19.76
CA ALA C 22 -26.62 -2.37 -19.75
C ALA C 22 -26.92 -3.52 -18.81
N ARG C 23 -26.14 -4.61 -18.93
CA ARG C 23 -26.40 -5.77 -18.09
C ARG C 23 -26.25 -5.44 -16.61
N SER C 24 -25.34 -4.53 -16.26
CA SER C 24 -25.16 -4.18 -14.86
C SER C 24 -26.28 -3.26 -14.37
N LEU C 25 -26.58 -2.21 -15.15
CA LEU C 25 -27.57 -1.24 -14.70
C LEU C 25 -28.96 -1.85 -14.59
N LEU C 26 -29.32 -2.76 -15.50
CA LEU C 26 -30.67 -3.31 -15.47
C LEU C 26 -30.96 -4.01 -14.15
N GLN C 27 -29.94 -4.48 -13.45
CA GLN C 27 -30.13 -5.17 -12.19
C GLN C 27 -30.37 -4.23 -11.01
N ASN C 28 -30.58 -2.93 -11.27
CA ASN C 28 -30.86 -1.97 -10.22
C ASN C 28 -32.20 -1.29 -10.48
N PRO C 29 -33.23 -1.50 -9.64
CA PRO C 29 -34.55 -0.92 -9.93
C PRO C 29 -34.57 0.60 -9.93
N GLU C 30 -33.53 1.28 -9.42
CA GLU C 30 -33.51 2.74 -9.45
C GLU C 30 -33.28 3.27 -10.86
N PHE C 31 -32.89 2.40 -11.80
CA PHE C 31 -32.51 2.80 -13.14
C PHE C 31 -33.40 2.08 -14.16
N HIS C 32 -33.69 2.78 -15.25
CA HIS C 32 -34.36 2.23 -16.43
C HIS C 32 -33.40 2.36 -17.59
N VAL C 33 -33.09 1.25 -18.24
CA VAL C 33 -32.09 1.21 -19.30
C VAL C 33 -32.75 1.46 -20.66
N ARG C 34 -32.25 2.46 -21.39
CA ARG C 34 -32.62 2.68 -22.78
C ARG C 34 -31.39 2.39 -23.63
N CYS C 35 -31.30 1.18 -24.19
CA CYS C 35 -30.23 0.86 -25.10
C CYS C 35 -30.42 1.60 -26.41
N ILE C 36 -29.32 2.06 -27.02
CA ILE C 36 -29.37 2.71 -28.32
C ILE C 36 -28.56 1.87 -29.30
N THR C 37 -29.13 1.62 -30.47
CA THR C 37 -28.47 0.82 -31.50
C THR C 37 -28.91 1.35 -32.86
N ARG C 38 -28.13 1.02 -33.88
CA ARG C 38 -28.51 1.37 -35.25
C ARG C 38 -29.55 0.43 -35.82
N ASP C 39 -29.64 -0.80 -35.33
CA ASP C 39 -30.50 -1.82 -35.90
C ASP C 39 -31.12 -2.63 -34.76
N THR C 40 -32.41 -2.42 -34.50
CA THR C 40 -33.09 -3.19 -33.47
C THR C 40 -33.33 -4.63 -33.88
N SER C 41 -33.22 -4.93 -35.17
CA SER C 41 -33.38 -6.29 -35.67
C SER C 41 -32.08 -7.08 -35.58
N SER C 42 -31.01 -6.45 -35.10
CA SER C 42 -29.72 -7.12 -34.98
C SER C 42 -29.79 -8.34 -34.08
N ILE C 43 -28.90 -9.29 -34.34
CA ILE C 43 -28.80 -10.47 -33.49
C ILE C 43 -28.52 -10.06 -32.04
N LYS C 44 -27.55 -9.17 -31.84
CA LYS C 44 -27.21 -8.73 -30.49
C LYS C 44 -28.35 -7.91 -29.87
N ALA C 45 -29.01 -7.06 -30.66
CA ALA C 45 -30.13 -6.28 -30.16
C ALA C 45 -31.23 -7.18 -29.59
N LYS C 46 -31.50 -8.31 -30.25
CA LYS C 46 -32.56 -9.17 -29.76
C LYS C 46 -32.15 -9.81 -28.45
N GLU C 47 -30.87 -10.13 -28.29
CA GLU C 47 -30.39 -10.61 -27.00
C GLU C 47 -30.66 -9.58 -25.90
N LEU C 48 -30.43 -8.28 -26.17
CA LEU C 48 -30.70 -7.19 -25.18
C LEU C 48 -32.23 -7.10 -24.94
N LYS C 49 -33.05 -7.36 -25.96
CA LYS C 49 -34.54 -7.26 -25.86
C LYS C 49 -35.05 -8.48 -25.05
N GLU C 50 -34.27 -9.56 -24.93
CA GLU C 50 -34.63 -10.78 -24.13
C GLU C 50 -34.32 -10.50 -22.64
N LEU C 51 -33.44 -9.54 -22.31
CA LEU C 51 -33.17 -9.16 -20.94
C LEU C 51 -34.23 -8.21 -20.39
N GLY C 52 -35.19 -7.81 -21.22
CA GLY C 52 -36.22 -6.90 -20.78
C GLY C 52 -35.77 -5.46 -20.79
N ILE C 53 -35.03 -5.06 -21.80
CA ILE C 53 -34.43 -3.72 -21.89
C ILE C 53 -35.10 -2.95 -23.00
N GLU C 54 -35.42 -1.68 -22.72
CA GLU C 54 -35.96 -0.79 -23.73
C GLU C 54 -34.92 -0.55 -24.82
N ILE C 55 -35.33 -0.66 -26.06
CA ILE C 55 -34.43 -0.60 -27.22
C ILE C 55 -34.88 0.54 -28.12
N VAL C 56 -33.97 1.46 -28.40
CA VAL C 56 -34.24 2.51 -29.36
C VAL C 56 -33.26 2.37 -30.53
N GLN C 57 -33.76 2.64 -31.73
CA GLN C 57 -32.94 2.59 -32.95
C GLN C 57 -32.59 4.02 -33.32
N ALA C 58 -31.30 4.32 -33.42
CA ALA C 58 -30.84 5.65 -33.81
C ALA C 58 -29.39 5.53 -34.23
N ASP C 59 -28.94 6.51 -35.02
CA ASP C 59 -27.56 6.57 -35.49
C ASP C 59 -26.89 7.79 -34.87
N GLY C 60 -25.71 7.57 -34.27
CA GLY C 60 -25.00 8.66 -33.62
C GLY C 60 -24.59 9.77 -34.56
N ASN C 61 -24.41 9.45 -35.84
CA ASN C 61 -24.03 10.46 -36.83
C ASN C 61 -25.18 11.38 -37.20
N ASP C 62 -26.37 11.16 -36.63
CA ASP C 62 -27.56 11.98 -36.85
C ASP C 62 -27.86 12.74 -35.57
N PRO C 63 -27.30 13.94 -35.38
CA PRO C 63 -27.44 14.61 -34.07
C PRO C 63 -28.88 14.88 -33.65
N THR C 64 -29.75 15.28 -34.59
CA THR C 64 -31.14 15.56 -34.24
C THR C 64 -31.89 14.28 -33.86
N ALA C 65 -31.73 13.22 -34.67
CA ALA C 65 -32.38 11.96 -34.34
C ALA C 65 -31.89 11.41 -33.01
N ALA C 67 -30.57 13.23 -30.51
CA ALA C 67 -31.13 14.09 -29.48
C ALA C 67 -32.55 13.66 -29.15
N THR C 68 -33.34 13.35 -30.18
CA THR C 68 -34.73 12.93 -29.97
C THR C 68 -34.81 11.57 -29.27
N ALA C 69 -33.82 10.72 -29.50
CA ALA C 69 -33.82 9.44 -28.83
C ALA C 69 -33.33 9.50 -27.37
N LEU C 70 -32.57 10.54 -26.99
CA LEU C 70 -32.04 10.78 -25.60
C LEU C 70 -32.99 11.73 -24.86
N LYS C 71 -34.16 12.10 -25.42
CA LYS C 71 -35.09 13.10 -24.78
C LYS C 71 -35.73 12.40 -23.57
N GLY C 72 -35.36 12.73 -22.32
CA GLY C 72 -35.93 12.15 -21.07
C GLY C 72 -34.89 11.37 -20.26
N SER C 73 -33.63 11.25 -20.73
CA SER C 73 -32.59 10.47 -20.04
C SER C 73 -32.00 11.24 -18.85
N TRP C 74 -31.93 10.58 -17.69
CA TRP C 74 -31.23 11.14 -16.55
C TRP C 74 -29.72 11.01 -16.72
N GLY C 75 -29.25 9.93 -17.35
CA GLY C 75 -27.84 9.77 -17.61
C GLY C 75 -27.59 9.10 -18.94
N ILE C 76 -26.34 9.17 -19.38
CA ILE C 76 -25.96 8.50 -20.62
C ILE C 76 -24.53 7.98 -20.49
N PHE C 77 -24.32 6.75 -20.95
CA PHE C 77 -22.99 6.19 -21.14
C PHE C 77 -22.63 6.21 -22.62
N ILE C 78 -21.49 6.80 -22.96
CA ILE C 78 -21.11 7.03 -24.35
C ILE C 78 -19.80 6.29 -24.66
N ASN C 79 -19.76 5.66 -25.84
CA ASN C 79 -18.56 5.01 -26.35
C ASN C 79 -18.58 5.07 -27.88
N ASN C 80 -17.44 4.75 -28.49
CA ASN C 80 -17.28 4.73 -29.94
C ASN C 80 -16.90 3.31 -30.38
N GLY C 81 -16.49 3.18 -31.64
CA GLY C 81 -16.20 1.89 -32.24
C GLY C 81 -14.74 1.71 -32.61
N TYR C 82 -14.39 0.46 -32.93
CA TYR C 82 -13.02 0.11 -33.27
C TYR C 82 -12.57 0.66 -34.61
N THR C 83 -13.49 1.04 -35.48
CA THR C 83 -13.19 1.52 -36.81
C THR C 83 -13.45 3.03 -36.85
N LEU C 84 -12.44 3.82 -37.17
CA LEU C 84 -12.59 5.26 -37.30
C LEU C 84 -12.76 5.61 -38.77
N THR C 85 -13.65 6.56 -39.05
CA THR C 85 -13.83 7.04 -40.41
C THR C 85 -12.54 7.71 -40.88
N PRO C 86 -12.30 7.73 -42.20
CA PRO C 86 -11.07 8.41 -42.69
C PRO C 86 -10.91 9.84 -42.18
N ALA C 87 -12.01 10.60 -42.16
CA ALA C 87 -11.97 11.97 -41.65
C ALA C 87 -11.49 12.00 -40.22
N VAL C 88 -12.02 11.09 -39.40
CA VAL C 88 -11.60 11.02 -38.00
C VAL C 88 -10.14 10.55 -37.89
N GLN C 89 -9.72 9.58 -38.71
CA GLN C 89 -8.31 9.06 -38.66
C GLN C 89 -7.36 10.20 -39.06
N ASN C 90 -7.83 11.20 -39.84
CA ASN C 90 -7.00 12.33 -40.35
C ASN C 90 -7.11 13.57 -39.43
N GLY C 91 -7.61 13.45 -38.18
CA GLY C 91 -7.59 14.57 -37.19
C GLY C 91 -8.94 15.27 -37.00
N LYS C 92 -9.98 14.97 -37.79
CA LYS C 92 -11.34 15.55 -37.59
C LYS C 92 -11.95 14.73 -36.43
N TYR C 93 -11.51 14.92 -35.19
CA TYR C 93 -11.95 14.09 -34.02
C TYR C 93 -13.38 14.50 -33.62
N GLU C 94 -13.87 15.69 -33.99
CA GLU C 94 -15.23 16.11 -33.69
C GLU C 94 -16.26 15.33 -34.50
N GLU C 95 -15.85 14.62 -35.55
CA GLU C 95 -16.78 13.89 -36.40
C GLU C 95 -17.00 12.47 -35.94
N ASP C 96 -16.26 12.00 -34.93
CA ASP C 96 -16.48 10.67 -34.38
C ASP C 96 -17.90 10.57 -33.82
N PHE C 97 -18.56 9.43 -34.09
CA PHE C 97 -19.97 9.33 -33.71
C PHE C 97 -20.13 9.40 -32.20
N GLY C 98 -19.17 8.88 -31.43
CA GLY C 98 -19.25 9.03 -29.98
C GLY C 98 -19.27 10.48 -29.54
N ASN C 99 -18.41 11.29 -30.13
CA ASN C 99 -18.34 12.70 -29.77
C ASN C 99 -19.59 13.45 -30.21
N VAL C 100 -20.12 13.08 -31.38
CA VAL C 100 -21.38 13.66 -31.81
C VAL C 100 -22.49 13.31 -30.84
N ILE C 101 -22.53 12.05 -30.39
CA ILE C 101 -23.55 11.65 -29.43
C ILE C 101 -23.42 12.47 -28.15
N LEU C 102 -22.19 12.72 -27.70
CA LEU C 102 -22.02 13.52 -26.49
C LEU C 102 -22.60 14.93 -26.68
N GLN C 103 -22.33 15.54 -27.82
CA GLN C 103 -22.89 16.87 -28.08
C GLN C 103 -24.41 16.83 -28.15
N SER C 104 -24.96 15.78 -28.78
CA SER C 104 -26.41 15.63 -28.83
C SER C 104 -27.00 15.50 -27.44
N ALA C 105 -26.29 14.78 -26.56
CA ALA C 105 -26.74 14.63 -25.18
C ALA C 105 -26.77 15.99 -24.48
N ALA C 106 -25.78 16.83 -24.77
CA ALA C 106 -25.82 18.19 -24.24
C ALA C 106 -27.08 18.92 -24.70
N GLU C 107 -27.42 18.82 -26.00
CA GLU C 107 -28.63 19.50 -26.48
C GLU C 107 -29.90 18.88 -25.89
N ALA C 108 -29.94 17.55 -25.73
CA ALA C 108 -31.12 16.91 -25.14
C ALA C 108 -31.25 17.21 -23.67
N GLY C 109 -30.24 17.84 -23.07
CA GLY C 109 -30.30 18.21 -21.67
C GLY C 109 -30.01 17.10 -20.69
N VAL C 110 -29.41 16.00 -21.15
CA VAL C 110 -29.03 14.90 -20.26
C VAL C 110 -28.06 15.45 -19.23
N PRO C 111 -28.34 15.31 -17.93
CA PRO C 111 -27.51 15.99 -16.94
C PRO C 111 -26.26 15.23 -16.52
N HIS C 112 -26.25 13.90 -16.63
CA HIS C 112 -25.16 13.08 -16.13
C HIS C 112 -24.61 12.20 -17.25
N VAL C 113 -23.29 12.27 -17.43
CA VAL C 113 -22.60 11.59 -18.51
C VAL C 113 -21.46 10.76 -17.95
N VAL C 114 -21.34 9.53 -18.44
CA VAL C 114 -20.14 8.72 -18.25
C VAL C 114 -19.60 8.41 -19.63
N PHE C 115 -18.38 8.86 -19.90
CA PHE C 115 -17.82 8.89 -21.25
C PHE C 115 -16.59 7.99 -21.28
N SER C 116 -16.60 7.00 -22.18
CA SER C 116 -15.43 6.16 -22.37
C SER C 116 -14.35 6.99 -23.06
N SER C 117 -13.19 7.11 -22.44
CA SER C 117 -12.18 8.08 -22.85
C SER C 117 -10.81 7.42 -22.91
N GLN C 118 -9.85 8.17 -23.46
CA GLN C 118 -8.45 7.78 -23.52
C GLN C 118 -7.62 9.04 -23.52
N PRO C 119 -6.35 8.97 -23.12
CA PRO C 119 -5.50 10.15 -23.14
C PRO C 119 -5.17 10.55 -24.57
N SER C 120 -4.84 11.83 -24.74
CA SER C 120 -4.38 12.35 -26.03
C SER C 120 -2.86 12.35 -26.02
N SER C 121 -2.26 11.49 -26.84
CA SER C 121 -0.80 11.50 -26.97
C SER C 121 -0.34 12.86 -27.49
N HIS C 122 -1.08 13.43 -28.44
CA HIS C 122 -0.73 14.75 -28.97
C HIS C 122 -0.72 15.81 -27.86
N ALA C 123 -1.77 15.83 -27.04
CA ALA C 123 -1.88 16.87 -26.02
C ALA C 123 -0.78 16.73 -24.97
N LEU C 124 -0.42 15.51 -24.62
CA LEU C 124 0.55 15.29 -23.55
C LEU C 124 2.00 15.39 -24.01
N SER C 125 2.28 15.16 -25.29
CA SER C 125 3.64 15.11 -25.81
C SER C 125 4.04 16.39 -26.53
N GLY C 126 3.22 17.44 -26.44
CA GLY C 126 3.52 18.68 -27.14
C GLY C 126 3.52 18.58 -28.65
N GLY C 127 2.71 17.65 -29.22
CA GLY C 127 2.52 17.55 -30.69
C GLY C 127 3.48 16.60 -31.39
N LYS C 128 4.51 16.05 -30.70
CA LYS C 128 5.54 15.18 -31.35
C LYS C 128 4.96 13.77 -31.53
N PHE C 129 3.78 13.44 -30.96
CA PHE C 129 3.08 12.15 -31.18
C PHE C 129 1.63 12.41 -31.64
N ASN C 130 1.02 11.46 -32.32
CA ASN C 130 -0.36 11.51 -32.83
C ASN C 130 -0.89 10.07 -32.95
N THR C 131 -1.83 9.72 -32.07
CA THR C 131 -2.39 8.37 -31.99
C THR C 131 -3.91 8.56 -32.03
N PRO C 132 -4.49 8.66 -33.22
CA PRO C 132 -5.93 9.00 -33.31
C PRO C 132 -6.82 8.03 -32.54
N VAL C 133 -6.44 6.75 -32.48
CA VAL C 133 -7.27 5.75 -31.81
C VAL C 133 -7.58 6.18 -30.38
N LEU C 134 -6.62 6.83 -29.72
CA LEU C 134 -6.79 7.38 -28.38
C LEU C 134 -7.25 8.83 -28.41
N ASP C 135 -6.65 9.63 -29.30
CA ASP C 135 -6.84 11.08 -29.23
C ASP C 135 -8.27 11.49 -29.58
N VAL C 136 -8.98 10.72 -30.40
CA VAL C 136 -10.37 11.07 -30.70
C VAL C 136 -11.22 11.04 -29.44
N LYS C 137 -11.08 9.97 -28.66
CA LYS C 137 -11.82 9.87 -27.40
C LYS C 137 -11.36 10.94 -26.44
N ALA C 138 -10.06 11.27 -26.46
CA ALA C 138 -9.59 12.37 -25.62
C ALA C 138 -10.26 13.69 -26.02
N TRP C 139 -10.50 13.91 -27.32
CA TRP C 139 -11.23 15.09 -27.76
C TRP C 139 -12.65 15.11 -27.16
N GLY C 140 -13.33 13.98 -27.24
CA GLY C 140 -14.64 13.95 -26.61
C GLY C 140 -14.59 14.29 -25.13
N GLU C 141 -13.54 13.86 -24.43
CA GLU C 141 -13.34 14.16 -22.98
C GLU C 141 -13.12 15.66 -22.78
N SER C 142 -12.45 16.34 -23.71
CA SER C 142 -12.11 17.79 -23.58
C SER C 142 -13.40 18.57 -23.76
N TRP C 143 -14.30 18.10 -24.62
CA TRP C 143 -15.59 18.78 -24.92
C TRP C 143 -16.52 18.61 -23.70
N GLY C 144 -16.58 17.40 -23.13
CA GLY C 144 -17.47 17.10 -22.03
C GLY C 144 -17.03 17.82 -20.78
N ARG C 145 -15.72 17.88 -20.53
CA ARG C 145 -15.23 18.58 -19.35
C ARG C 145 -15.54 20.07 -19.45
N ALA C 146 -15.45 20.64 -20.65
CA ALA C 146 -15.67 22.09 -20.76
C ALA C 146 -17.14 22.47 -20.87
N CYS C 147 -18.03 21.51 -21.12
CA CYS C 147 -19.44 21.85 -21.37
C CYS C 147 -20.17 22.30 -20.11
N PRO C 148 -20.77 23.49 -20.11
CA PRO C 148 -21.51 23.95 -18.91
C PRO C 148 -22.86 23.30 -18.76
N THR C 149 -23.34 22.57 -19.77
CA THR C 149 -24.68 22.00 -19.72
C THR C 149 -24.78 20.84 -18.73
N PHE C 150 -23.78 19.95 -18.71
CA PHE C 150 -23.83 18.75 -17.87
C PHE C 150 -23.71 19.06 -16.38
N GLN C 151 -24.51 18.35 -15.57
CA GLN C 151 -24.37 18.31 -14.09
C GLN C 151 -23.21 17.40 -13.65
N SER C 152 -22.91 16.37 -14.44
CA SER C 152 -21.76 15.50 -14.19
C SER C 152 -21.24 14.96 -15.52
N PHE C 153 -19.91 14.92 -15.63
CA PHE C 153 -19.23 14.29 -16.75
C PHE C 153 -18.03 13.53 -16.18
N THR C 154 -18.08 12.21 -16.24
CA THR C 154 -17.02 11.37 -15.68
C THR C 154 -16.37 10.56 -16.81
N PRO C 155 -15.07 10.74 -17.07
CA PRO C 155 -14.41 9.90 -18.08
C PRO C 155 -13.99 8.57 -17.45
N ILE C 156 -14.27 7.48 -18.17
CA ILE C 156 -13.86 6.13 -17.79
C ILE C 156 -12.97 5.59 -18.88
N ALA C 158 -10.91 2.39 -20.44
CA ALA C 158 -10.87 0.93 -20.42
C ALA C 158 -9.44 0.43 -20.55
N SER C 159 -9.13 -0.65 -19.84
CA SER C 159 -7.86 -1.33 -20.01
C SER C 159 -7.95 -2.28 -21.20
N TRP C 160 -6.85 -2.98 -21.48
CA TRP C 160 -6.91 -4.10 -22.41
C TRP C 160 -7.91 -5.13 -21.89
N TYR C 161 -8.82 -5.58 -22.76
CA TYR C 161 -9.71 -6.67 -22.39
C TYR C 161 -8.89 -7.95 -22.26
N PHE C 162 -9.19 -8.75 -21.23
CA PHE C 162 -8.69 -10.13 -21.24
C PHE C 162 -9.18 -10.85 -22.49
N GLN C 163 -10.38 -10.52 -22.96
CA GLN C 163 -11.00 -11.18 -24.10
C GLN C 163 -10.25 -10.91 -25.40
N ASN C 164 -9.28 -9.98 -25.39
CA ASN C 164 -8.40 -9.83 -26.54
C ASN C 164 -7.65 -11.11 -26.84
N PHE C 165 -7.48 -11.99 -25.85
CA PHE C 165 -6.84 -13.28 -26.12
C PHE C 165 -7.68 -14.17 -27.04
N PHE C 166 -8.95 -13.86 -27.25
CA PHE C 166 -9.79 -14.63 -28.16
C PHE C 166 -9.79 -14.12 -29.59
N ILE C 167 -9.17 -12.98 -29.87
CA ILE C 167 -9.07 -12.45 -31.23
C ILE C 167 -7.96 -13.20 -31.96
N PRO C 168 -8.24 -13.85 -33.10
CA PRO C 168 -7.19 -14.68 -33.72
C PRO C 168 -5.94 -13.90 -34.15
N SER C 169 -6.11 -12.70 -34.70
CA SER C 169 -4.97 -11.89 -35.05
C SER C 169 -4.19 -11.50 -33.81
N PHE C 170 -4.83 -11.44 -32.63
CA PHE C 170 -4.04 -11.23 -31.42
C PHE C 170 -3.02 -12.34 -31.26
N VAL C 171 -3.45 -13.59 -31.46
CA VAL C 171 -2.52 -14.73 -31.34
C VAL C 171 -1.46 -14.64 -32.43
N ALA C 172 -1.86 -14.20 -33.61
CA ALA C 172 -0.90 -14.10 -34.71
C ALA C 172 0.17 -13.07 -34.40
N GLU C 173 -0.24 -11.93 -33.86
CA GLU C 173 0.64 -10.76 -33.80
C GLU C 173 1.66 -10.85 -32.68
N PHE C 174 1.22 -11.13 -31.47
CA PHE C 174 2.04 -10.99 -30.28
C PHE C 174 2.63 -12.31 -29.80
N GLY C 175 3.15 -13.10 -30.72
CA GLY C 175 3.70 -14.39 -30.37
C GLY C 175 2.58 -15.41 -30.26
N GLY C 176 2.96 -16.66 -30.07
CA GLY C 176 1.96 -17.71 -29.96
C GLY C 176 1.05 -17.56 -28.75
N PHE C 177 1.48 -16.81 -27.74
CA PHE C 177 0.72 -16.71 -26.51
C PHE C 177 -0.69 -16.19 -26.81
N PRO C 178 -1.73 -16.74 -26.15
CA PRO C 178 -1.64 -17.84 -25.19
C PRO C 178 -2.14 -19.23 -25.64
N TRP C 179 -2.29 -19.46 -26.94
CA TRP C 179 -2.85 -20.71 -27.42
C TRP C 179 -1.90 -21.51 -28.29
N ASN C 180 -1.07 -20.87 -29.11
CA ASN C 180 -0.20 -21.57 -30.06
C ASN C 180 1.23 -21.56 -29.55
N GLN C 181 1.74 -22.73 -29.17
CA GLN C 181 3.15 -22.85 -28.76
C GLN C 181 4.07 -22.89 -29.96
N ASP C 182 5.31 -22.45 -29.75
CA ASP C 182 6.30 -22.35 -30.82
C ASP C 182 7.27 -23.53 -30.79
N ASP C 183 8.35 -23.41 -31.59
CA ASP C 183 9.26 -24.53 -31.81
C ASP C 183 9.90 -24.98 -30.50
N GLU C 184 10.26 -24.03 -29.64
CA GLU C 184 10.91 -24.38 -28.38
C GLU C 184 9.91 -24.82 -27.32
N GLY C 185 8.66 -25.06 -27.71
CA GLY C 185 7.65 -25.57 -26.81
C GLY C 185 7.05 -24.56 -25.88
N TYR C 186 7.16 -23.27 -26.20
CA TYR C 186 6.72 -22.20 -25.31
C TYR C 186 5.49 -21.49 -25.86
N LEU C 187 4.56 -21.16 -24.96
CA LEU C 187 3.54 -20.16 -25.25
C LEU C 187 4.21 -18.81 -25.03
N THR C 188 4.65 -18.18 -26.13
CA THR C 188 5.52 -17.03 -26.06
C THR C 188 4.74 -15.75 -26.34
N LEU C 189 4.89 -14.75 -25.48
CA LEU C 189 4.28 -13.44 -25.65
C LEU C 189 5.36 -12.44 -26.05
N ARG C 190 5.11 -11.70 -27.14
CA ARG C 190 6.09 -10.76 -27.68
C ARG C 190 5.44 -9.38 -27.81
N LEU C 191 5.82 -8.48 -26.91
CA LEU C 191 5.28 -7.12 -26.88
C LEU C 191 6.35 -6.18 -26.35
N PRO C 192 6.37 -4.92 -26.77
CA PRO C 192 7.31 -3.96 -26.18
C PRO C 192 6.98 -3.72 -24.72
N PRO C 193 7.97 -3.39 -23.90
CA PRO C 193 7.67 -3.04 -22.50
C PRO C 193 6.74 -1.85 -22.41
N LEU C 194 5.92 -1.83 -21.36
CA LEU C 194 5.06 -0.66 -21.13
C LEU C 194 5.87 0.52 -20.65
N GLY C 195 6.92 0.28 -19.87
CA GLY C 195 7.71 1.32 -19.25
C GLY C 195 7.51 1.36 -17.75
N GLY C 196 8.42 2.08 -17.09
CA GLY C 196 8.36 2.18 -15.64
C GLY C 196 8.44 0.81 -15.00
N ASN C 197 7.55 0.56 -14.04
CA ASN C 197 7.54 -0.69 -13.29
C ASN C 197 6.64 -1.74 -13.92
N GLU C 198 6.36 -1.62 -15.22
CA GLU C 198 5.58 -2.62 -15.95
C GLU C 198 4.24 -2.89 -15.27
N GLU C 199 3.52 -1.80 -14.97
CA GLU C 199 2.19 -1.89 -14.36
C GLU C 199 1.13 -1.91 -15.45
N VAL C 200 1.05 -3.04 -16.14
CA VAL C 200 0.14 -3.19 -17.27
C VAL C 200 -1.26 -3.41 -16.73
N PRO C 201 -2.25 -2.57 -17.07
CA PRO C 201 -3.62 -2.83 -16.60
C PRO C 201 -4.40 -3.73 -17.54
N TRP C 202 -5.19 -4.61 -16.94
CA TRP C 202 -6.05 -5.54 -17.67
C TRP C 202 -7.42 -5.54 -17.00
N ILE C 203 -8.47 -5.81 -17.79
CA ILE C 203 -9.81 -5.96 -17.24
C ILE C 203 -10.59 -7.02 -18.00
N CYS C 204 -11.45 -7.74 -17.27
CA CYS C 204 -12.48 -8.58 -17.89
C CYS C 204 -13.65 -7.65 -18.22
N ILE C 205 -13.75 -7.24 -19.47
CA ILE C 205 -14.71 -6.20 -19.83
C ILE C 205 -16.12 -6.62 -19.48
N ASP C 206 -16.45 -7.89 -19.75
CA ASP C 206 -17.83 -8.36 -19.67
C ASP C 206 -18.38 -8.21 -18.26
N GLU C 207 -17.67 -8.75 -17.27
CA GLU C 207 -18.21 -8.87 -15.93
C GLU C 207 -18.02 -7.62 -15.07
N ASP C 208 -17.03 -6.79 -15.38
CA ASP C 208 -16.62 -5.71 -14.48
C ASP C 208 -16.88 -4.30 -15.02
N PHE C 209 -16.70 -4.06 -16.32
CA PHE C 209 -16.77 -2.69 -16.81
C PHE C 209 -18.12 -2.04 -16.47
N GLY C 210 -19.20 -2.75 -16.78
CA GLY C 210 -20.52 -2.20 -16.53
C GLY C 210 -20.74 -1.86 -15.06
N ASP C 211 -20.26 -2.73 -14.17
CA ASP C 211 -20.38 -2.45 -12.75
C ASP C 211 -19.61 -1.21 -12.34
N LEU C 212 -18.48 -0.94 -13.00
CA LEU C 212 -17.76 0.29 -12.68
C LEU C 212 -18.58 1.52 -13.09
N VAL C 213 -19.14 1.49 -14.30
CA VAL C 213 -19.99 2.61 -14.73
C VAL C 213 -21.19 2.76 -13.80
N HIS C 214 -21.78 1.62 -13.40
CA HIS C 214 -22.89 1.60 -12.45
C HIS C 214 -22.50 2.29 -11.15
N GLY C 215 -21.32 1.95 -10.63
CA GLY C 215 -20.88 2.58 -9.39
C GLY C 215 -20.74 4.08 -9.55
N ILE C 216 -20.28 4.53 -10.72
CA ILE C 216 -20.22 5.98 -10.93
C ILE C 216 -21.61 6.57 -10.86
N PHE C 217 -22.57 5.95 -11.55
CA PHE C 217 -23.93 6.50 -11.57
C PHE C 217 -24.60 6.43 -10.20
N LEU C 218 -24.07 5.62 -9.29
CA LEU C 218 -24.64 5.58 -7.94
C LEU C 218 -24.43 6.90 -7.19
N ASN C 219 -23.41 7.67 -7.57
CA ASN C 219 -23.14 8.98 -6.94
C ASN C 219 -22.38 9.84 -7.94
N PRO C 220 -23.06 10.27 -9.00
CA PRO C 220 -22.34 10.94 -10.10
C PRO C 220 -21.56 12.18 -9.69
N ALA C 221 -22.05 12.93 -8.70
CA ALA C 221 -21.38 14.18 -8.33
C ALA C 221 -19.97 13.91 -7.81
N ARG C 222 -19.79 12.82 -7.07
CA ARG C 222 -18.48 12.53 -6.50
C ARG C 222 -17.43 12.21 -7.55
N TRP C 223 -17.85 11.77 -8.74
CA TRP C 223 -16.92 11.32 -9.76
C TRP C 223 -16.81 12.28 -10.93
N SER C 224 -17.55 13.38 -10.91
CA SER C 224 -17.54 14.31 -12.05
C SER C 224 -16.15 14.88 -12.26
N LYS C 225 -15.71 14.90 -13.52
CA LYS C 225 -14.44 15.49 -13.94
C LYS C 225 -13.24 14.84 -13.27
N ARG C 226 -13.42 13.63 -12.72
CA ARG C 226 -12.35 12.86 -12.12
C ARG C 226 -12.24 11.56 -12.90
N THR C 227 -11.15 11.39 -13.64
CA THR C 227 -11.00 10.22 -14.48
C THR C 227 -11.03 8.93 -13.65
N VAL C 228 -11.73 7.94 -14.17
CA VAL C 228 -11.83 6.61 -13.58
C VAL C 228 -11.11 5.64 -14.51
N GLN C 229 -10.19 4.85 -13.96
CA GLN C 229 -9.46 3.85 -14.71
C GLN C 229 -10.15 2.50 -14.50
N ALA C 230 -10.64 1.90 -15.59
CA ALA C 230 -11.35 0.63 -15.51
C ALA C 230 -10.30 -0.48 -15.53
N VAL C 231 -9.85 -0.87 -14.34
CA VAL C 231 -8.75 -1.81 -14.18
C VAL C 231 -9.19 -2.92 -13.25
N GLY C 232 -9.04 -4.16 -13.71
CA GLY C 232 -9.36 -5.32 -12.90
C GLY C 232 -8.11 -5.91 -12.30
N ASP C 233 -7.00 -5.81 -13.03
CA ASP C 233 -5.73 -6.34 -12.54
C ASP C 233 -4.61 -5.49 -13.11
N ILE C 234 -3.51 -5.45 -12.36
CA ILE C 234 -2.30 -4.74 -12.76
C ILE C 234 -1.13 -5.72 -12.62
N LEU C 235 -0.51 -6.07 -13.73
CA LEU C 235 0.64 -6.96 -13.70
C LEU C 235 1.41 -6.81 -14.99
N SER C 236 2.70 -7.14 -14.95
CA SER C 236 3.55 -7.06 -16.12
C SER C 236 3.26 -8.22 -17.07
N TYR C 237 3.74 -8.07 -18.31
CA TYR C 237 3.59 -9.13 -19.29
C TYR C 237 4.25 -10.42 -18.79
N GLY C 238 5.44 -10.32 -18.19
CA GLY C 238 6.10 -11.50 -17.67
C GLY C 238 5.34 -12.17 -16.55
N ASP C 239 4.78 -11.37 -15.63
CA ASP C 239 3.95 -11.95 -14.57
C ASP C 239 2.71 -12.60 -15.16
N LEU C 240 2.13 -11.99 -16.20
CA LEU C 240 1.01 -12.62 -16.90
C LEU C 240 1.40 -14.02 -17.38
N CYS C 241 2.58 -14.14 -17.98
CA CYS C 241 2.98 -15.43 -18.52
C CYS C 241 3.22 -16.46 -17.42
N THR C 242 3.90 -16.07 -16.34
CA THR C 242 4.14 -17.02 -15.26
C THR C 242 2.83 -17.44 -14.58
N THR C 243 1.91 -16.50 -14.43
CA THR C 243 0.60 -16.84 -13.86
C THR C 243 -0.16 -17.81 -14.75
N PHE C 244 -0.18 -17.54 -16.07
CA PHE C 244 -0.82 -18.47 -16.99
C PHE C 244 -0.20 -19.86 -16.88
N ALA C 245 1.12 -19.93 -16.83
CA ALA C 245 1.79 -21.22 -16.74
C ALA C 245 1.41 -21.95 -15.45
N ASP C 246 1.36 -21.23 -14.33
CA ASP C 246 0.98 -21.88 -13.08
C ASP C 246 -0.43 -22.43 -13.16
N VAL C 247 -1.36 -21.66 -13.73
CA VAL C 247 -2.75 -22.10 -13.78
C VAL C 247 -2.89 -23.31 -14.70
N THR C 248 -2.40 -23.19 -15.93
CA THR C 248 -2.61 -24.19 -16.97
C THR C 248 -1.55 -25.28 -16.98
N GLN C 249 -0.44 -25.08 -16.27
CA GLN C 249 0.70 -26.00 -16.32
C GLN C 249 1.20 -26.20 -17.75
N ARG C 250 1.08 -25.17 -18.57
CA ARG C 250 1.65 -25.14 -19.91
C ARG C 250 2.75 -24.09 -19.93
N LYS C 251 3.92 -24.47 -20.44
CA LYS C 251 5.06 -23.58 -20.45
C LYS C 251 4.76 -22.29 -21.21
N ALA C 252 5.13 -21.15 -20.62
CA ALA C 252 4.94 -19.86 -21.25
C ALA C 252 6.08 -18.93 -20.87
N ARG C 253 6.32 -17.94 -21.72
CA ARG C 253 7.43 -17.01 -21.51
C ARG C 253 7.12 -15.68 -22.21
N TYR C 254 7.83 -14.64 -21.76
CA TYR C 254 7.72 -13.29 -22.33
C TYR C 254 9.07 -12.85 -22.86
N ILE C 255 9.12 -12.48 -24.14
CA ILE C 255 10.31 -11.97 -24.79
C ILE C 255 10.00 -10.57 -25.32
N PRO C 256 10.48 -9.52 -24.65
CA PRO C 256 10.09 -8.16 -25.06
C PRO C 256 10.64 -7.77 -26.43
N TYR C 257 9.89 -6.89 -27.11
CA TYR C 257 10.39 -6.16 -28.26
C TYR C 257 11.05 -4.89 -27.74
N TYR C 258 12.35 -5.01 -27.41
CA TYR C 258 13.06 -3.88 -26.84
C TYR C 258 13.27 -2.76 -27.85
N ASP C 259 13.47 -3.12 -29.12
CA ASP C 259 13.70 -2.13 -30.18
C ASP C 259 12.43 -2.00 -30.99
N LEU C 260 11.80 -0.82 -30.94
CA LEU C 260 10.56 -0.62 -31.68
C LEU C 260 10.79 -0.69 -33.18
N ASP C 261 12.00 -0.33 -33.64
CA ASP C 261 12.28 -0.40 -35.07
C ASP C 261 12.49 -1.83 -35.54
N ASP C 262 12.90 -2.73 -34.64
CA ASP C 262 13.26 -4.10 -34.99
C ASP C 262 12.11 -5.07 -34.80
N PRO C 264 8.92 -7.06 -36.42
CA PRO C 264 8.65 -7.52 -37.79
C PRO C 264 7.64 -6.63 -38.49
N ALA C 265 7.96 -6.25 -39.74
CA ALA C 265 6.97 -5.64 -40.63
C ALA C 265 5.91 -6.65 -41.04
N ASP C 266 6.14 -7.94 -40.80
CA ASP C 266 5.15 -8.97 -41.05
C ASP C 266 3.88 -8.76 -40.23
N ARG C 267 3.95 -7.97 -39.15
CA ARG C 267 2.88 -7.81 -38.18
C ARG C 267 2.30 -6.40 -38.23
N PRO C 268 1.15 -6.13 -38.92
CA PRO C 268 0.65 -4.74 -39.10
C PRO C 268 0.02 -4.12 -37.84
N TYR C 269 -0.28 -4.93 -36.80
CA TYR C 269 -0.87 -4.45 -35.51
C TYR C 269 0.28 -3.97 -34.61
N LEU C 270 1.54 -4.36 -34.88
CA LEU C 270 2.74 -3.89 -34.12
C LEU C 270 3.19 -2.56 -34.75
N GLN C 271 3.08 -2.39 -36.07
CA GLN C 271 3.61 -1.25 -36.75
C GLN C 271 2.70 -0.05 -36.58
N GLU C 272 1.38 -0.26 -36.62
CA GLU C 272 0.49 0.87 -36.41
C GLU C 272 0.41 1.31 -34.95
N SER C 273 0.70 0.42 -34.01
CA SER C 273 0.71 0.72 -32.59
C SER C 273 2.03 1.28 -32.08
N ARG C 274 3.02 1.49 -32.96
CA ARG C 274 4.39 1.94 -32.56
C ARG C 274 4.33 3.34 -31.92
N GLN C 275 3.37 4.23 -32.26
CA GLN C 275 3.25 5.54 -31.57
C GLN C 275 2.58 5.42 -30.21
N VAL C 276 1.59 4.53 -30.08
CA VAL C 276 1.00 4.27 -28.77
C VAL C 276 2.06 3.70 -27.82
N PHE C 277 2.82 2.72 -28.29
CA PHE C 277 3.83 2.11 -27.44
C PHE C 277 4.91 3.11 -27.02
N ALA C 278 5.34 3.96 -27.96
CA ALA C 278 6.34 4.98 -27.66
C ALA C 278 5.80 6.00 -26.66
N PHE C 279 4.54 6.43 -26.84
CA PHE C 279 3.95 7.36 -25.90
C PHE C 279 3.85 6.75 -24.51
N TYR C 280 3.44 5.48 -24.43
CA TYR C 280 3.38 4.82 -23.13
C TYR C 280 4.76 4.73 -22.49
N GLN C 281 5.76 4.32 -23.26
CA GLN C 281 7.13 4.23 -22.73
C GLN C 281 7.63 5.59 -22.27
N ARG C 283 5.93 7.88 -21.12
CA ARG C 283 5.20 8.17 -19.88
C ARG C 283 5.55 7.22 -18.75
N ASP C 284 6.64 6.48 -18.89
CA ASP C 284 7.09 5.52 -17.86
C ASP C 284 5.99 4.53 -17.52
N GLY C 285 5.17 4.16 -18.51
CA GLY C 285 4.12 3.20 -18.32
C GLY C 285 2.82 3.77 -17.79
N GLU C 286 2.78 5.06 -17.46
CA GLU C 286 1.56 5.71 -16.98
C GLU C 286 0.64 5.98 -18.18
N LEU C 287 0.08 4.89 -18.69
CA LEU C 287 -0.63 4.94 -19.97
C LEU C 287 -1.92 5.74 -19.93
N PHE C 288 -2.48 6.01 -18.75
CA PHE C 288 -3.74 6.75 -18.68
C PHE C 288 -3.55 8.25 -18.63
N GLY C 289 -2.36 8.72 -18.25
CA GLY C 289 -1.98 10.12 -18.39
C GLY C 289 -2.40 11.04 -17.26
N ASN C 290 -3.37 10.64 -16.44
CA ASN C 290 -3.85 11.53 -15.38
C ASN C 290 -3.12 11.35 -14.06
N GLY C 291 -2.51 10.19 -13.85
CA GLY C 291 -1.90 9.89 -12.57
C GLY C 291 -1.47 8.44 -12.54
N ILE C 292 -1.04 7.99 -11.35
CA ILE C 292 -0.52 6.63 -11.26
C ILE C 292 -1.62 5.65 -11.63
N THR C 293 -1.23 4.52 -12.22
CA THR C 293 -2.18 3.45 -12.50
C THR C 293 -2.52 2.74 -11.20
N GLU C 294 -3.82 2.69 -10.88
CA GLU C 294 -4.31 2.11 -9.63
C GLU C 294 -5.68 1.50 -9.92
N LYS C 295 -5.95 0.36 -9.31
CA LYS C 295 -7.26 -0.29 -9.43
C LYS C 295 -8.09 -0.19 -8.16
N ARG C 296 -7.64 0.58 -7.16
CA ARG C 296 -8.42 0.74 -5.93
C ARG C 296 -9.80 1.30 -6.22
N THR C 297 -9.85 2.36 -7.02
CA THR C 297 -11.12 2.99 -7.36
C THR C 297 -12.06 2.00 -8.05
N ALA C 298 -11.53 1.21 -8.99
CA ALA C 298 -12.34 0.21 -9.66
C ALA C 298 -12.92 -0.78 -8.66
N SER C 299 -12.12 -1.22 -7.68
CA SER C 299 -12.56 -2.19 -6.62
C SER C 299 -13.59 -1.52 -5.70
N LEU C 300 -13.58 -0.19 -5.59
CA LEU C 300 -14.58 0.60 -4.78
C LEU C 300 -15.86 0.76 -5.61
N LEU C 301 -15.76 0.88 -6.95
CA LEU C 301 -16.94 1.08 -7.86
C LEU C 301 -17.61 -0.29 -8.10
N LYS C 302 -16.88 -1.41 -8.06
CA LYS C 302 -17.47 -2.74 -8.19
C LYS C 302 -18.24 -3.14 -6.94
N ALA C 303 -17.65 -2.92 -5.76
CA ALA C 303 -18.34 -3.27 -4.52
C ALA C 303 -19.62 -2.46 -4.36
N ALA C 304 -19.58 -1.18 -4.72
CA ALA C 304 -20.75 -0.34 -4.60
C ALA C 304 -21.88 -0.82 -5.52
N ALA C 305 -21.54 -1.19 -6.75
CA ALA C 305 -22.55 -1.75 -7.64
C ALA C 305 -23.10 -3.07 -7.11
N PHE C 306 -22.21 -3.90 -6.56
CA PHE C 306 -22.62 -5.15 -5.92
C PHE C 306 -23.68 -4.89 -4.86
N GLN C 307 -23.44 -3.92 -3.98
CA GLN C 307 -24.43 -3.60 -2.97
C GLN C 307 -25.69 -3.01 -3.59
N ALA C 308 -25.53 -2.04 -4.49
CA ALA C 308 -26.68 -1.39 -5.11
C ALA C 308 -27.51 -2.40 -5.87
N LYS C 309 -26.93 -3.47 -6.44
CA LYS C 309 -27.67 -4.52 -7.22
C LYS C 309 -28.43 -5.47 -6.28
N GLY C 310 -28.18 -5.44 -4.96
CA GLY C 310 -28.82 -6.33 -3.96
C GLY C 310 -27.87 -7.42 -3.50
N GLN C 311 -26.57 -7.13 -3.37
CA GLN C 311 -25.52 -8.16 -3.09
C GLN C 311 -25.67 -9.24 -4.17
N LYS C 312 -26.03 -8.86 -5.40
CA LYS C 312 -26.22 -9.79 -6.54
C LYS C 312 -24.87 -9.89 -7.26
N GLY C 313 -24.55 -11.04 -7.84
CA GLY C 313 -23.31 -11.19 -8.63
C GLY C 313 -22.07 -11.22 -7.75
N ARG C 314 -20.93 -10.71 -8.24
CA ARG C 314 -19.62 -10.74 -7.56
C ARG C 314 -19.20 -9.40 -6.99
N GLU C 315 -18.54 -9.43 -5.82
CA GLU C 315 -18.09 -8.19 -5.15
C GLU C 315 -16.71 -7.71 -5.58
N THR C 316 -15.90 -8.55 -6.22
CA THR C 316 -14.53 -8.19 -6.56
C THR C 316 -14.30 -8.35 -8.06
N LEU C 317 -13.34 -7.60 -8.59
CA LEU C 317 -13.01 -7.69 -10.01
C LEU C 317 -12.24 -8.96 -10.31
N ILE C 318 -12.32 -9.38 -11.57
CA ILE C 318 -11.68 -10.62 -12.01
C ILE C 318 -10.19 -10.37 -12.24
N THR C 319 -9.35 -11.16 -11.58
CA THR C 319 -7.92 -11.09 -11.80
C THR C 319 -7.52 -11.96 -13.01
N ALA C 320 -6.29 -11.75 -13.46
CA ALA C 320 -5.77 -12.57 -14.56
C ALA C 320 -5.72 -14.05 -14.18
N ARG C 321 -5.27 -14.36 -12.95
CA ARG C 321 -5.22 -15.75 -12.54
C ARG C 321 -6.60 -16.39 -12.63
N GLU C 322 -7.62 -15.70 -12.12
CA GLU C 322 -8.97 -16.23 -12.15
C GLU C 322 -9.49 -16.36 -13.58
N TRP C 323 -9.21 -15.37 -14.42
CA TRP C 323 -9.66 -15.45 -15.80
C TRP C 323 -9.05 -16.65 -16.51
N PHE C 324 -7.76 -16.90 -16.29
CA PHE C 324 -7.15 -18.09 -16.86
C PHE C 324 -7.75 -19.37 -16.28
N GLU C 325 -8.02 -19.40 -14.97
CA GLU C 325 -8.62 -20.60 -14.30
C GLU C 325 -10.03 -20.84 -14.88
N ARG C 326 -10.76 -19.77 -15.24
CA ARG C 326 -12.17 -19.84 -15.73
C ARG C 326 -12.22 -20.04 -17.25
N HIS C 327 -11.21 -19.60 -18.02
CA HIS C 327 -11.22 -19.59 -19.51
C HIS C 327 -10.17 -20.54 -20.13
N CYS C 328 -9.31 -21.27 -19.37
CA CYS C 328 -8.28 -22.11 -20.01
C CYS C 328 -8.26 -23.52 -19.44
N ILE D 5 28.06 3.81 27.03
CA ILE D 5 28.90 3.41 25.90
C ILE D 5 28.82 1.89 25.83
N LYS D 6 28.22 1.40 24.74
CA LYS D 6 27.87 0.00 24.58
C LYS D 6 28.80 -0.70 23.60
N THR D 7 29.39 -1.82 24.05
CA THR D 7 30.27 -2.63 23.22
C THR D 7 29.49 -3.71 22.49
N ILE D 8 29.80 -3.89 21.21
CA ILE D 8 29.13 -4.87 20.36
C ILE D 8 30.19 -5.72 19.66
N SER D 9 30.17 -7.02 19.91
CA SER D 9 30.99 -7.96 19.16
C SER D 9 30.31 -8.32 17.84
N VAL D 10 31.11 -8.39 16.79
CA VAL D 10 30.63 -8.64 15.43
C VAL D 10 31.30 -9.90 14.90
N ILE D 11 30.51 -10.97 14.77
CA ILE D 11 30.99 -12.18 14.11
C ILE D 11 31.06 -11.95 12.60
N GLY D 12 32.00 -12.62 11.96
CA GLY D 12 32.14 -12.51 10.51
C GLY D 12 32.45 -11.13 10.03
N ALA D 13 33.15 -10.33 10.83
CA ALA D 13 33.45 -8.96 10.42
C ALA D 13 34.28 -8.92 9.15
N THR D 14 35.07 -9.96 8.90
CA THR D 14 35.82 -10.06 7.65
C THR D 14 34.94 -10.48 6.48
N GLY D 15 33.69 -10.87 6.73
CA GLY D 15 32.80 -11.32 5.68
C GLY D 15 31.83 -10.24 5.24
N GLN D 16 30.87 -10.66 4.40
CA GLN D 16 29.96 -9.70 3.78
C GLN D 16 29.00 -9.11 4.81
N GLN D 17 28.25 -9.98 5.51
CA GLN D 17 27.25 -9.52 6.47
C GLN D 17 27.92 -8.82 7.64
N GLY D 18 28.81 -9.52 8.35
CA GLY D 18 29.48 -8.91 9.48
C GLY D 18 30.31 -7.70 9.10
N GLY D 19 30.87 -7.71 7.89
CA GLY D 19 31.60 -6.54 7.44
C GLY D 19 30.71 -5.31 7.33
N SER D 20 29.53 -5.48 6.71
CA SER D 20 28.60 -4.36 6.63
C SER D 20 28.18 -3.91 8.03
N VAL D 21 27.95 -4.86 8.93
CA VAL D 21 27.55 -4.51 10.29
C VAL D 21 28.63 -3.68 10.96
N ALA D 22 29.89 -4.11 10.86
CA ALA D 22 30.98 -3.39 11.51
C ALA D 22 31.11 -1.98 10.95
N ARG D 23 31.14 -1.86 9.62
CA ARG D 23 31.31 -0.54 9.02
C ARG D 23 30.15 0.38 9.37
N SER D 24 28.94 -0.16 9.51
CA SER D 24 27.80 0.69 9.86
C SER D 24 27.86 1.11 11.33
N LEU D 25 28.10 0.15 12.22
CA LEU D 25 28.11 0.46 13.65
C LEU D 25 29.22 1.43 14.02
N LEU D 26 30.37 1.33 13.34
CA LEU D 26 31.51 2.18 13.71
C LEU D 26 31.16 3.66 13.64
N GLN D 27 30.22 4.03 12.79
CA GLN D 27 29.83 5.43 12.61
C GLN D 27 28.86 5.94 13.68
N ASN D 28 28.65 5.19 14.75
CA ASN D 28 27.82 5.66 15.86
C ASN D 28 28.66 5.69 17.12
N PRO D 29 28.99 6.87 17.66
CA PRO D 29 29.92 6.91 18.81
C PRO D 29 29.38 6.21 20.05
N GLU D 30 28.08 5.93 20.13
CA GLU D 30 27.52 5.26 21.29
C GLU D 30 27.88 3.78 21.33
N PHE D 31 28.40 3.24 20.23
CA PHE D 31 28.68 1.82 20.09
C PHE D 31 30.18 1.69 19.84
N HIS D 32 30.79 0.66 20.42
CA HIS D 32 32.18 0.31 20.16
C HIS D 32 32.21 -1.07 19.54
N VAL D 33 32.81 -1.17 18.36
CA VAL D 33 32.82 -2.39 17.58
C VAL D 33 34.02 -3.24 17.95
N ARG D 34 33.76 -4.48 18.36
CA ARG D 34 34.79 -5.49 18.56
C ARG D 34 34.59 -6.58 17.50
N CYS D 35 35.34 -6.50 16.42
CA CYS D 35 35.26 -7.55 15.39
C CYS D 35 35.88 -8.84 15.91
N ILE D 36 35.29 -9.97 15.52
CA ILE D 36 35.82 -11.29 15.86
C ILE D 36 36.19 -12.00 14.58
N THR D 37 37.39 -12.57 14.54
CA THR D 37 37.88 -13.29 13.37
C THR D 37 38.81 -14.40 13.83
N ARG D 38 39.00 -15.38 12.96
CA ARG D 38 39.98 -16.43 13.23
C ARG D 38 41.40 -16.01 12.92
N ASP D 39 41.60 -15.03 12.03
CA ASP D 39 42.93 -14.66 11.53
C ASP D 39 43.00 -13.14 11.43
N THR D 40 43.70 -12.54 12.39
CA THR D 40 43.86 -11.09 12.44
C THR D 40 44.86 -10.55 11.43
N SER D 41 45.70 -11.40 10.84
CA SER D 41 46.67 -10.97 9.85
C SER D 41 46.10 -10.96 8.43
N SER D 42 44.86 -11.40 8.25
CA SER D 42 44.24 -11.44 6.94
C SER D 42 44.14 -10.06 6.31
N ILE D 43 44.07 -10.05 4.98
CA ILE D 43 43.85 -8.81 4.25
C ILE D 43 42.60 -8.10 4.74
N LYS D 44 41.49 -8.85 4.83
CA LYS D 44 40.24 -8.24 5.29
C LYS D 44 40.37 -7.79 6.74
N ALA D 45 41.05 -8.60 7.55
CA ALA D 45 41.33 -8.19 8.92
C ALA D 45 42.10 -6.89 8.96
N LYS D 46 43.11 -6.75 8.09
CA LYS D 46 43.86 -5.50 8.14
C LYS D 46 43.01 -4.34 7.65
N GLU D 47 42.13 -4.57 6.66
CA GLU D 47 41.23 -3.51 6.21
C GLU D 47 40.35 -3.02 7.34
N LEU D 48 39.83 -3.94 8.14
CA LEU D 48 39.05 -3.53 9.31
C LEU D 48 39.91 -2.75 10.28
N LYS D 49 41.18 -3.17 10.43
CA LYS D 49 42.09 -2.44 11.33
C LYS D 49 42.36 -1.03 10.83
N GLU D 50 42.47 -0.85 9.51
CA GLU D 50 42.77 0.47 8.95
C GLU D 50 41.67 1.49 9.25
N LEU D 51 40.45 1.04 9.49
CA LEU D 51 39.36 1.93 9.87
C LEU D 51 39.37 2.26 11.35
N GLY D 52 40.29 1.68 12.13
CA GLY D 52 40.31 1.93 13.55
C GLY D 52 39.34 1.11 14.35
N ILE D 53 39.19 -0.17 14.00
CA ILE D 53 38.25 -1.07 14.66
C ILE D 53 39.04 -2.08 15.45
N GLU D 54 38.63 -2.31 16.70
CA GLU D 54 39.29 -3.33 17.51
C GLU D 54 39.02 -4.70 16.91
N ILE D 55 40.08 -5.49 16.77
CA ILE D 55 40.01 -6.81 16.16
C ILE D 55 40.57 -7.82 17.15
N VAL D 56 39.72 -8.77 17.55
CA VAL D 56 40.10 -9.85 18.45
C VAL D 56 40.08 -11.16 17.67
N GLN D 57 41.01 -12.05 18.01
CA GLN D 57 41.13 -13.35 17.35
C GLN D 57 40.50 -14.43 18.22
N ALA D 58 39.56 -15.17 17.64
CA ALA D 58 38.92 -16.29 18.32
C ALA D 58 38.26 -17.16 17.26
N ASP D 59 38.04 -18.42 17.62
CA ASP D 59 37.42 -19.39 16.73
C ASP D 59 36.06 -19.79 17.31
N GLY D 60 35.02 -19.73 16.49
CA GLY D 60 33.70 -20.09 16.96
C GLY D 60 33.59 -21.52 17.44
N ASN D 61 34.46 -22.40 16.93
CA ASN D 61 34.42 -23.81 17.33
C ASN D 61 34.98 -24.02 18.72
N ASP D 62 35.51 -22.97 19.33
CA ASP D 62 36.06 -23.05 20.68
C ASP D 62 35.19 -22.27 21.65
N PRO D 63 34.18 -22.90 22.28
CA PRO D 63 33.27 -22.12 23.16
C PRO D 63 33.99 -21.40 24.28
N THR D 64 35.01 -22.05 24.84
CA THR D 64 35.81 -21.45 25.91
C THR D 64 36.58 -20.20 25.45
N ALA D 65 37.28 -20.29 24.32
CA ALA D 65 37.96 -19.09 23.84
C ALA D 65 36.98 -17.98 23.51
N ALA D 67 33.85 -17.39 24.61
CA ALA D 67 33.34 -16.80 25.84
C ALA D 67 34.32 -15.78 26.38
N THR D 68 35.62 -16.11 26.38
CA THR D 68 36.55 -15.10 26.89
C THR D 68 36.61 -13.86 26.00
N ALA D 69 36.46 -14.04 24.68
CA ALA D 69 36.57 -12.88 23.79
C ALA D 69 35.32 -12.01 23.76
N LEU D 70 34.17 -12.53 24.15
CA LEU D 70 32.95 -11.74 24.17
C LEU D 70 32.75 -10.97 25.47
N LYS D 71 33.57 -11.20 26.49
CA LYS D 71 33.30 -10.63 27.81
C LYS D 71 33.20 -9.11 27.72
N GLY D 72 32.17 -8.56 28.35
CA GLY D 72 31.96 -7.13 28.36
C GLY D 72 31.16 -6.60 27.19
N SER D 73 30.72 -7.46 26.28
CA SER D 73 29.94 -7.02 25.14
C SER D 73 28.52 -6.70 25.57
N TRP D 74 28.02 -5.53 25.19
CA TRP D 74 26.62 -5.19 25.40
C TRP D 74 25.73 -5.91 24.40
N GLY D 75 26.22 -6.08 23.17
CA GLY D 75 25.48 -6.80 22.15
C GLY D 75 26.41 -7.59 21.26
N ILE D 76 25.81 -8.48 20.48
CA ILE D 76 26.58 -9.27 19.53
C ILE D 76 25.75 -9.54 18.30
N PHE D 77 26.38 -9.40 17.14
CA PHE D 77 25.82 -9.88 15.89
C PHE D 77 26.46 -11.21 15.54
N ILE D 78 25.63 -12.22 15.25
CA ILE D 78 26.09 -13.58 15.01
C ILE D 78 25.74 -13.97 13.59
N ASN D 79 26.69 -14.63 12.92
CA ASN D 79 26.50 -15.17 11.59
C ASN D 79 27.36 -16.42 11.47
N ASN D 80 27.12 -17.19 10.43
CA ASN D 80 27.88 -18.41 10.16
C ASN D 80 28.49 -18.28 8.76
N GLY D 81 29.02 -19.38 8.24
CA GLY D 81 29.70 -19.38 6.97
C GLY D 81 29.02 -20.27 5.93
N TYR D 82 29.48 -20.13 4.69
CA TYR D 82 28.95 -20.94 3.60
C TYR D 82 29.31 -22.41 3.76
N THR D 83 30.25 -22.71 4.64
CA THR D 83 30.83 -24.03 4.77
C THR D 83 30.28 -24.75 5.99
N LEU D 84 29.62 -25.88 5.76
CA LEU D 84 29.16 -26.76 6.82
C LEU D 84 30.05 -28.00 6.89
N THR D 85 30.40 -28.40 8.11
CA THR D 85 31.13 -29.63 8.32
C THR D 85 30.24 -30.81 7.95
N PRO D 86 30.83 -31.97 7.62
CA PRO D 86 29.97 -33.14 7.35
C PRO D 86 29.00 -33.41 8.48
N ALA D 87 29.46 -33.27 9.73
CA ALA D 87 28.58 -33.48 10.87
C ALA D 87 27.42 -32.50 10.85
N VAL D 88 27.70 -31.21 10.59
CA VAL D 88 26.63 -30.23 10.52
C VAL D 88 25.71 -30.52 9.35
N GLN D 89 26.29 -30.86 8.21
CA GLN D 89 25.50 -31.21 7.04
C GLN D 89 24.52 -32.32 7.33
N ASN D 90 24.86 -33.22 8.24
CA ASN D 90 24.08 -34.42 8.45
C ASN D 90 23.18 -34.31 9.67
N GLY D 91 22.83 -33.10 10.07
CA GLY D 91 21.84 -32.91 11.09
C GLY D 91 22.28 -32.39 12.45
N LYS D 92 23.56 -32.36 12.79
CA LYS D 92 23.97 -31.87 14.11
C LYS D 92 24.26 -30.38 14.10
N TYR D 93 23.17 -29.64 13.89
CA TYR D 93 23.22 -28.19 13.78
C TYR D 93 23.79 -27.53 15.03
N GLU D 94 23.78 -28.20 16.19
CA GLU D 94 24.38 -27.60 17.37
C GLU D 94 25.88 -27.35 17.20
N GLU D 95 26.52 -27.98 16.22
CA GLU D 95 27.96 -27.84 16.03
C GLU D 95 28.36 -26.75 15.04
N ASP D 96 27.40 -26.13 14.35
CA ASP D 96 27.75 -25.01 13.48
C ASP D 96 28.38 -23.90 14.31
N PHE D 97 29.47 -23.31 13.81
CA PHE D 97 30.22 -22.36 14.63
C PHE D 97 29.37 -21.15 15.01
N GLY D 98 28.40 -20.76 14.18
CA GLY D 98 27.49 -19.69 14.56
C GLY D 98 26.67 -20.02 15.79
N ASN D 99 26.09 -21.22 15.81
CA ASN D 99 25.26 -21.61 16.96
C ASN D 99 26.12 -21.82 18.20
N VAL D 100 27.34 -22.33 18.02
CA VAL D 100 28.27 -22.43 19.15
C VAL D 100 28.55 -21.03 19.71
N ILE D 101 28.76 -20.06 18.82
CA ILE D 101 28.98 -18.69 19.29
C ILE D 101 27.77 -18.20 20.06
N LEU D 102 26.55 -18.52 19.61
CA LEU D 102 25.36 -18.08 20.32
C LEU D 102 25.33 -18.63 21.74
N GLN D 103 25.63 -19.92 21.88
CA GLN D 103 25.68 -20.52 23.21
C GLN D 103 26.80 -19.89 24.05
N SER D 104 27.94 -19.60 23.43
CA SER D 104 29.02 -18.93 24.14
C SER D 104 28.60 -17.56 24.63
N ALA D 105 27.84 -16.82 23.81
CA ALA D 105 27.36 -15.51 24.21
C ALA D 105 26.44 -15.62 25.41
N ALA D 106 25.58 -16.63 25.42
CA ALA D 106 24.77 -16.88 26.61
C ALA D 106 25.65 -17.14 27.82
N GLU D 107 26.72 -17.92 27.64
CA GLU D 107 27.62 -18.22 28.75
C GLU D 107 28.30 -16.95 29.28
N ALA D 108 28.74 -16.08 28.38
CA ALA D 108 29.42 -14.84 28.74
C ALA D 108 28.47 -13.77 29.25
N GLY D 109 27.15 -13.99 29.18
CA GLY D 109 26.22 -13.01 29.68
C GLY D 109 25.95 -11.84 28.76
N VAL D 110 26.30 -11.95 27.48
CA VAL D 110 25.96 -10.88 26.54
C VAL D 110 24.44 -10.71 26.52
N PRO D 111 23.90 -9.51 26.76
CA PRO D 111 22.45 -9.41 26.94
C PRO D 111 21.63 -9.25 25.66
N HIS D 112 22.22 -8.73 24.60
CA HIS D 112 21.49 -8.39 23.38
C HIS D 112 22.12 -9.08 22.19
N VAL D 113 21.30 -9.82 21.43
CA VAL D 113 21.76 -10.64 20.32
C VAL D 113 20.97 -10.31 19.06
N VAL D 114 21.68 -10.20 17.95
CA VAL D 114 21.09 -10.15 16.61
C VAL D 114 21.68 -11.32 15.83
N PHE D 115 20.82 -12.23 15.35
CA PHE D 115 21.24 -13.51 14.82
C PHE D 115 20.84 -13.61 13.34
N SER D 116 21.82 -13.88 12.48
CA SER D 116 21.54 -14.12 11.06
C SER D 116 20.86 -15.48 10.93
N SER D 117 19.66 -15.49 10.35
CA SER D 117 18.82 -16.68 10.40
C SER D 117 18.15 -16.94 9.06
N GLN D 118 17.51 -18.11 8.99
CA GLN D 118 16.68 -18.53 7.88
C GLN D 118 15.66 -19.52 8.42
N PRO D 119 14.53 -19.70 7.76
CA PRO D 119 13.55 -20.69 8.23
C PRO D 119 14.05 -22.10 8.02
N SER D 120 13.49 -23.04 8.78
CA SER D 120 13.77 -24.46 8.61
C SER D 120 12.73 -25.04 7.66
N SER D 121 13.17 -25.41 6.45
CA SER D 121 12.27 -26.06 5.50
C SER D 121 11.73 -27.37 6.07
N HIS D 122 12.59 -28.13 6.74
CA HIS D 122 12.15 -29.38 7.35
C HIS D 122 11.05 -29.12 8.36
N ALA D 123 11.24 -28.12 9.23
CA ALA D 123 10.25 -27.85 10.27
C ALA D 123 8.94 -27.34 9.69
N LEU D 124 9.01 -26.56 8.61
CA LEU D 124 7.81 -25.97 8.03
C LEU D 124 7.08 -26.90 7.07
N SER D 125 7.77 -27.90 6.52
CA SER D 125 7.20 -28.77 5.49
C SER D 125 6.76 -30.11 6.06
N GLY D 126 6.73 -30.26 7.37
CA GLY D 126 6.37 -31.53 7.96
C GLY D 126 7.32 -32.65 7.63
N GLY D 127 8.60 -32.32 7.39
CA GLY D 127 9.60 -33.32 7.10
C GLY D 127 9.86 -33.55 5.64
N LYS D 128 9.00 -33.06 4.75
CA LYS D 128 9.15 -33.35 3.33
C LYS D 128 10.49 -32.86 2.81
N PHE D 129 10.93 -31.69 3.26
CA PHE D 129 12.13 -31.05 2.73
C PHE D 129 13.22 -31.02 3.79
N ASN D 130 14.47 -31.10 3.33
CA ASN D 130 15.63 -31.01 4.21
C ASN D 130 16.68 -30.14 3.54
N THR D 131 16.91 -28.94 4.09
CA THR D 131 17.84 -27.97 3.52
C THR D 131 18.77 -27.43 4.61
N PRO D 132 19.88 -28.12 4.87
CA PRO D 132 20.75 -27.67 5.98
C PRO D 132 21.23 -26.24 5.87
N VAL D 133 21.42 -25.72 4.66
CA VAL D 133 21.92 -24.35 4.51
C VAL D 133 21.00 -23.37 5.24
N LEU D 134 19.70 -23.64 5.26
CA LEU D 134 18.75 -22.83 6.01
C LEU D 134 18.49 -23.38 7.41
N ASP D 135 18.29 -24.70 7.51
CA ASP D 135 17.82 -25.29 8.76
C ASP D 135 18.86 -25.17 9.87
N VAL D 136 20.15 -25.15 9.50
CA VAL D 136 21.19 -25.00 10.51
C VAL D 136 21.03 -23.66 11.23
N LYS D 137 20.81 -22.58 10.47
CA LYS D 137 20.59 -21.28 11.09
C LYS D 137 19.29 -21.26 11.88
N ALA D 138 18.26 -21.94 11.36
CA ALA D 138 17.00 -22.00 12.11
C ALA D 138 17.19 -22.64 13.48
N TRP D 139 18.11 -23.60 13.59
CA TRP D 139 18.40 -24.21 14.89
C TRP D 139 18.84 -23.15 15.90
N GLY D 140 19.80 -22.32 15.49
CA GLY D 140 20.22 -21.22 16.35
C GLY D 140 19.09 -20.27 16.66
N GLU D 141 18.21 -20.02 15.68
CA GLU D 141 17.10 -19.12 15.94
C GLU D 141 16.22 -19.63 17.06
N SER D 142 15.85 -20.91 17.01
CA SER D 142 15.00 -21.45 18.07
C SER D 142 15.73 -21.45 19.42
N TRP D 143 17.02 -21.81 19.41
CA TRP D 143 17.77 -21.83 20.66
C TRP D 143 17.80 -20.45 21.32
N GLY D 144 18.08 -19.42 20.52
CA GLY D 144 18.12 -18.07 21.06
C GLY D 144 16.75 -17.58 21.50
N ARG D 145 15.71 -17.96 20.76
CA ARG D 145 14.36 -17.57 21.13
C ARG D 145 13.98 -18.15 22.49
N ALA D 146 14.41 -19.39 22.75
CA ALA D 146 14.06 -20.06 24.00
C ALA D 146 15.02 -19.73 25.15
N CYS D 147 16.18 -19.15 24.88
CA CYS D 147 17.18 -18.93 25.93
C CYS D 147 16.73 -17.86 26.91
N PRO D 148 16.64 -18.16 28.21
CA PRO D 148 16.21 -17.13 29.18
C PRO D 148 17.30 -16.14 29.55
N THR D 149 18.55 -16.40 29.19
CA THR D 149 19.64 -15.52 29.62
C THR D 149 19.62 -14.18 28.90
N PHE D 150 19.33 -14.19 27.59
CA PHE D 150 19.40 -12.97 26.81
C PHE D 150 18.32 -11.99 27.27
N GLN D 151 18.68 -10.70 27.26
CA GLN D 151 17.66 -9.66 27.43
C GLN D 151 16.87 -9.45 26.14
N SER D 152 17.54 -9.58 24.99
CA SER D 152 16.87 -9.49 23.70
C SER D 152 17.56 -10.42 22.72
N PHE D 153 16.76 -11.08 21.88
CA PHE D 153 17.28 -11.93 20.80
C PHE D 153 16.44 -11.66 19.57
N THR D 154 17.04 -11.07 18.54
CA THR D 154 16.32 -10.69 17.32
C THR D 154 16.90 -11.41 16.12
N PRO D 155 16.11 -12.21 15.40
CA PRO D 155 16.61 -12.82 14.16
C PRO D 155 16.46 -11.89 12.96
N ILE D 156 17.51 -11.83 12.15
CA ILE D 156 17.52 -11.07 10.90
C ILE D 156 17.76 -12.05 9.76
N ALA D 158 18.49 -12.50 5.71
CA ALA D 158 18.99 -11.83 4.52
C ALA D 158 18.32 -12.37 3.27
N SER D 159 18.06 -11.47 2.31
CA SER D 159 17.59 -11.86 1.00
C SER D 159 18.76 -12.30 0.13
N TRP D 160 18.46 -12.64 -1.13
CA TRP D 160 19.53 -12.84 -2.11
C TRP D 160 20.36 -11.56 -2.19
N TYR D 161 21.69 -11.70 -2.10
CA TYR D 161 22.55 -10.53 -2.37
C TYR D 161 22.50 -10.20 -3.85
N PHE D 162 22.45 -8.90 -4.18
CA PHE D 162 22.72 -8.51 -5.56
C PHE D 162 24.11 -8.97 -5.99
N GLN D 163 25.05 -9.02 -5.06
CA GLN D 163 26.42 -9.39 -5.37
C GLN D 163 26.55 -10.84 -5.81
N ASN D 164 25.49 -11.64 -5.68
CA ASN D 164 25.50 -12.97 -6.29
C ASN D 164 25.68 -12.88 -7.80
N PHE D 165 25.32 -11.74 -8.41
CA PHE D 165 25.56 -11.56 -9.84
C PHE D 165 27.04 -11.49 -10.16
N PHE D 166 27.89 -11.28 -9.16
CA PHE D 166 29.34 -11.26 -9.35
C PHE D 166 29.98 -12.62 -9.11
N ILE D 167 29.23 -13.60 -8.61
CA ILE D 167 29.76 -14.94 -8.40
C ILE D 167 29.79 -15.66 -9.74
N PRO D 168 30.95 -16.14 -10.19
CA PRO D 168 30.97 -16.78 -11.51
C PRO D 168 30.08 -18.01 -11.59
N SER D 169 29.99 -18.78 -10.51
CA SER D 169 29.15 -19.98 -10.51
C SER D 169 27.68 -19.62 -10.66
N PHE D 170 27.25 -18.51 -10.04
CA PHE D 170 25.88 -18.04 -10.23
C PHE D 170 25.64 -17.73 -11.70
N VAL D 171 26.58 -17.04 -12.34
CA VAL D 171 26.42 -16.72 -13.75
C VAL D 171 26.40 -18.00 -14.57
N ALA D 172 27.15 -19.01 -14.15
CA ALA D 172 27.20 -20.25 -14.91
C ALA D 172 25.84 -20.94 -14.89
N GLU D 173 25.26 -21.14 -13.71
CA GLU D 173 24.12 -22.03 -13.60
C GLU D 173 22.81 -21.42 -14.10
N PHE D 174 22.57 -20.13 -13.83
CA PHE D 174 21.26 -19.53 -14.02
C PHE D 174 21.16 -18.77 -15.33
N GLY D 175 21.73 -19.29 -16.40
CA GLY D 175 21.72 -18.60 -17.65
C GLY D 175 22.86 -17.59 -17.69
N GLY D 176 22.84 -16.73 -18.70
CA GLY D 176 23.90 -15.74 -18.84
C GLY D 176 23.74 -14.50 -17.98
N PHE D 177 22.54 -14.22 -17.52
CA PHE D 177 22.28 -12.95 -16.84
C PHE D 177 23.21 -12.77 -15.65
N PRO D 178 23.78 -11.56 -15.46
CA PRO D 178 23.64 -10.40 -16.35
C PRO D 178 24.88 -10.06 -17.19
N TRP D 179 25.79 -11.01 -17.37
CA TRP D 179 27.06 -10.74 -18.02
C TRP D 179 27.28 -11.47 -19.33
N ASN D 180 26.78 -12.70 -19.47
CA ASN D 180 27.06 -13.53 -20.63
C ASN D 180 25.89 -13.55 -21.59
N GLN D 181 26.10 -13.01 -22.78
CA GLN D 181 25.09 -13.03 -23.83
C GLN D 181 24.96 -14.44 -24.40
N ASP D 182 23.75 -14.79 -24.84
CA ASP D 182 23.51 -16.11 -25.39
C ASP D 182 23.45 -16.02 -26.91
N ASP D 183 23.06 -17.14 -27.55
CA ASP D 183 23.09 -17.20 -29.01
C ASP D 183 22.14 -16.20 -29.63
N GLU D 184 20.96 -16.03 -29.04
CA GLU D 184 19.97 -15.10 -29.57
C GLU D 184 20.20 -13.67 -29.11
N GLY D 185 21.35 -13.40 -28.50
CA GLY D 185 21.70 -12.05 -28.09
C GLY D 185 21.08 -11.57 -26.80
N TYR D 186 20.60 -12.47 -25.95
CA TYR D 186 19.91 -12.11 -24.72
C TYR D 186 20.75 -12.46 -23.51
N LEU D 187 20.73 -11.55 -22.52
CA LEU D 187 21.16 -11.87 -21.16
C LEU D 187 19.98 -12.59 -20.52
N THR D 188 20.06 -13.90 -20.45
CA THR D 188 18.92 -14.75 -20.09
C THR D 188 19.08 -15.24 -18.67
N LEU D 189 18.02 -15.09 -17.87
CA LEU D 189 17.95 -15.58 -16.52
C LEU D 189 17.04 -16.80 -16.47
N ARG D 190 17.54 -17.90 -15.90
CA ARG D 190 16.83 -19.18 -15.87
C ARG D 190 16.72 -19.60 -14.41
N LEU D 191 15.52 -19.49 -13.84
CA LEU D 191 15.32 -19.82 -12.44
C LEU D 191 13.91 -20.36 -12.26
N PRO D 192 13.68 -21.24 -11.28
CA PRO D 192 12.31 -21.67 -11.00
C PRO D 192 11.51 -20.54 -10.49
N PRO D 193 10.19 -20.49 -10.73
CA PRO D 193 9.35 -19.45 -10.13
C PRO D 193 9.44 -19.54 -8.61
N LEU D 194 9.36 -18.38 -7.96
CA LEU D 194 9.38 -18.37 -6.50
C LEU D 194 8.08 -18.91 -5.93
N GLY D 195 6.97 -18.66 -6.61
CA GLY D 195 5.65 -19.00 -6.14
C GLY D 195 4.83 -17.76 -5.79
N GLY D 196 3.54 -17.96 -5.66
CA GLY D 196 2.67 -16.83 -5.37
C GLY D 196 2.80 -15.78 -6.46
N ASN D 197 2.93 -14.52 -6.03
CA ASN D 197 3.02 -13.40 -6.95
C ASN D 197 4.46 -13.01 -7.29
N GLU D 198 5.40 -13.93 -7.13
CA GLU D 198 6.79 -13.69 -7.50
C GLU D 198 7.35 -12.44 -6.84
N GLU D 199 7.17 -12.35 -5.52
CA GLU D 199 7.71 -11.24 -4.74
C GLU D 199 9.11 -11.62 -4.26
N VAL D 200 10.05 -11.62 -5.22
CA VAL D 200 11.41 -12.06 -4.92
C VAL D 200 12.14 -10.95 -4.19
N PRO D 201 12.67 -11.20 -2.99
CA PRO D 201 13.43 -10.17 -2.28
C PRO D 201 14.92 -10.19 -2.60
N TRP D 202 15.50 -8.99 -2.70
CA TRP D 202 16.91 -8.81 -2.97
C TRP D 202 17.44 -7.69 -2.07
N ILE D 203 18.73 -7.76 -1.75
CA ILE D 203 19.39 -6.71 -0.98
C ILE D 203 20.82 -6.52 -1.46
N CYS D 204 21.27 -5.26 -1.41
CA CYS D 204 22.68 -4.93 -1.57
C CYS D 204 23.33 -5.11 -0.20
N ILE D 205 24.00 -6.26 -0.02
CA ILE D 205 24.49 -6.65 1.30
C ILE D 205 25.45 -5.61 1.86
N ASP D 206 26.29 -5.03 1.00
CA ASP D 206 27.34 -4.15 1.50
C ASP D 206 26.75 -2.91 2.18
N GLU D 207 25.85 -2.21 1.50
CA GLU D 207 25.45 -0.89 1.96
C GLU D 207 24.31 -0.92 2.97
N ASP D 208 23.48 -1.97 2.97
CA ASP D 208 22.21 -1.92 3.70
C ASP D 208 22.11 -2.87 4.88
N PHE D 209 22.56 -4.12 4.75
CA PHE D 209 22.32 -5.10 5.81
C PHE D 209 22.88 -4.60 7.15
N GLY D 210 24.10 -4.10 7.13
CA GLY D 210 24.69 -3.60 8.36
C GLY D 210 23.86 -2.49 8.97
N ASP D 211 23.32 -1.61 8.13
CA ASP D 211 22.45 -0.55 8.64
C ASP D 211 21.19 -1.12 9.28
N LEU D 212 20.67 -2.24 8.78
CA LEU D 212 19.50 -2.85 9.39
C LEU D 212 19.83 -3.40 10.78
N VAL D 213 20.97 -4.10 10.89
CA VAL D 213 21.38 -4.58 12.21
C VAL D 213 21.59 -3.41 13.16
N HIS D 214 22.21 -2.34 12.65
CA HIS D 214 22.41 -1.14 13.44
C HIS D 214 21.09 -0.60 13.96
N GLY D 215 20.09 -0.51 13.08
CA GLY D 215 18.79 -0.02 13.50
C GLY D 215 18.17 -0.90 14.56
N ILE D 216 18.38 -2.20 14.47
CA ILE D 216 17.88 -3.09 15.51
C ILE D 216 18.52 -2.75 16.85
N PHE D 217 19.84 -2.57 16.86
CA PHE D 217 20.51 -2.29 18.13
C PHE D 217 20.12 -0.96 18.73
N LEU D 218 19.49 -0.07 17.95
CA LEU D 218 19.01 1.20 18.50
C LEU D 218 17.86 1.02 19.49
N ASN D 219 17.11 -0.08 19.40
CA ASN D 219 15.99 -0.33 20.33
C ASN D 219 15.77 -1.84 20.43
N PRO D 220 16.69 -2.55 21.08
CA PRO D 220 16.61 -4.03 21.06
C PRO D 220 15.31 -4.58 21.63
N ALA D 221 14.72 -3.94 22.63
CA ALA D 221 13.52 -4.48 23.26
C ALA D 221 12.35 -4.55 22.28
N ARG D 222 12.23 -3.54 21.41
CA ARG D 222 11.11 -3.51 20.48
C ARG D 222 11.19 -4.58 19.40
N TRP D 223 12.39 -5.11 19.12
CA TRP D 223 12.55 -6.10 18.06
C TRP D 223 12.82 -7.50 18.58
N SER D 224 12.89 -7.70 19.89
CA SER D 224 13.22 -9.02 20.42
C SER D 224 12.19 -10.04 19.99
N LYS D 225 12.67 -11.20 19.55
CA LYS D 225 11.84 -12.32 19.14
C LYS D 225 10.95 -11.99 17.95
N ARG D 226 11.27 -10.92 17.22
CA ARG D 226 10.53 -10.52 16.02
C ARG D 226 11.47 -10.57 14.83
N THR D 227 11.24 -11.51 13.92
CA THR D 227 12.10 -11.65 12.76
C THR D 227 12.08 -10.38 11.91
N VAL D 228 13.26 -9.96 11.46
CA VAL D 228 13.44 -8.81 10.59
C VAL D 228 13.90 -9.32 9.24
N GLN D 229 13.23 -8.89 8.17
CA GLN D 229 13.58 -9.28 6.81
C GLN D 229 14.47 -8.22 6.20
N ALA D 230 15.70 -8.61 5.82
CA ALA D 230 16.69 -7.71 5.24
C ALA D 230 16.41 -7.65 3.75
N VAL D 231 15.58 -6.68 3.35
CA VAL D 231 15.08 -6.60 1.98
C VAL D 231 15.34 -5.18 1.48
N GLY D 232 16.00 -5.08 0.33
CA GLY D 232 16.23 -3.80 -0.30
C GLY D 232 15.25 -3.51 -1.41
N ASP D 233 14.84 -4.56 -2.12
CA ASP D 233 13.87 -4.43 -3.20
C ASP D 233 13.09 -5.73 -3.30
N ILE D 234 11.86 -5.62 -3.79
CA ILE D 234 10.98 -6.75 -4.00
C ILE D 234 10.47 -6.68 -5.43
N LEU D 235 10.83 -7.68 -6.23
CA LEU D 235 10.38 -7.73 -7.62
C LEU D 235 10.50 -9.15 -8.13
N SER D 236 9.81 -9.41 -9.23
CA SER D 236 9.86 -10.69 -9.91
C SER D 236 11.13 -10.80 -10.75
N TYR D 237 11.47 -12.04 -11.12
CA TYR D 237 12.62 -12.28 -11.98
C TYR D 237 12.48 -11.53 -13.31
N GLY D 238 11.27 -11.57 -13.90
CA GLY D 238 11.05 -10.86 -15.14
C GLY D 238 11.20 -9.36 -14.98
N ASP D 239 10.75 -8.82 -13.84
CA ASP D 239 10.98 -7.41 -13.56
C ASP D 239 12.46 -7.12 -13.47
N LEU D 240 13.24 -8.04 -12.88
CA LEU D 240 14.68 -7.87 -12.86
C LEU D 240 15.22 -7.71 -14.28
N CYS D 241 14.79 -8.58 -15.19
CA CYS D 241 15.34 -8.52 -16.54
C CYS D 241 14.89 -7.26 -17.29
N THR D 242 13.62 -6.88 -17.18
CA THR D 242 13.17 -5.67 -17.88
C THR D 242 13.84 -4.42 -17.31
N THR D 243 14.04 -4.37 -15.98
CA THR D 243 14.75 -3.26 -15.37
C THR D 243 16.19 -3.20 -15.86
N PHE D 244 16.86 -4.34 -15.89
CA PHE D 244 18.23 -4.41 -16.41
C PHE D 244 18.29 -3.91 -17.85
N ALA D 245 17.34 -4.35 -18.68
CA ALA D 245 17.33 -3.94 -20.08
C ALA D 245 17.15 -2.43 -20.20
N ASP D 246 16.25 -1.85 -19.40
CA ASP D 246 16.06 -0.41 -19.46
C ASP D 246 17.31 0.34 -19.02
N VAL D 247 17.95 -0.13 -17.95
CA VAL D 247 19.12 0.58 -17.43
C VAL D 247 20.27 0.50 -18.43
N THR D 248 20.63 -0.71 -18.84
CA THR D 248 21.80 -0.91 -19.68
C THR D 248 21.49 -0.87 -21.17
N GLN D 249 20.22 -0.92 -21.56
CA GLN D 249 19.88 -1.06 -22.97
C GLN D 249 20.57 -2.31 -23.54
N ARG D 250 20.78 -3.35 -22.69
CA ARG D 250 21.35 -4.66 -23.11
C ARG D 250 20.18 -5.65 -23.06
N LYS D 251 19.79 -6.26 -24.18
CA LYS D 251 18.62 -7.15 -24.27
C LYS D 251 18.71 -8.23 -23.20
N ALA D 252 17.62 -8.45 -22.46
CA ALA D 252 17.59 -9.48 -21.42
C ALA D 252 16.20 -10.11 -21.34
N ARG D 253 16.15 -11.33 -20.84
CA ARG D 253 14.87 -12.05 -20.77
C ARG D 253 14.92 -13.09 -19.66
N TYR D 254 13.75 -13.51 -19.22
CA TYR D 254 13.58 -14.51 -18.17
C TYR D 254 12.83 -15.72 -18.72
N ILE D 255 13.46 -16.88 -18.62
CA ILE D 255 12.88 -18.15 -19.03
C ILE D 255 12.83 -19.07 -17.81
N PRO D 256 11.67 -19.23 -17.19
CA PRO D 256 11.60 -20.00 -15.94
C PRO D 256 11.88 -21.49 -16.14
N TYR D 257 12.44 -22.11 -15.09
CA TYR D 257 12.50 -23.57 -14.97
C TYR D 257 11.20 -24.03 -14.33
N TYR D 258 10.19 -24.29 -15.18
CA TYR D 258 8.87 -24.63 -14.64
C TYR D 258 8.85 -25.99 -13.95
N ASP D 259 9.59 -26.97 -14.47
CA ASP D 259 9.62 -28.32 -13.90
C ASP D 259 10.94 -28.56 -13.17
N LEU D 260 10.93 -28.62 -11.84
CA LEU D 260 12.17 -28.87 -11.01
C LEU D 260 12.65 -30.30 -11.33
N ASP D 261 11.80 -31.18 -11.87
CA ASP D 261 12.16 -32.58 -12.24
C ASP D 261 12.98 -32.58 -13.55
N ASP D 262 12.69 -31.68 -14.51
CA ASP D 262 13.33 -31.66 -15.87
C ASP D 262 14.38 -30.54 -15.98
N PRO D 264 18.29 -28.98 -16.24
CA PRO D 264 19.57 -29.50 -16.74
C PRO D 264 20.70 -29.31 -15.74
N PRO D 268 24.39 -31.32 -16.09
CA PRO D 268 24.90 -30.11 -16.75
C PRO D 268 24.97 -28.90 -15.80
N TYR D 269 24.03 -28.83 -14.86
CA TYR D 269 23.89 -27.73 -13.90
C TYR D 269 23.50 -28.40 -12.57
N LEU D 270 24.53 -28.84 -11.84
CA LEU D 270 24.41 -29.65 -10.63
C LEU D 270 24.13 -28.88 -9.35
N GLN D 271 23.59 -27.66 -9.38
CA GLN D 271 23.32 -26.97 -8.13
C GLN D 271 22.14 -27.63 -7.43
N GLU D 272 22.41 -28.31 -6.32
CA GLU D 272 21.35 -28.96 -5.54
C GLU D 272 20.61 -28.01 -4.61
N SER D 273 20.24 -26.84 -5.10
CA SER D 273 19.34 -25.92 -4.43
C SER D 273 17.89 -26.24 -4.75
N ARG D 274 17.65 -27.36 -5.42
CA ARG D 274 16.29 -27.76 -5.79
C ARG D 274 15.35 -27.85 -4.60
N GLN D 275 15.78 -28.47 -3.50
CA GLN D 275 14.86 -28.61 -2.37
C GLN D 275 14.47 -27.25 -1.82
N VAL D 276 15.39 -26.29 -1.81
CA VAL D 276 15.07 -24.93 -1.38
C VAL D 276 14.02 -24.32 -2.29
N PHE D 277 14.21 -24.45 -3.60
CA PHE D 277 13.26 -23.87 -4.56
C PHE D 277 11.87 -24.49 -4.39
N ALA D 278 11.83 -25.82 -4.21
CA ALA D 278 10.54 -26.51 -4.02
C ALA D 278 9.87 -26.05 -2.73
N PHE D 279 10.64 -25.89 -1.66
CA PHE D 279 10.07 -25.40 -0.40
C PHE D 279 9.49 -24.01 -0.58
N TYR D 280 10.22 -23.15 -1.30
CA TYR D 280 9.71 -21.80 -1.55
C TYR D 280 8.39 -21.86 -2.30
N GLN D 281 8.33 -22.68 -3.36
CA GLN D 281 7.08 -22.81 -4.10
C GLN D 281 5.96 -23.34 -3.21
N ARG D 283 5.54 -22.71 -0.27
CA ARG D 283 5.12 -21.61 0.57
C ARG D 283 4.52 -20.45 -0.22
N ASP D 284 4.17 -20.66 -1.48
CA ASP D 284 3.62 -19.61 -2.33
C ASP D 284 4.54 -18.39 -2.38
N GLY D 285 5.84 -18.64 -2.31
CA GLY D 285 6.84 -17.60 -2.39
C GLY D 285 7.20 -16.93 -1.08
N GLU D 286 6.57 -17.30 0.03
CA GLU D 286 6.89 -16.73 1.35
C GLU D 286 8.17 -17.38 1.89
N LEU D 287 9.29 -16.99 1.28
CA LEU D 287 10.54 -17.69 1.58
C LEU D 287 11.02 -17.47 3.01
N PHE D 288 10.49 -16.47 3.72
CA PHE D 288 10.96 -16.22 5.08
C PHE D 288 10.21 -17.02 6.13
N GLY D 289 9.01 -17.51 5.80
CA GLY D 289 8.30 -18.46 6.63
C GLY D 289 7.50 -17.89 7.78
N ASN D 290 7.80 -16.67 8.20
CA ASN D 290 7.14 -16.09 9.37
C ASN D 290 5.92 -15.27 9.01
N GLY D 291 5.84 -14.80 7.77
CA GLY D 291 4.77 -13.92 7.35
C GLY D 291 5.08 -13.40 5.96
N ILE D 292 4.27 -12.45 5.51
CA ILE D 292 4.45 -11.93 4.16
C ILE D 292 5.81 -11.26 4.03
N THR D 293 6.36 -11.28 2.82
CA THR D 293 7.58 -10.55 2.53
C THR D 293 7.29 -9.06 2.42
N GLU D 294 8.02 -8.26 3.21
CA GLU D 294 7.82 -6.82 3.24
C GLU D 294 9.15 -6.13 3.49
N LYS D 295 9.34 -4.98 2.84
CA LYS D 295 10.53 -4.18 3.04
C LYS D 295 10.28 -2.92 3.84
N ARG D 296 9.06 -2.72 4.36
CA ARG D 296 8.78 -1.54 5.17
C ARG D 296 9.69 -1.49 6.39
N THR D 297 9.80 -2.62 7.09
CA THR D 297 10.65 -2.67 8.28
C THR D 297 12.10 -2.37 7.93
N ALA D 298 12.60 -2.92 6.82
CA ALA D 298 13.96 -2.64 6.39
C ALA D 298 14.15 -1.16 6.12
N SER D 299 13.18 -0.53 5.44
CA SER D 299 13.28 0.90 5.17
C SER D 299 13.34 1.70 6.46
N LEU D 300 12.48 1.37 7.42
CA LEU D 300 12.50 2.06 8.71
C LEU D 300 13.87 1.93 9.38
N LEU D 301 14.40 0.71 9.44
CA LEU D 301 15.68 0.50 10.12
C LEU D 301 16.80 1.23 9.38
N LYS D 302 16.78 1.23 8.05
CA LYS D 302 17.80 1.94 7.29
C LYS D 302 17.77 3.43 7.60
N ALA D 303 16.57 4.02 7.61
CA ALA D 303 16.47 5.45 7.95
C ALA D 303 16.97 5.71 9.37
N ALA D 304 16.65 4.80 10.30
CA ALA D 304 17.08 4.98 11.67
C ALA D 304 18.59 4.97 11.79
N ALA D 305 19.25 4.04 11.08
CA ALA D 305 20.72 4.03 11.06
C ALA D 305 21.26 5.32 10.43
N PHE D 306 20.64 5.77 9.34
CA PHE D 306 21.07 7.01 8.63
C PHE D 306 21.13 8.09 9.72
N GLN D 307 20.06 8.28 10.48
CA GLN D 307 19.95 9.37 11.51
C GLN D 307 20.89 9.11 12.70
N ALA D 308 21.08 7.86 13.10
CA ALA D 308 21.95 7.50 14.26
C ALA D 308 23.40 7.74 13.84
N LYS D 309 23.70 7.55 12.55
CA LYS D 309 25.06 7.76 12.05
C LYS D 309 25.37 9.23 11.78
N GLY D 310 24.40 10.12 11.98
CA GLY D 310 24.60 11.53 11.71
C GLY D 310 24.25 11.96 10.30
N GLN D 311 23.18 11.39 9.74
CA GLN D 311 22.77 11.67 8.37
C GLN D 311 23.93 11.42 7.42
N LYS D 312 24.65 10.33 7.70
CA LYS D 312 25.83 9.91 6.95
C LYS D 312 25.42 8.73 6.08
N GLY D 313 25.78 8.77 4.79
CA GLY D 313 25.38 7.69 3.91
C GLY D 313 24.03 7.94 3.28
N ARG D 314 23.41 6.83 2.89
CA ARG D 314 22.10 6.86 2.22
C ARG D 314 20.99 6.62 3.22
N GLU D 315 19.87 7.31 3.02
CA GLU D 315 18.70 7.15 3.87
C GLU D 315 17.78 6.04 3.39
N THR D 316 17.95 5.57 2.16
CA THR D 316 17.09 4.59 1.54
C THR D 316 17.91 3.40 1.09
N LEU D 317 17.25 2.25 0.98
CA LEU D 317 17.91 1.04 0.54
C LEU D 317 18.19 1.09 -0.97
N ILE D 318 19.19 0.33 -1.38
CA ILE D 318 19.57 0.27 -2.79
C ILE D 318 18.56 -0.63 -3.51
N THR D 319 17.91 -0.09 -4.53
CA THR D 319 17.00 -0.89 -5.33
C THR D 319 17.77 -1.65 -6.40
N ALA D 320 17.09 -2.61 -7.03
CA ALA D 320 17.72 -3.36 -8.12
C ALA D 320 18.12 -2.42 -9.25
N ARG D 321 17.25 -1.46 -9.59
CA ARG D 321 17.59 -0.53 -10.66
C ARG D 321 18.87 0.23 -10.35
N GLU D 322 18.98 0.76 -9.13
CA GLU D 322 20.17 1.52 -8.76
C GLU D 322 21.41 0.63 -8.75
N TRP D 323 21.28 -0.61 -8.27
CA TRP D 323 22.42 -1.51 -8.27
C TRP D 323 22.92 -1.74 -9.69
N PHE D 324 21.99 -1.96 -10.62
CA PHE D 324 22.38 -2.11 -12.02
C PHE D 324 23.02 -0.84 -12.55
N GLU D 325 22.49 0.32 -12.16
CA GLU D 325 23.08 1.57 -12.63
C GLU D 325 24.51 1.72 -12.15
N ARG D 326 24.77 1.37 -10.89
CA ARG D 326 26.08 1.61 -10.33
C ARG D 326 27.10 0.53 -10.66
N HIS D 327 26.66 -0.67 -11.07
CA HIS D 327 27.59 -1.76 -11.29
C HIS D 327 27.55 -2.35 -12.69
N CYS D 328 26.65 -1.86 -13.56
CA CYS D 328 26.55 -2.34 -14.93
C CYS D 328 26.51 -1.12 -15.87
#